data_4MRD
# 
_entry.id   4MRD 
# 
_audit_conform.dict_name       mmcif_pdbx.dic 
_audit_conform.dict_version    5.397 
_audit_conform.dict_location   http://mmcif.pdb.org/dictionaries/ascii/mmcif_pdbx.dic 
# 
loop_
_database_2.database_id 
_database_2.database_code 
_database_2.pdbx_database_accession 
_database_2.pdbx_DOI 
PDB   4MRD         pdb_00004mrd 10.2210/pdb4mrd/pdb 
RCSB  RCSB082270   ?            ?                   
WWPDB D_1000082270 ?            ?                   
# 
loop_
_pdbx_audit_revision_history.ordinal 
_pdbx_audit_revision_history.data_content_type 
_pdbx_audit_revision_history.major_revision 
_pdbx_audit_revision_history.minor_revision 
_pdbx_audit_revision_history.revision_date 
1 'Structure model' 1 0 2014-04-16 
2 'Structure model' 1 1 2015-01-28 
3 'Structure model' 2 0 2020-07-29 
4 'Structure model' 2 1 2024-10-16 
# 
loop_
_pdbx_audit_revision_details.ordinal 
_pdbx_audit_revision_details.revision_ordinal 
_pdbx_audit_revision_details.data_content_type 
_pdbx_audit_revision_details.provider 
_pdbx_audit_revision_details.type 
_pdbx_audit_revision_details.description 
_pdbx_audit_revision_details.details 
1 1 'Structure model' repository 'Initial release' ?                          ? 
2 3 'Structure model' repository Remediation       'Carbohydrate remediation' ? 
# 
loop_
_pdbx_audit_revision_group.ordinal 
_pdbx_audit_revision_group.revision_ordinal 
_pdbx_audit_revision_group.data_content_type 
_pdbx_audit_revision_group.group 
1 2 'Structure model' 'Derived calculations' 
2 3 'Structure model' Advisory               
3 3 'Structure model' 'Atomic model'         
4 3 'Structure model' 'Data collection'      
5 3 'Structure model' 'Derived calculations' 
6 3 'Structure model' 'Structure summary'    
7 4 'Structure model' 'Data collection'      
8 4 'Structure model' 'Database references'  
9 4 'Structure model' 'Structure summary'    
# 
loop_
_pdbx_audit_revision_category.ordinal 
_pdbx_audit_revision_category.revision_ordinal 
_pdbx_audit_revision_category.data_content_type 
_pdbx_audit_revision_category.category 
1  3 'Structure model' atom_site                     
2  3 'Structure model' chem_comp                     
3  3 'Structure model' entity                        
4  3 'Structure model' pdbx_branch_scheme            
5  3 'Structure model' pdbx_chem_comp_identifier     
6  3 'Structure model' pdbx_entity_branch            
7  3 'Structure model' pdbx_entity_branch_descriptor 
8  3 'Structure model' pdbx_entity_branch_link       
9  3 'Structure model' pdbx_entity_branch_list       
10 3 'Structure model' pdbx_entity_nonpoly           
11 3 'Structure model' pdbx_nonpoly_scheme           
12 3 'Structure model' pdbx_struct_assembly_gen      
13 3 'Structure model' pdbx_unobs_or_zero_occ_atoms  
14 3 'Structure model' struct_asym                   
15 3 'Structure model' struct_conn                   
16 3 'Structure model' struct_site                   
17 3 'Structure model' struct_site_gen               
18 4 'Structure model' chem_comp                     
19 4 'Structure model' chem_comp_atom                
20 4 'Structure model' chem_comp_bond                
21 4 'Structure model' database_2                    
22 4 'Structure model' pdbx_entry_details            
23 4 'Structure model' pdbx_modification_feature     
# 
loop_
_pdbx_audit_revision_item.ordinal 
_pdbx_audit_revision_item.revision_ordinal 
_pdbx_audit_revision_item.data_content_type 
_pdbx_audit_revision_item.item 
1  3 'Structure model' '_atom_site.B_iso_or_equiv'                  
2  3 'Structure model' '_atom_site.Cartn_x'                         
3  3 'Structure model' '_atom_site.Cartn_y'                         
4  3 'Structure model' '_atom_site.Cartn_z'                         
5  3 'Structure model' '_atom_site.auth_asym_id'                    
6  3 'Structure model' '_atom_site.auth_atom_id'                    
7  3 'Structure model' '_atom_site.auth_comp_id'                    
8  3 'Structure model' '_atom_site.auth_seq_id'                     
9  3 'Structure model' '_atom_site.label_asym_id'                   
10 3 'Structure model' '_atom_site.label_atom_id'                   
11 3 'Structure model' '_atom_site.label_comp_id'                   
12 3 'Structure model' '_atom_site.label_entity_id'                 
13 3 'Structure model' '_atom_site.type_symbol'                     
14 3 'Structure model' '_chem_comp.name'                            
15 3 'Structure model' '_chem_comp.type'                            
16 3 'Structure model' '_pdbx_struct_assembly_gen.asym_id_list'     
17 3 'Structure model' '_pdbx_unobs_or_zero_occ_atoms.auth_asym_id' 
18 3 'Structure model' '_pdbx_unobs_or_zero_occ_atoms.auth_seq_id'  
19 3 'Structure model' '_pdbx_unobs_or_zero_occ_atoms.label_seq_id' 
20 3 'Structure model' '_struct_conn.pdbx_dist_value'               
21 3 'Structure model' '_struct_conn.pdbx_leaving_atom_flag'        
22 3 'Structure model' '_struct_conn.ptnr1_auth_asym_id'            
23 3 'Structure model' '_struct_conn.ptnr1_auth_comp_id'            
24 3 'Structure model' '_struct_conn.ptnr1_auth_seq_id'             
25 3 'Structure model' '_struct_conn.ptnr1_label_asym_id'           
26 3 'Structure model' '_struct_conn.ptnr1_label_atom_id'           
27 3 'Structure model' '_struct_conn.ptnr1_label_comp_id'           
28 3 'Structure model' '_struct_conn.ptnr2_auth_asym_id'            
29 3 'Structure model' '_struct_conn.ptnr2_auth_comp_id'            
30 3 'Structure model' '_struct_conn.ptnr2_auth_seq_id'             
31 3 'Structure model' '_struct_conn.ptnr2_label_asym_id'           
32 3 'Structure model' '_struct_conn.ptnr2_label_atom_id'           
33 3 'Structure model' '_struct_conn.ptnr2_label_comp_id'           
34 4 'Structure model' '_chem_comp.pdbx_synonyms'                   
35 4 'Structure model' '_database_2.pdbx_DOI'                       
36 4 'Structure model' '_database_2.pdbx_database_accession'        
# 
_pdbx_database_status.entry_id                        4MRD 
_pdbx_database_status.status_code                     REL 
_pdbx_database_status.deposit_site                    RCSB 
_pdbx_database_status.process_site                    RCSB 
_pdbx_database_status.recvd_initial_deposition_date   2013-09-17 
_pdbx_database_status.status_code_sf                  REL 
_pdbx_database_status.status_code_mr                  ? 
_pdbx_database_status.SG_entry                        ? 
_pdbx_database_status.status_code_cs                  ? 
_pdbx_database_status.methods_development_category    ? 
_pdbx_database_status.pdb_format_compatible           Y 
_pdbx_database_status.status_code_nmr_data            ? 
# 
loop_
_pdbx_database_related.db_name 
_pdbx_database_related.db_id 
_pdbx_database_related.details 
_pdbx_database_related.content_type 
PDB 4MRE . unspecified 
PDB 4MRF . unspecified 
PDB 4MRG . unspecified 
PDB 4MRH . unspecified 
PDB 4NP3 . unspecified 
PDB 4NP2 . unspecified 
# 
loop_
_audit_author.name 
_audit_author.pdbx_ordinal 
'Liu, L.K.'  1 
'Finzel, B.' 2 
# 
loop_
_citation.id 
_citation.title 
_citation.journal_abbrev 
_citation.journal_volume 
_citation.page_first 
_citation.page_last 
_citation.year 
_citation.journal_id_ASTM 
_citation.country 
_citation.journal_id_ISSN 
_citation.journal_id_CSD 
_citation.book_publisher 
_citation.pdbx_database_id_PubMed 
_citation.pdbx_database_id_DOI 
primary 
;Fragment-Based Identification of an Inducible Binding Site on Cell Surface Receptor CD44 for the Design of Protein-Carbohydrate Interaction Inhibitors.
;
J.Med.Chem.          57 2714 2725 2014 JMCMAR US 0022-2623 0151 ? 24606063 10.1021/jm5000276 
1       'Structures of the Cd44-hyaluronan complex provide insight into a fundamental carbohydrate-protein interaction.' 
Nat.Struct.Mol.Biol. 14 234  239  2007 ?      US 1545-9993 ?    ? 17293874 10.1038/nsmb1201  
# 
loop_
_citation_author.citation_id 
_citation_author.name 
_citation_author.ordinal 
_citation_author.identifier_ORCID 
primary 'Liu, L.K.'      1 ? 
primary 'Finzel, B.C.'   2 ? 
1       'Banerji, S.'    3 ? 
1       'Wright, A.J.'   4 ? 
1       'Noble, M.'      5 ? 
1       'Mahoney, D.J.'  6 ? 
1       'Campbell, I.D.' 7 ? 
1       'Day, A.J.'      8 ? 
1       'Jackson, D.G.'  9 ? 
# 
loop_
_entity.id 
_entity.type 
_entity.src_method 
_entity.pdbx_description 
_entity.formula_weight 
_entity.pdbx_number_of_molecules 
_entity.pdbx_ec 
_entity.pdbx_mutation 
_entity.pdbx_fragment 
_entity.details 
1 polymer     man 'CD44 antigen' 16610.502 1  ? ? 'HYALURONAN BINDING DOMAIN, RESIDUES 23-171' ? 
2 branched    man 
;beta-D-glucopyranuronic acid-(1-3)-2-acetamido-2-deoxy-beta-D-glucopyranose-(1-4)-beta-D-glucopyranuronic acid-(1-3)-2-acetamido-2-deoxy-beta-D-glucopyranose
;
776.648   1  ? ? ?                                            ? 
3 non-polymer syn 'SULFATE ION' 96.063    1  ? ? ?                                            ? 
4 water       nat water 18.015    10 ? ? ?                                            ? 
# 
_entity_name_com.entity_id   1 
_entity_name_com.name        
;Extracellular matrix receptor III, ECMR-III, GP90 lymphocyte homing/adhesion receptor, HUTCH-I, Hermes antigen, Hyaluronate receptor, Lymphocyte antigen 24, Ly-24, Phagocytic glycoprotein 1, PGP-1, Phagocytic glycoprotein I, PGP-I
;
# 
_entity_poly.entity_id                      1 
_entity_poly.type                           'polypeptide(L)' 
_entity_poly.nstd_linkage                   no 
_entity_poly.nstd_monomer                   no 
_entity_poly.pdbx_seq_one_letter_code       
;QIDLNVTCRYAGVFHVEKNGRYSISRTEAADLCQAFNSTLPTMDQMKLALSKGFETCRYGFIEGNVVIPRIHPNAICAAN
HTGVYILVTSNTSHYDTYCFNASAPPEEDCTSVTDLPNSFDGPVTITIVNRDGTRYSKKGEYRTHQEDI
;
_entity_poly.pdbx_seq_one_letter_code_can   
;QIDLNVTCRYAGVFHVEKNGRYSISRTEAADLCQAFNSTLPTMDQMKLALSKGFETCRYGFIEGNVVIPRIHPNAICAAN
HTGVYILVTSNTSHYDTYCFNASAPPEEDCTSVTDLPNSFDGPVTITIVNRDGTRYSKKGEYRTHQEDI
;
_entity_poly.pdbx_strand_id                 A 
_entity_poly.pdbx_target_identifier         ? 
# 
loop_
_pdbx_entity_nonpoly.entity_id 
_pdbx_entity_nonpoly.name 
_pdbx_entity_nonpoly.comp_id 
3 'SULFATE ION' SO4 
4 water         HOH 
# 
loop_
_entity_poly_seq.entity_id 
_entity_poly_seq.num 
_entity_poly_seq.mon_id 
_entity_poly_seq.hetero 
1 1   GLN n 
1 2   ILE n 
1 3   ASP n 
1 4   LEU n 
1 5   ASN n 
1 6   VAL n 
1 7   THR n 
1 8   CYS n 
1 9   ARG n 
1 10  TYR n 
1 11  ALA n 
1 12  GLY n 
1 13  VAL n 
1 14  PHE n 
1 15  HIS n 
1 16  VAL n 
1 17  GLU n 
1 18  LYS n 
1 19  ASN n 
1 20  GLY n 
1 21  ARG n 
1 22  TYR n 
1 23  SER n 
1 24  ILE n 
1 25  SER n 
1 26  ARG n 
1 27  THR n 
1 28  GLU n 
1 29  ALA n 
1 30  ALA n 
1 31  ASP n 
1 32  LEU n 
1 33  CYS n 
1 34  GLN n 
1 35  ALA n 
1 36  PHE n 
1 37  ASN n 
1 38  SER n 
1 39  THR n 
1 40  LEU n 
1 41  PRO n 
1 42  THR n 
1 43  MET n 
1 44  ASP n 
1 45  GLN n 
1 46  MET n 
1 47  LYS n 
1 48  LEU n 
1 49  ALA n 
1 50  LEU n 
1 51  SER n 
1 52  LYS n 
1 53  GLY n 
1 54  PHE n 
1 55  GLU n 
1 56  THR n 
1 57  CYS n 
1 58  ARG n 
1 59  TYR n 
1 60  GLY n 
1 61  PHE n 
1 62  ILE n 
1 63  GLU n 
1 64  GLY n 
1 65  ASN n 
1 66  VAL n 
1 67  VAL n 
1 68  ILE n 
1 69  PRO n 
1 70  ARG n 
1 71  ILE n 
1 72  HIS n 
1 73  PRO n 
1 74  ASN n 
1 75  ALA n 
1 76  ILE n 
1 77  CYS n 
1 78  ALA n 
1 79  ALA n 
1 80  ASN n 
1 81  HIS n 
1 82  THR n 
1 83  GLY n 
1 84  VAL n 
1 85  TYR n 
1 86  ILE n 
1 87  LEU n 
1 88  VAL n 
1 89  THR n 
1 90  SER n 
1 91  ASN n 
1 92  THR n 
1 93  SER n 
1 94  HIS n 
1 95  TYR n 
1 96  ASP n 
1 97  THR n 
1 98  TYR n 
1 99  CYS n 
1 100 PHE n 
1 101 ASN n 
1 102 ALA n 
1 103 SER n 
1 104 ALA n 
1 105 PRO n 
1 106 PRO n 
1 107 GLU n 
1 108 GLU n 
1 109 ASP n 
1 110 CYS n 
1 111 THR n 
1 112 SER n 
1 113 VAL n 
1 114 THR n 
1 115 ASP n 
1 116 LEU n 
1 117 PRO n 
1 118 ASN n 
1 119 SER n 
1 120 PHE n 
1 121 ASP n 
1 122 GLY n 
1 123 PRO n 
1 124 VAL n 
1 125 THR n 
1 126 ILE n 
1 127 THR n 
1 128 ILE n 
1 129 VAL n 
1 130 ASN n 
1 131 ARG n 
1 132 ASP n 
1 133 GLY n 
1 134 THR n 
1 135 ARG n 
1 136 TYR n 
1 137 SER n 
1 138 LYS n 
1 139 LYS n 
1 140 GLY n 
1 141 GLU n 
1 142 TYR n 
1 143 ARG n 
1 144 THR n 
1 145 HIS n 
1 146 GLN n 
1 147 GLU n 
1 148 ASP n 
1 149 ILE n 
# 
_entity_src_gen.entity_id                          1 
_entity_src_gen.pdbx_src_id                        1 
_entity_src_gen.pdbx_alt_source_flag               sample 
_entity_src_gen.pdbx_seq_type                      ? 
_entity_src_gen.pdbx_beg_seq_num                   ? 
_entity_src_gen.pdbx_end_seq_num                   ? 
_entity_src_gen.gene_src_common_name               mouse 
_entity_src_gen.gene_src_genus                     ? 
_entity_src_gen.pdbx_gene_src_gene                 'Cd44, Cd44 Ly-24, Ly-24' 
_entity_src_gen.gene_src_species                   ? 
_entity_src_gen.gene_src_strain                    ? 
_entity_src_gen.gene_src_tissue                    ? 
_entity_src_gen.gene_src_tissue_fraction           ? 
_entity_src_gen.gene_src_details                   ? 
_entity_src_gen.pdbx_gene_src_fragment             ? 
_entity_src_gen.pdbx_gene_src_scientific_name      'Mus musculus' 
_entity_src_gen.pdbx_gene_src_ncbi_taxonomy_id     10090 
_entity_src_gen.pdbx_gene_src_variant              ? 
_entity_src_gen.pdbx_gene_src_cell_line            ? 
_entity_src_gen.pdbx_gene_src_atcc                 ? 
_entity_src_gen.pdbx_gene_src_organ                ? 
_entity_src_gen.pdbx_gene_src_organelle            ? 
_entity_src_gen.pdbx_gene_src_cell                 ? 
_entity_src_gen.pdbx_gene_src_cellular_location    ? 
_entity_src_gen.host_org_common_name               ? 
_entity_src_gen.pdbx_host_org_scientific_name      'Escherichia coli' 
_entity_src_gen.pdbx_host_org_ncbi_taxonomy_id     469008 
_entity_src_gen.host_org_genus                     ? 
_entity_src_gen.pdbx_host_org_gene                 ? 
_entity_src_gen.pdbx_host_org_organ                ? 
_entity_src_gen.host_org_species                   ? 
_entity_src_gen.pdbx_host_org_tissue               ? 
_entity_src_gen.pdbx_host_org_tissue_fraction      ? 
_entity_src_gen.pdbx_host_org_strain               'BL21(DE3)' 
_entity_src_gen.pdbx_host_org_variant              ? 
_entity_src_gen.pdbx_host_org_cell_line            ? 
_entity_src_gen.pdbx_host_org_atcc                 ? 
_entity_src_gen.pdbx_host_org_culture_collection   ? 
_entity_src_gen.pdbx_host_org_cell                 ? 
_entity_src_gen.pdbx_host_org_organelle            ? 
_entity_src_gen.pdbx_host_org_cellular_location    ? 
_entity_src_gen.pdbx_host_org_vector_type          plasmid 
_entity_src_gen.pdbx_host_org_vector               ? 
_entity_src_gen.host_org_details                   ? 
_entity_src_gen.expression_system_id               ? 
_entity_src_gen.plasmid_name                       pMCSG7 
_entity_src_gen.plasmid_details                    ? 
_entity_src_gen.pdbx_description                   ? 
# 
_pdbx_entity_branch.entity_id   2 
_pdbx_entity_branch.type        oligosaccharide 
# 
loop_
_pdbx_entity_branch_descriptor.ordinal 
_pdbx_entity_branch_descriptor.entity_id 
_pdbx_entity_branch_descriptor.descriptor 
_pdbx_entity_branch_descriptor.type 
_pdbx_entity_branch_descriptor.program 
_pdbx_entity_branch_descriptor.program_version 
1 2 DGlcpAb1-3DGlcpNAcb1-4DGlcpAb1-3DGlcpNAcb1-ROH                                          'Glycam Condensed Sequence' GMML       
1.0   
2 2 'WURCS=2.0/2,4,3/[a2122h-1b_1-5_2*NCC/3=O][a2122A-1b_1-5]/1-2-1-2/a3-b1_b4-c1_c3-d1'    WURCS                       PDB2Glycan 
1.1.0 
3 2 '[][D-1-deoxy-GlcpNAc]{[(3+1)][b-D-GlcpA]{[(4+1)][b-D-GlcpNAc]{[(3+1)][b-D-GlcpA]{}}}}' LINUCS                      PDB-CARE   
?     
# 
loop_
_pdbx_entity_branch_link.link_id 
_pdbx_entity_branch_link.entity_id 
_pdbx_entity_branch_link.entity_branch_list_num_1 
_pdbx_entity_branch_link.comp_id_1 
_pdbx_entity_branch_link.atom_id_1 
_pdbx_entity_branch_link.leaving_atom_id_1 
_pdbx_entity_branch_link.entity_branch_list_num_2 
_pdbx_entity_branch_link.comp_id_2 
_pdbx_entity_branch_link.atom_id_2 
_pdbx_entity_branch_link.leaving_atom_id_2 
_pdbx_entity_branch_link.value_order 
_pdbx_entity_branch_link.details 
1 2 2 BDP C1 O1 1 NAG O3 HO3 sing ? 
2 2 3 NAG C1 O1 2 BDP O4 HO4 sing ? 
3 2 4 BDP C1 O1 3 NAG O3 HO3 sing ? 
# 
loop_
_chem_comp.id 
_chem_comp.type 
_chem_comp.mon_nstd_flag 
_chem_comp.name 
_chem_comp.pdbx_synonyms 
_chem_comp.formula 
_chem_comp.formula_weight 
ALA 'L-peptide linking'          y ALANINE                                  ? 'C3 H7 N O2'     89.093  
ARG 'L-peptide linking'          y ARGININE                                 ? 'C6 H15 N4 O2 1' 175.209 
ASN 'L-peptide linking'          y ASPARAGINE                               ? 'C4 H8 N2 O3'    132.118 
ASP 'L-peptide linking'          y 'ASPARTIC ACID'                          ? 'C4 H7 N O4'     133.103 
BDP 'D-saccharide, beta linking' . 'beta-D-glucopyranuronic acid'           
'beta-D-glucuronic acid; D-glucuronic acid; glucuronic acid' 'C6 H10 O7'      194.139 
CYS 'L-peptide linking'          y CYSTEINE                                 ? 'C3 H7 N O2 S'   121.158 
GLN 'L-peptide linking'          y GLUTAMINE                                ? 'C5 H10 N2 O3'   146.144 
GLU 'L-peptide linking'          y 'GLUTAMIC ACID'                          ? 'C5 H9 N O4'     147.129 
GLY 'peptide linking'            y GLYCINE                                  ? 'C2 H5 N O2'     75.067  
HIS 'L-peptide linking'          y HISTIDINE                                ? 'C6 H10 N3 O2 1' 156.162 
HOH non-polymer                  . WATER                                    ? 'H2 O'           18.015  
ILE 'L-peptide linking'          y ISOLEUCINE                               ? 'C6 H13 N O2'    131.173 
LEU 'L-peptide linking'          y LEUCINE                                  ? 'C6 H13 N O2'    131.173 
LYS 'L-peptide linking'          y LYSINE                                   ? 'C6 H15 N2 O2 1' 147.195 
MET 'L-peptide linking'          y METHIONINE                               ? 'C5 H11 N O2 S'  149.211 
NAG 'D-saccharide, beta linking' . 2-acetamido-2-deoxy-beta-D-glucopyranose 
;N-acetyl-beta-D-glucosamine; 2-acetamido-2-deoxy-beta-D-glucose; 2-acetamido-2-deoxy-D-glucose; 2-acetamido-2-deoxy-glucose; N-ACETYL-D-GLUCOSAMINE
;
'C8 H15 N O6'    221.208 
PHE 'L-peptide linking'          y PHENYLALANINE                            ? 'C9 H11 N O2'    165.189 
PRO 'L-peptide linking'          y PROLINE                                  ? 'C5 H9 N O2'     115.130 
SER 'L-peptide linking'          y SERINE                                   ? 'C3 H7 N O3'     105.093 
SO4 non-polymer                  . 'SULFATE ION'                            ? 'O4 S -2'        96.063  
THR 'L-peptide linking'          y THREONINE                                ? 'C4 H9 N O3'     119.119 
TYR 'L-peptide linking'          y TYROSINE                                 ? 'C9 H11 N O3'    181.189 
VAL 'L-peptide linking'          y VALINE                                   ? 'C5 H11 N O2'    117.146 
# 
loop_
_pdbx_chem_comp_identifier.comp_id 
_pdbx_chem_comp_identifier.type 
_pdbx_chem_comp_identifier.program 
_pdbx_chem_comp_identifier.program_version 
_pdbx_chem_comp_identifier.identifier 
BDP 'CONDENSED IUPAC CARBOHYDRATE SYMBOL' GMML     1.0 DGlcpAb                        
BDP 'COMMON NAME'                         GMML     1.0 'b-D-glucopyranuronic acid'    
BDP 'IUPAC CARBOHYDRATE SYMBOL'           PDB-CARE 1.0 b-D-GlcpA                      
BDP 'SNFG CARBOHYDRATE SYMBOL'            GMML     1.0 GlcA                           
NAG 'CONDENSED IUPAC CARBOHYDRATE SYMBOL' GMML     1.0 DGlcpNAcb                      
NAG 'COMMON NAME'                         GMML     1.0 N-acetyl-b-D-glucopyranosamine 
NAG 'IUPAC CARBOHYDRATE SYMBOL'           PDB-CARE 1.0 b-D-GlcpNAc                    
NAG 'SNFG CARBOHYDRATE SYMBOL'            GMML     1.0 GlcNAc                         
# 
loop_
_pdbx_poly_seq_scheme.asym_id 
_pdbx_poly_seq_scheme.entity_id 
_pdbx_poly_seq_scheme.seq_id 
_pdbx_poly_seq_scheme.mon_id 
_pdbx_poly_seq_scheme.ndb_seq_num 
_pdbx_poly_seq_scheme.pdb_seq_num 
_pdbx_poly_seq_scheme.auth_seq_num 
_pdbx_poly_seq_scheme.pdb_mon_id 
_pdbx_poly_seq_scheme.auth_mon_id 
_pdbx_poly_seq_scheme.pdb_strand_id 
_pdbx_poly_seq_scheme.pdb_ins_code 
_pdbx_poly_seq_scheme.hetero 
A 1 1   GLN 1   25  25  GLN GLN A . n 
A 1 2   ILE 2   26  26  ILE ILE A . n 
A 1 3   ASP 3   27  27  ASP ASP A . n 
A 1 4   LEU 4   28  28  LEU LEU A . n 
A 1 5   ASN 5   29  29  ASN ASN A . n 
A 1 6   VAL 6   30  30  VAL VAL A . n 
A 1 7   THR 7   31  31  THR THR A . n 
A 1 8   CYS 8   32  32  CYS CYS A . n 
A 1 9   ARG 9   33  33  ARG ARG A . n 
A 1 10  TYR 10  34  34  TYR TYR A . n 
A 1 11  ALA 11  35  35  ALA ALA A . n 
A 1 12  GLY 12  36  36  GLY GLY A . n 
A 1 13  VAL 13  37  37  VAL VAL A . n 
A 1 14  PHE 14  38  38  PHE PHE A . n 
A 1 15  HIS 15  39  39  HIS HIS A . n 
A 1 16  VAL 16  40  40  VAL VAL A . n 
A 1 17  GLU 17  41  41  GLU GLU A . n 
A 1 18  LYS 18  42  42  LYS LYS A . n 
A 1 19  ASN 19  43  43  ASN ASN A . n 
A 1 20  GLY 20  44  44  GLY GLY A . n 
A 1 21  ARG 21  45  45  ARG ARG A . n 
A 1 22  TYR 22  46  46  TYR TYR A . n 
A 1 23  SER 23  47  47  SER SER A . n 
A 1 24  ILE 24  48  48  ILE ILE A . n 
A 1 25  SER 25  49  49  SER SER A . n 
A 1 26  ARG 26  50  50  ARG ARG A . n 
A 1 27  THR 27  51  51  THR THR A . n 
A 1 28  GLU 28  52  52  GLU GLU A . n 
A 1 29  ALA 29  53  53  ALA ALA A . n 
A 1 30  ALA 30  54  54  ALA ALA A . n 
A 1 31  ASP 31  55  55  ASP ASP A . n 
A 1 32  LEU 32  56  56  LEU LEU A . n 
A 1 33  CYS 33  57  57  CYS CYS A . n 
A 1 34  GLN 34  58  58  GLN GLN A . n 
A 1 35  ALA 35  59  59  ALA ALA A . n 
A 1 36  PHE 36  60  60  PHE PHE A . n 
A 1 37  ASN 37  61  61  ASN ASN A . n 
A 1 38  SER 38  62  62  SER SER A . n 
A 1 39  THR 39  63  63  THR THR A . n 
A 1 40  LEU 40  64  64  LEU LEU A . n 
A 1 41  PRO 41  65  65  PRO PRO A . n 
A 1 42  THR 42  66  66  THR THR A . n 
A 1 43  MET 43  67  67  MET MET A . n 
A 1 44  ASP 44  68  68  ASP ASP A . n 
A 1 45  GLN 45  69  69  GLN GLN A . n 
A 1 46  MET 46  70  70  MET MET A . n 
A 1 47  LYS 47  71  71  LYS LYS A . n 
A 1 48  LEU 48  72  72  LEU LEU A . n 
A 1 49  ALA 49  73  73  ALA ALA A . n 
A 1 50  LEU 50  74  74  LEU LEU A . n 
A 1 51  SER 51  75  75  SER SER A . n 
A 1 52  LYS 52  76  76  LYS LYS A . n 
A 1 53  GLY 53  77  77  GLY GLY A . n 
A 1 54  PHE 54  78  78  PHE PHE A . n 
A 1 55  GLU 55  79  79  GLU GLU A . n 
A 1 56  THR 56  80  80  THR THR A . n 
A 1 57  CYS 57  81  81  CYS CYS A . n 
A 1 58  ARG 58  82  82  ARG ARG A . n 
A 1 59  TYR 59  83  83  TYR TYR A . n 
A 1 60  GLY 60  84  84  GLY GLY A . n 
A 1 61  PHE 61  85  85  PHE PHE A . n 
A 1 62  ILE 62  86  86  ILE ILE A . n 
A 1 63  GLU 63  87  87  GLU GLU A . n 
A 1 64  GLY 64  88  88  GLY GLY A . n 
A 1 65  ASN 65  89  89  ASN ASN A . n 
A 1 66  VAL 66  90  90  VAL VAL A . n 
A 1 67  VAL 67  91  91  VAL VAL A . n 
A 1 68  ILE 68  92  92  ILE ILE A . n 
A 1 69  PRO 69  93  93  PRO PRO A . n 
A 1 70  ARG 70  94  94  ARG ARG A . n 
A 1 71  ILE 71  95  95  ILE ILE A . n 
A 1 72  HIS 72  96  96  HIS HIS A . n 
A 1 73  PRO 73  97  97  PRO PRO A . n 
A 1 74  ASN 74  98  98  ASN ASN A . n 
A 1 75  ALA 75  99  99  ALA ALA A . n 
A 1 76  ILE 76  100 100 ILE ILE A . n 
A 1 77  CYS 77  101 101 CYS CYS A . n 
A 1 78  ALA 78  102 102 ALA ALA A . n 
A 1 79  ALA 79  103 103 ALA ALA A . n 
A 1 80  ASN 80  104 104 ASN ASN A . n 
A 1 81  HIS 81  105 105 HIS HIS A . n 
A 1 82  THR 82  106 106 THR THR A . n 
A 1 83  GLY 83  107 107 GLY GLY A . n 
A 1 84  VAL 84  108 108 VAL VAL A . n 
A 1 85  TYR 85  109 109 TYR TYR A . n 
A 1 86  ILE 86  110 110 ILE ILE A . n 
A 1 87  LEU 87  111 111 LEU LEU A . n 
A 1 88  VAL 88  112 112 VAL VAL A . n 
A 1 89  THR 89  113 113 THR THR A . n 
A 1 90  SER 90  114 114 SER SER A . n 
A 1 91  ASN 91  115 115 ASN ASN A . n 
A 1 92  THR 92  116 116 THR THR A . n 
A 1 93  SER 93  117 117 SER SER A . n 
A 1 94  HIS 94  118 118 HIS HIS A . n 
A 1 95  TYR 95  119 119 TYR TYR A . n 
A 1 96  ASP 96  120 120 ASP ASP A . n 
A 1 97  THR 97  121 121 THR THR A . n 
A 1 98  TYR 98  122 122 TYR TYR A . n 
A 1 99  CYS 99  123 123 CYS CYS A . n 
A 1 100 PHE 100 124 124 PHE PHE A . n 
A 1 101 ASN 101 125 125 ASN ASN A . n 
A 1 102 ALA 102 126 126 ALA ALA A . n 
A 1 103 SER 103 127 127 SER SER A . n 
A 1 104 ALA 104 128 128 ALA ALA A . n 
A 1 105 PRO 105 129 129 PRO PRO A . n 
A 1 106 PRO 106 130 130 PRO PRO A . n 
A 1 107 GLU 107 131 131 GLU GLU A . n 
A 1 108 GLU 108 132 132 GLU GLU A . n 
A 1 109 ASP 109 133 133 ASP ASP A . n 
A 1 110 CYS 110 134 134 CYS CYS A . n 
A 1 111 THR 111 135 135 THR THR A . n 
A 1 112 SER 112 136 136 SER SER A . n 
A 1 113 VAL 113 137 137 VAL VAL A . n 
A 1 114 THR 114 138 138 THR THR A . n 
A 1 115 ASP 115 139 139 ASP ASP A . n 
A 1 116 LEU 116 140 140 LEU LEU A . n 
A 1 117 PRO 117 141 141 PRO PRO A . n 
A 1 118 ASN 118 142 142 ASN ASN A . n 
A 1 119 SER 119 143 143 SER SER A . n 
A 1 120 PHE 120 144 144 PHE PHE A . n 
A 1 121 ASP 121 145 145 ASP ASP A . n 
A 1 122 GLY 122 146 146 GLY GLY A . n 
A 1 123 PRO 123 147 147 PRO PRO A . n 
A 1 124 VAL 124 148 148 VAL VAL A . n 
A 1 125 THR 125 149 149 THR THR A . n 
A 1 126 ILE 126 150 150 ILE ILE A . n 
A 1 127 THR 127 151 151 THR THR A . n 
A 1 128 ILE 128 152 152 ILE ILE A . n 
A 1 129 VAL 129 153 153 VAL VAL A . n 
A 1 130 ASN 130 154 154 ASN ASN A . n 
A 1 131 ARG 131 155 155 ARG ARG A . n 
A 1 132 ASP 132 156 156 ASP ASP A . n 
A 1 133 GLY 133 157 157 GLY GLY A . n 
A 1 134 THR 134 158 158 THR THR A . n 
A 1 135 ARG 135 159 159 ARG ARG A . n 
A 1 136 TYR 136 160 160 TYR TYR A . n 
A 1 137 SER 137 161 161 SER SER A . n 
A 1 138 LYS 138 162 162 LYS LYS A . n 
A 1 139 LYS 139 163 163 LYS LYS A . n 
A 1 140 GLY 140 164 164 GLY GLY A . n 
A 1 141 GLU 141 165 165 GLU GLU A . n 
A 1 142 TYR 142 166 166 TYR TYR A . n 
A 1 143 ARG 143 167 167 ARG ARG A . n 
A 1 144 THR 144 168 168 THR THR A . n 
A 1 145 HIS 145 169 169 HIS HIS A . n 
A 1 146 GLN 146 170 170 GLN GLN A . n 
A 1 147 GLU 147 171 171 GLU GLU A . n 
A 1 148 ASP 148 172 172 ASP ASP A . n 
A 1 149 ILE 149 173 173 ILE ILE A . n 
# 
loop_
_pdbx_branch_scheme.asym_id 
_pdbx_branch_scheme.entity_id 
_pdbx_branch_scheme.mon_id 
_pdbx_branch_scheme.num 
_pdbx_branch_scheme.pdb_asym_id 
_pdbx_branch_scheme.pdb_mon_id 
_pdbx_branch_scheme.pdb_seq_num 
_pdbx_branch_scheme.auth_asym_id 
_pdbx_branch_scheme.auth_mon_id 
_pdbx_branch_scheme.auth_seq_num 
_pdbx_branch_scheme.hetero 
B 2 NAG 1 B NAG 1 A NAG 204 n 
B 2 BDP 2 B BDP 2 A BDP 203 n 
B 2 NAG 3 B NAG 3 A NAG 202 n 
B 2 BDP 4 B BDP 4 A BDP 201 n 
# 
loop_
_pdbx_nonpoly_scheme.asym_id 
_pdbx_nonpoly_scheme.entity_id 
_pdbx_nonpoly_scheme.mon_id 
_pdbx_nonpoly_scheme.ndb_seq_num 
_pdbx_nonpoly_scheme.pdb_seq_num 
_pdbx_nonpoly_scheme.auth_seq_num 
_pdbx_nonpoly_scheme.pdb_mon_id 
_pdbx_nonpoly_scheme.auth_mon_id 
_pdbx_nonpoly_scheme.pdb_strand_id 
_pdbx_nonpoly_scheme.pdb_ins_code 
C 3 SO4 1  205 1  SO4 SO4 A . 
D 4 HOH 1  301 1  HOH HOH A . 
D 4 HOH 2  302 2  HOH HOH A . 
D 4 HOH 3  303 3  HOH HOH A . 
D 4 HOH 4  304 4  HOH HOH A . 
D 4 HOH 5  305 5  HOH HOH A . 
D 4 HOH 6  306 6  HOH HOH A . 
D 4 HOH 7  307 7  HOH HOH A . 
D 4 HOH 8  308 8  HOH HOH A . 
D 4 HOH 9  309 9  HOH HOH A . 
D 4 HOH 10 310 10 HOH HOH A . 
# 
_pdbx_unobs_or_zero_occ_atoms.id               1 
_pdbx_unobs_or_zero_occ_atoms.PDB_model_num    1 
_pdbx_unobs_or_zero_occ_atoms.polymer_flag     N 
_pdbx_unobs_or_zero_occ_atoms.occupancy_flag   1 
_pdbx_unobs_or_zero_occ_atoms.auth_asym_id     B 
_pdbx_unobs_or_zero_occ_atoms.auth_comp_id     NAG 
_pdbx_unobs_or_zero_occ_atoms.auth_seq_id      1 
_pdbx_unobs_or_zero_occ_atoms.PDB_ins_code     ? 
_pdbx_unobs_or_zero_occ_atoms.auth_atom_id     O1 
_pdbx_unobs_or_zero_occ_atoms.label_alt_id     ? 
_pdbx_unobs_or_zero_occ_atoms.label_asym_id    B 
_pdbx_unobs_or_zero_occ_atoms.label_comp_id    NAG 
_pdbx_unobs_or_zero_occ_atoms.label_seq_id     1 
_pdbx_unobs_or_zero_occ_atoms.label_atom_id    O1 
# 
loop_
_software.pdbx_ordinal 
_software.name 
_software.version 
_software.date 
_software.type 
_software.contact_author 
_software.contact_author_email 
_software.classification 
_software.location 
_software.language 
_software.citation_id 
1 XSCALE      .     ?                          package 'Wolfgang Kabsch'    ?                           'data scaling'    
http://www.mpimf-heidelberg.mpg.de/~kabsch/xds/html_doc/xscale_program.html ?          ? 
2 PHASER      2.1.4 'Wed Jun 16 18:01:28 2010' program 'Randy J. Read'      cimr-phaser@lists.cam.ac.uk phasing           
http://www-structmed.cimr.cam.ac.uk/phaser/                                 ?          ? 
3 REFMAC      .     ?                          program 'Garib N. Murshudov' garib@ysbl.york.ac.uk       refinement        
http://www.ccp4.ac.uk/dist/html/refmac5.html                                Fortran_77 ? 
4 PDB_EXTRACT 3.11  'April 22, 2011'           package PDB                  deposit@deposit.rcsb.org    'data extraction' 
http://sw-tools.pdb.org/apps/PDB_EXTRACT/                                   C++        ? 
5 Blu-Ice     .     ?                          ?       ?                    ?                           'data collection' ? ? ? 
6 XDS         .     ?                          ?       ?                    ?                           'data reduction'  ? ? ? 
# 
_cell.entry_id           4MRD 
_cell.length_a           30.620 
_cell.length_b           82.280 
_cell.length_c           32.520 
_cell.angle_alpha        90.00 
_cell.angle_beta         117.92 
_cell.angle_gamma        90.00 
_cell.Z_PDB              2 
_cell.pdbx_unique_axis   ? 
# 
_symmetry.entry_id                         4MRD 
_symmetry.space_group_name_H-M             'P 1 21 1' 
_symmetry.pdbx_full_space_group_name_H-M   ? 
_symmetry.cell_setting                     ? 
_symmetry.Int_Tables_number                4 
# 
_exptl.entry_id          4MRD 
_exptl.method            'X-RAY DIFFRACTION' 
_exptl.crystals_number   1 
# 
_exptl_crystal.id                    1 
_exptl_crystal.density_meas          ? 
_exptl_crystal.density_Matthews      2.18 
_exptl_crystal.density_percent_sol   43.56 
_exptl_crystal.description           ? 
_exptl_crystal.F_000                 ? 
_exptl_crystal.preparation           ? 
# 
_exptl_crystal_grow.crystal_id      1 
_exptl_crystal_grow.method          'VAPOR DIFFUSION, HANGING DROP' 
_exptl_crystal_grow.temp            298 
_exptl_crystal_grow.temp_details    ? 
_exptl_crystal_grow.pH              6.5 
_exptl_crystal_grow.pdbx_pH_range   ? 
_exptl_crystal_grow.pdbx_details    
'30% PEG MME 5000, 100 mM MES, 200mM (NH4)2SO4, pH 6.5, VAPOR DIFFUSION, HANGING DROP, temperature 298K' 
# 
_diffrn.id                     1 
_diffrn.ambient_temp           100 
_diffrn.ambient_temp_details   ? 
_diffrn.crystal_id             1 
# 
_diffrn_detector.diffrn_id              1 
_diffrn_detector.detector               CCD 
_diffrn_detector.type                   NOIR-1 
_diffrn_detector.pdbx_collection_date   2013-01-29 
_diffrn_detector.details                mirror 
# 
_diffrn_radiation.diffrn_id                        1 
_diffrn_radiation.wavelength_id                    1 
_diffrn_radiation.pdbx_monochromatic_or_laue_m_l   M 
_diffrn_radiation.monochromator                    'Rosenbaum-Rock monochromator Si 111' 
_diffrn_radiation.pdbx_diffrn_protocol             'SINGLE WAVELENGTH' 
_diffrn_radiation.pdbx_scattering_type             x-ray 
# 
_diffrn_radiation_wavelength.id           1 
_diffrn_radiation_wavelength.wavelength   1.000 
_diffrn_radiation_wavelength.wt           1.0 
# 
_diffrn_source.diffrn_id                   1 
_diffrn_source.source                      SYNCHROTRON 
_diffrn_source.type                        'ALS BEAMLINE 4.2.2' 
_diffrn_source.pdbx_synchrotron_site       ALS 
_diffrn_source.pdbx_synchrotron_beamline   4.2.2 
_diffrn_source.pdbx_wavelength             ? 
_diffrn_source.pdbx_wavelength_list        1.000 
# 
_reflns.pdbx_diffrn_id               1 
_reflns.pdbx_ordinal                 1 
_reflns.entry_id                     4MRD 
_reflns.observed_criterion_sigma_I   1 
_reflns.observed_criterion_sigma_F   1 
_reflns.d_resolution_low             41.14 
_reflns.d_resolution_high            2.55 
_reflns.number_obs                   17738 
_reflns.number_all                   17746 
_reflns.percent_possible_obs         98.7 
_reflns.pdbx_Rmerge_I_obs            0.123 
_reflns.pdbx_Rsym_value              0.143 
_reflns.pdbx_netI_over_sigmaI        11.1 
_reflns.B_iso_Wilson_estimate        ? 
_reflns.pdbx_redundancy              3.8 
_reflns.R_free_details               ? 
_reflns.limit_h_max                  ? 
_reflns.limit_h_min                  ? 
_reflns.limit_k_max                  ? 
_reflns.limit_k_min                  ? 
_reflns.limit_l_max                  ? 
_reflns.limit_l_min                  ? 
_reflns.observed_criterion_F_max     ? 
_reflns.observed_criterion_F_min     ? 
_reflns.pdbx_chi_squared             ? 
_reflns.pdbx_scaling_rejects         ? 
# 
_reflns_shell.pdbx_diffrn_id         1 
_reflns_shell.pdbx_ordinal           1 
_reflns_shell.d_res_high             2.55 
_reflns_shell.d_res_low              2.61 
_reflns_shell.percent_possible_all   94.6 
_reflns_shell.Rmerge_I_obs           0.391 
_reflns_shell.pdbx_Rsym_value        0.462 
_reflns_shell.meanI_over_sigI_obs    3.4 
_reflns_shell.pdbx_redundancy        3.3 
_reflns_shell.percent_possible_obs   ? 
_reflns_shell.number_unique_all      ? 
_reflns_shell.number_measured_all    ? 
_reflns_shell.number_measured_obs    ? 
_reflns_shell.number_unique_obs      ? 
_reflns_shell.pdbx_chi_squared       ? 
# 
_refine.pdbx_refine_id                           'X-RAY DIFFRACTION' 
_refine.entry_id                                 4MRD 
_refine.pdbx_diffrn_id                           1 
_refine.pdbx_TLS_residual_ADP_flag               ? 
_refine.ls_number_reflns_obs                     4355 
_refine.ls_number_reflns_all                     ? 
_refine.pdbx_ls_sigma_I                          ? 
_refine.pdbx_ls_sigma_F                          . 
_refine.pdbx_data_cutoff_high_absF               ? 
_refine.pdbx_data_cutoff_low_absF                ? 
_refine.pdbx_data_cutoff_high_rms_absF           ? 
_refine.ls_d_res_low                             41.14 
_refine.ls_d_res_high                            2.55 
_refine.ls_percent_reflns_obs                    99.61 
_refine.ls_R_factor_obs                          0.19029 
_refine.ls_R_factor_all                          ? 
_refine.ls_R_factor_R_work                       0.18732 
_refine.ls_R_factor_R_free                       0.24496 
_refine.ls_R_factor_R_free_error                 ? 
_refine.ls_R_factor_R_free_error_details         ? 
_refine.ls_percent_reflns_R_free                 5.2 
_refine.ls_number_reflns_R_free                  237 
_refine.ls_number_parameters                     ? 
_refine.ls_number_restraints                     ? 
_refine.occupancy_min                            1.000 
_refine.occupancy_max                            1.000 
_refine.correlation_coeff_Fo_to_Fc               0.926 
_refine.correlation_coeff_Fo_to_Fc_free          0.839 
_refine.B_iso_mean                               14.022 
_refine.aniso_B[1][1]                            0.56 
_refine.aniso_B[2][2]                            -0.31 
_refine.aniso_B[3][3]                            -0.54 
_refine.aniso_B[1][2]                            0.00 
_refine.aniso_B[1][3]                            -0.31 
_refine.aniso_B[2][3]                            0.00 
_refine.solvent_model_details                    MASK 
_refine.solvent_model_param_ksol                 ? 
_refine.solvent_model_param_bsol                 ? 
_refine.pdbx_solvent_vdw_probe_radii             1.40 
_refine.pdbx_solvent_ion_probe_radii             0.80 
_refine.pdbx_solvent_shrinkage_radii             0.80 
_refine.pdbx_ls_cross_valid_method               THROUGHOUT 
_refine.details                                  'HYDROGENS HAVE BEEN ADDED IN THE RIDING POSITIONS' 
_refine.pdbx_starting_model                      ? 
_refine.pdbx_method_to_determine_struct          'MOLECULAR REPLACEMENT' 
_refine.pdbx_isotropic_thermal_model             ? 
_refine.pdbx_stereochemistry_target_values       'MAXIMUM LIKELIHOOD' 
_refine.pdbx_stereochem_target_val_spec_case     ? 
_refine.pdbx_R_Free_selection_details            RANDOM 
_refine.pdbx_overall_ESU_R                       ? 
_refine.pdbx_overall_ESU_R_Free                  0.338 
_refine.overall_SU_ML                            0.250 
_refine.pdbx_overall_phase_error                 ? 
_refine.overall_SU_B                             11.630 
_refine.overall_SU_R_Cruickshank_DPI             ? 
_refine.pdbx_overall_SU_R_free_Cruickshank_DPI   ? 
_refine.pdbx_overall_SU_R_Blow_DPI               ? 
_refine.pdbx_overall_SU_R_free_Blow_DPI          ? 
_refine.ls_redundancy_reflns_obs                 ? 
_refine.B_iso_min                                ? 
_refine.B_iso_max                                ? 
_refine.overall_SU_R_free                        ? 
_refine.ls_wR_factor_R_free                      ? 
_refine.ls_wR_factor_R_work                      ? 
_refine.overall_FOM_free_R_set                   ? 
_refine.overall_FOM_work_R_set                   ? 
# 
_refine_hist.pdbx_refine_id                   'X-RAY DIFFRACTION' 
_refine_hist.cycle_id                         LAST 
_refine_hist.pdbx_number_atoms_protein        1163 
_refine_hist.pdbx_number_atoms_nucleic_acid   0 
_refine_hist.pdbx_number_atoms_ligand         57 
_refine_hist.number_atoms_solvent             10 
_refine_hist.number_atoms_total               1230 
_refine_hist.d_res_high                       2.55 
_refine_hist.d_res_low                        41.14 
# 
loop_
_refine_ls_restr.type 
_refine_ls_restr.dev_ideal 
_refine_ls_restr.dev_ideal_target 
_refine_ls_restr.weight 
_refine_ls_restr.number 
_refine_ls_restr.pdbx_refine_id 
_refine_ls_restr.pdbx_restraint_function 
r_bond_refined_d             0.012  0.021  ? 1250 'X-RAY DIFFRACTION' ? 
r_bond_other_d               ?      ?      ? ?    'X-RAY DIFFRACTION' ? 
r_angle_refined_deg          1.372  1.991  ? 1709 'X-RAY DIFFRACTION' ? 
r_angle_other_deg            ?      ?      ? ?    'X-RAY DIFFRACTION' ? 
r_dihedral_angle_1_deg       6.898  5.000  ? 148  'X-RAY DIFFRACTION' ? 
r_dihedral_angle_2_deg       37.037 23.966 ? 58   'X-RAY DIFFRACTION' ? 
r_dihedral_angle_3_deg       16.425 15.000 ? 187  'X-RAY DIFFRACTION' ? 
r_dihedral_angle_4_deg       19.087 15.000 ? 8    'X-RAY DIFFRACTION' ? 
r_chiral_restr               0.080  0.200  ? 201  'X-RAY DIFFRACTION' ? 
r_gen_planes_refined         0.005  0.021  ? 938  'X-RAY DIFFRACTION' ? 
r_gen_planes_other           ?      ?      ? ?    'X-RAY DIFFRACTION' ? 
r_nbd_refined                ?      ?      ? ?    'X-RAY DIFFRACTION' ? 
r_nbd_other                  ?      ?      ? ?    'X-RAY DIFFRACTION' ? 
r_nbtor_refined              ?      ?      ? ?    'X-RAY DIFFRACTION' ? 
r_nbtor_other                ?      ?      ? ?    'X-RAY DIFFRACTION' ? 
r_xyhbond_nbd_refined        ?      ?      ? ?    'X-RAY DIFFRACTION' ? 
r_xyhbond_nbd_other          ?      ?      ? ?    'X-RAY DIFFRACTION' ? 
r_metal_ion_refined          ?      ?      ? ?    'X-RAY DIFFRACTION' ? 
r_metal_ion_other            ?      ?      ? ?    'X-RAY DIFFRACTION' ? 
r_symmetry_vdw_refined       ?      ?      ? ?    'X-RAY DIFFRACTION' ? 
r_symmetry_vdw_other         ?      ?      ? ?    'X-RAY DIFFRACTION' ? 
r_symmetry_hbond_refined     ?      ?      ? ?    'X-RAY DIFFRACTION' ? 
r_symmetry_hbond_other       ?      ?      ? ?    'X-RAY DIFFRACTION' ? 
r_symmetry_metal_ion_refined ?      ?      ? ?    'X-RAY DIFFRACTION' ? 
r_symmetry_metal_ion_other   ?      ?      ? ?    'X-RAY DIFFRACTION' ? 
r_mcbond_it                  0.501  1.500  ? 742  'X-RAY DIFFRACTION' ? 
r_mcbond_other               ?      ?      ? ?    'X-RAY DIFFRACTION' ? 
r_mcangle_it                 0.998  2.000  ? 1208 'X-RAY DIFFRACTION' ? 
r_mcangle_other              ?      ?      ? ?    'X-RAY DIFFRACTION' ? 
r_scbond_it                  1.459  3.000  ? 508  'X-RAY DIFFRACTION' ? 
r_scbond_other               ?      ?      ? ?    'X-RAY DIFFRACTION' ? 
r_scangle_it                 2.459  4.500  ? 501  'X-RAY DIFFRACTION' ? 
r_scangle_other              ?      ?      ? ?    'X-RAY DIFFRACTION' ? 
r_long_range_B_refined       ?      ?      ? ?    'X-RAY DIFFRACTION' ? 
r_long_range_B_other         ?      ?      ? ?    'X-RAY DIFFRACTION' ? 
r_rigid_bond_restr           ?      ?      ? ?    'X-RAY DIFFRACTION' ? 
r_sphericity_free            ?      ?      ? ?    'X-RAY DIFFRACTION' ? 
r_sphericity_bonded          ?      ?      ? ?    'X-RAY DIFFRACTION' ? 
# 
_refine_ls_shell.pdbx_refine_id                   'X-RAY DIFFRACTION' 
_refine_ls_shell.pdbx_total_number_of_bins_used   20 
_refine_ls_shell.d_res_high                       2.550 
_refine_ls_shell.d_res_low                        2.616 
_refine_ls_shell.number_reflns_R_work             253 
_refine_ls_shell.R_factor_R_work                  0.224 
_refine_ls_shell.percent_reflns_obs               100.00 
_refine_ls_shell.R_factor_R_free                  0.393 
_refine_ls_shell.R_factor_R_free_error            ? 
_refine_ls_shell.percent_reflns_R_free            ? 
_refine_ls_shell.number_reflns_R_free             12 
_refine_ls_shell.number_reflns_all                ? 
_refine_ls_shell.R_factor_all                     ? 
_refine_ls_shell.redundancy_reflns_obs            ? 
_refine_ls_shell.number_reflns_obs                ? 
# 
_struct.entry_id                  4MRD 
_struct.title                     'Crystal structure of the murine cd44 hyaluronan binding domain complex with a small molecule' 
_struct.pdbx_model_details        ? 
_struct.pdbx_CASP_flag            ? 
_struct.pdbx_model_type_details   ? 
# 
_struct_keywords.entry_id        4MRD 
_struct_keywords.text            'Link module, Cell receptor, Hyaluronan binding, Cell surface, Cell adhesion' 
_struct_keywords.pdbx_keywords   'CELL ADHESION' 
# 
loop_
_struct_asym.id 
_struct_asym.pdbx_blank_PDB_chainid_flag 
_struct_asym.pdbx_modified 
_struct_asym.entity_id 
_struct_asym.details 
A N N 1 ? 
B N N 2 ? 
C N N 3 ? 
D N N 4 ? 
# 
_struct_ref.id                         1 
_struct_ref.db_name                    UNP 
_struct_ref.db_code                    CD44_MOUSE 
_struct_ref.pdbx_db_accession          P15379 
_struct_ref.entity_id                  1 
_struct_ref.pdbx_seq_one_letter_code   
;QIDLNVTCRYAGVFHVEKNGRYSISRTEAADLCQAFNSTLPTMDQMKLALSKGFETCRYGFIEGNVVIPRIHPNAICAAN
HTGVYILVTSNTSHYDTYCFNASAPPEEDCTSVTDLPNSFDGPVTITIVNRDGTRYSKKGEYRTHQEDI
;
_struct_ref.pdbx_align_begin           23 
_struct_ref.pdbx_db_isoform            ? 
# 
_struct_ref_seq.align_id                      1 
_struct_ref_seq.ref_id                        1 
_struct_ref_seq.pdbx_PDB_id_code              4MRD 
_struct_ref_seq.pdbx_strand_id                A 
_struct_ref_seq.seq_align_beg                 1 
_struct_ref_seq.pdbx_seq_align_beg_ins_code   ? 
_struct_ref_seq.seq_align_end                 149 
_struct_ref_seq.pdbx_seq_align_end_ins_code   ? 
_struct_ref_seq.pdbx_db_accession             P15379 
_struct_ref_seq.db_align_beg                  23 
_struct_ref_seq.pdbx_db_align_beg_ins_code    ? 
_struct_ref_seq.db_align_end                  171 
_struct_ref_seq.pdbx_db_align_end_ins_code    ? 
_struct_ref_seq.pdbx_auth_seq_align_beg       25 
_struct_ref_seq.pdbx_auth_seq_align_end       173 
# 
_pdbx_struct_assembly.id                   1 
_pdbx_struct_assembly.details              author_and_software_defined_assembly 
_pdbx_struct_assembly.method_details       PISA 
_pdbx_struct_assembly.oligomeric_details   monomeric 
_pdbx_struct_assembly.oligomeric_count     1 
# 
_pdbx_struct_assembly_gen.assembly_id       1 
_pdbx_struct_assembly_gen.oper_expression   1 
_pdbx_struct_assembly_gen.asym_id_list      A,B,C,D 
# 
_pdbx_struct_oper_list.id                   1 
_pdbx_struct_oper_list.type                 'identity operation' 
_pdbx_struct_oper_list.name                 1_555 
_pdbx_struct_oper_list.symmetry_operation   x,y,z 
_pdbx_struct_oper_list.matrix[1][1]         1.0000000000 
_pdbx_struct_oper_list.matrix[1][2]         0.0000000000 
_pdbx_struct_oper_list.matrix[1][3]         0.0000000000 
_pdbx_struct_oper_list.vector[1]            0.0000000000 
_pdbx_struct_oper_list.matrix[2][1]         0.0000000000 
_pdbx_struct_oper_list.matrix[2][2]         1.0000000000 
_pdbx_struct_oper_list.matrix[2][3]         0.0000000000 
_pdbx_struct_oper_list.vector[2]            0.0000000000 
_pdbx_struct_oper_list.matrix[3][1]         0.0000000000 
_pdbx_struct_oper_list.matrix[3][2]         0.0000000000 
_pdbx_struct_oper_list.matrix[3][3]         1.0000000000 
_pdbx_struct_oper_list.vector[3]            0.0000000000 
# 
_struct_biol.id        1 
_struct_biol.details   ? 
# 
loop_
_struct_conf.conf_type_id 
_struct_conf.id 
_struct_conf.pdbx_PDB_helix_id 
_struct_conf.beg_label_comp_id 
_struct_conf.beg_label_asym_id 
_struct_conf.beg_label_seq_id 
_struct_conf.pdbx_beg_PDB_ins_code 
_struct_conf.end_label_comp_id 
_struct_conf.end_label_asym_id 
_struct_conf.end_label_seq_id 
_struct_conf.pdbx_end_PDB_ins_code 
_struct_conf.beg_auth_comp_id 
_struct_conf.beg_auth_asym_id 
_struct_conf.beg_auth_seq_id 
_struct_conf.end_auth_comp_id 
_struct_conf.end_auth_asym_id 
_struct_conf.end_auth_seq_id 
_struct_conf.pdbx_PDB_helix_class 
_struct_conf.details 
_struct_conf.pdbx_PDB_helix_length 
HELX_P HELX_P1 1 SER A 25 ? PHE A 36 ? SER A 49 PHE A 60 1 ? 12 
HELX_P HELX_P2 2 THR A 42 ? LYS A 52 ? THR A 66 LYS A 76 1 ? 11 
# 
_struct_conf_type.id          HELX_P 
_struct_conf_type.criteria    ? 
_struct_conf_type.reference   ? 
# 
loop_
_struct_conn.id 
_struct_conn.conn_type_id 
_struct_conn.pdbx_leaving_atom_flag 
_struct_conn.pdbx_PDB_id 
_struct_conn.ptnr1_label_asym_id 
_struct_conn.ptnr1_label_comp_id 
_struct_conn.ptnr1_label_seq_id 
_struct_conn.ptnr1_label_atom_id 
_struct_conn.pdbx_ptnr1_label_alt_id 
_struct_conn.pdbx_ptnr1_PDB_ins_code 
_struct_conn.pdbx_ptnr1_standard_comp_id 
_struct_conn.ptnr1_symmetry 
_struct_conn.ptnr2_label_asym_id 
_struct_conn.ptnr2_label_comp_id 
_struct_conn.ptnr2_label_seq_id 
_struct_conn.ptnr2_label_atom_id 
_struct_conn.pdbx_ptnr2_label_alt_id 
_struct_conn.pdbx_ptnr2_PDB_ins_code 
_struct_conn.ptnr1_auth_asym_id 
_struct_conn.ptnr1_auth_comp_id 
_struct_conn.ptnr1_auth_seq_id 
_struct_conn.ptnr2_auth_asym_id 
_struct_conn.ptnr2_auth_comp_id 
_struct_conn.ptnr2_auth_seq_id 
_struct_conn.ptnr2_symmetry 
_struct_conn.pdbx_ptnr3_label_atom_id 
_struct_conn.pdbx_ptnr3_label_seq_id 
_struct_conn.pdbx_ptnr3_label_comp_id 
_struct_conn.pdbx_ptnr3_label_asym_id 
_struct_conn.pdbx_ptnr3_label_alt_id 
_struct_conn.pdbx_ptnr3_PDB_ins_code 
_struct_conn.details 
_struct_conn.pdbx_dist_value 
_struct_conn.pdbx_value_order 
_struct_conn.pdbx_role 
disulf1 disulf ?    ? A CYS 8  SG ? ? ? 1_555 A CYS 110 SG ? ? A CYS 32 A CYS 134 1_555 ? ? ? ? ? ? ? 2.051 ? ? 
disulf2 disulf ?    ? A CYS 33 SG ? ? ? 1_555 A CYS 99  SG ? ? A CYS 57 A CYS 123 1_555 ? ? ? ? ? ? ? 2.026 ? ? 
disulf3 disulf ?    ? A CYS 57 SG ? ? ? 1_555 A CYS 77  SG ? ? A CYS 81 A CYS 101 1_555 ? ? ? ? ? ? ? 2.033 ? ? 
covale1 covale both ? B NAG .  O3 ? ? ? 1_555 B BDP .   C1 ? ? B NAG 1  B BDP 2   1_555 ? ? ? ? ? ? ? 1.436 ? ? 
covale2 covale both ? B BDP .  O4 ? ? ? 1_555 B NAG .   C1 ? ? B BDP 2  B NAG 3   1_555 ? ? ? ? ? ? ? 1.428 ? ? 
covale3 covale both ? B NAG .  O3 ? ? ? 1_555 B BDP .   C1 ? ? B NAG 3  B BDP 4   1_555 ? ? ? ? ? ? ? 1.437 ? ? 
# 
loop_
_struct_conn_type.id 
_struct_conn_type.criteria 
_struct_conn_type.reference 
disulf ? ? 
covale ? ? 
# 
loop_
_pdbx_modification_feature.ordinal 
_pdbx_modification_feature.label_comp_id 
_pdbx_modification_feature.label_asym_id 
_pdbx_modification_feature.label_seq_id 
_pdbx_modification_feature.label_alt_id 
_pdbx_modification_feature.modified_residue_label_comp_id 
_pdbx_modification_feature.modified_residue_label_asym_id 
_pdbx_modification_feature.modified_residue_label_seq_id 
_pdbx_modification_feature.modified_residue_label_alt_id 
_pdbx_modification_feature.auth_comp_id 
_pdbx_modification_feature.auth_asym_id 
_pdbx_modification_feature.auth_seq_id 
_pdbx_modification_feature.PDB_ins_code 
_pdbx_modification_feature.symmetry 
_pdbx_modification_feature.modified_residue_auth_comp_id 
_pdbx_modification_feature.modified_residue_auth_asym_id 
_pdbx_modification_feature.modified_residue_auth_seq_id 
_pdbx_modification_feature.modified_residue_PDB_ins_code 
_pdbx_modification_feature.modified_residue_symmetry 
_pdbx_modification_feature.comp_id_linking_atom 
_pdbx_modification_feature.modified_residue_id_linking_atom 
_pdbx_modification_feature.modified_residue_id 
_pdbx_modification_feature.ref_pcm_id 
_pdbx_modification_feature.ref_comp_id 
_pdbx_modification_feature.type 
_pdbx_modification_feature.category 
1 CYS A 8  ? CYS A 110 ? CYS A 32 ? 1_555 CYS A 134 ? 1_555 SG SG . . . None 'Disulfide bridge' 
2 CYS A 33 ? CYS A 99  ? CYS A 57 ? 1_555 CYS A 123 ? 1_555 SG SG . . . None 'Disulfide bridge' 
3 CYS A 57 ? CYS A 77  ? CYS A 81 ? 1_555 CYS A 101 ? 1_555 SG SG . . . None 'Disulfide bridge' 
# 
loop_
_struct_sheet.id 
_struct_sheet.type 
_struct_sheet.number_strands 
_struct_sheet.details 
A ? 8 ? 
B ? 2 ? 
# 
loop_
_struct_sheet_order.sheet_id 
_struct_sheet_order.range_id_1 
_struct_sheet_order.range_id_2 
_struct_sheet_order.offset 
_struct_sheet_order.sense 
A 1 2 ? anti-parallel 
A 2 3 ? anti-parallel 
A 3 4 ? parallel      
A 4 5 ? anti-parallel 
A 5 6 ? anti-parallel 
A 6 7 ? parallel      
A 7 8 ? anti-parallel 
B 1 2 ? anti-parallel 
# 
loop_
_struct_sheet_range.sheet_id 
_struct_sheet_range.id 
_struct_sheet_range.beg_label_comp_id 
_struct_sheet_range.beg_label_asym_id 
_struct_sheet_range.beg_label_seq_id 
_struct_sheet_range.pdbx_beg_PDB_ins_code 
_struct_sheet_range.end_label_comp_id 
_struct_sheet_range.end_label_asym_id 
_struct_sheet_range.end_label_seq_id 
_struct_sheet_range.pdbx_end_PDB_ins_code 
_struct_sheet_range.beg_auth_comp_id 
_struct_sheet_range.beg_auth_asym_id 
_struct_sheet_range.beg_auth_seq_id 
_struct_sheet_range.end_auth_comp_id 
_struct_sheet_range.end_auth_asym_id 
_struct_sheet_range.end_auth_seq_id 
A 1 GLY A 83  ? ILE A 86  ? GLY A 107 ILE A 110 
A 2 VAL A 66  ? ARG A 70  ? VAL A 90  ARG A 94  
A 3 GLY A 60  ? PHE A 61  ? GLY A 84  PHE A 85  
A 4 ASP A 96  ? PHE A 100 ? ASP A 120 PHE A 124 
A 5 VAL A 13  ? LYS A 18  ? VAL A 37  LYS A 42  
A 6 ILE A 2   ? VAL A 6   ? ILE A 26  VAL A 30  
A 7 PHE A 120 ? VAL A 129 ? PHE A 144 VAL A 153 
A 8 ARG A 135 ? GLU A 141 ? ARG A 159 GLU A 165 
B 1 ARG A 9   ? TYR A 10  ? ARG A 33  TYR A 34  
B 2 GLU A 108 ? ASP A 109 ? GLU A 132 ASP A 133 
# 
loop_
_pdbx_struct_sheet_hbond.sheet_id 
_pdbx_struct_sheet_hbond.range_id_1 
_pdbx_struct_sheet_hbond.range_id_2 
_pdbx_struct_sheet_hbond.range_1_label_atom_id 
_pdbx_struct_sheet_hbond.range_1_label_comp_id 
_pdbx_struct_sheet_hbond.range_1_label_asym_id 
_pdbx_struct_sheet_hbond.range_1_label_seq_id 
_pdbx_struct_sheet_hbond.range_1_PDB_ins_code 
_pdbx_struct_sheet_hbond.range_1_auth_atom_id 
_pdbx_struct_sheet_hbond.range_1_auth_comp_id 
_pdbx_struct_sheet_hbond.range_1_auth_asym_id 
_pdbx_struct_sheet_hbond.range_1_auth_seq_id 
_pdbx_struct_sheet_hbond.range_2_label_atom_id 
_pdbx_struct_sheet_hbond.range_2_label_comp_id 
_pdbx_struct_sheet_hbond.range_2_label_asym_id 
_pdbx_struct_sheet_hbond.range_2_label_seq_id 
_pdbx_struct_sheet_hbond.range_2_PDB_ins_code 
_pdbx_struct_sheet_hbond.range_2_auth_atom_id 
_pdbx_struct_sheet_hbond.range_2_auth_comp_id 
_pdbx_struct_sheet_hbond.range_2_auth_asym_id 
_pdbx_struct_sheet_hbond.range_2_auth_seq_id 
A 1 2 O GLY A 83  ? O GLY A 107 N ARG A 70  ? N ARG A 94  
A 2 3 O VAL A 67  ? O VAL A 91  N GLY A 60  ? N GLY A 84  
A 3 4 N PHE A 61  ? N PHE A 85  O ASP A 96  ? O ASP A 120 
A 4 5 O THR A 97  ? O THR A 121 N VAL A 16  ? N VAL A 40  
A 5 6 O GLU A 17  ? O GLU A 41  N ASN A 5   ? N ASN A 29  
A 6 7 N ILE A 2   ? N ILE A 26  O THR A 127 ? O THR A 151 
A 7 8 N ILE A 126 ? N ILE A 150 O LYS A 138 ? O LYS A 162 
B 1 2 N ARG A 9   ? N ARG A 33  O ASP A 109 ? O ASP A 133 
# 
_pdbx_entry_details.entry_id                   4MRD 
_pdbx_entry_details.compound_details           ? 
_pdbx_entry_details.source_details             ? 
_pdbx_entry_details.nonpolymer_details         ? 
_pdbx_entry_details.sequence_details           ? 
_pdbx_entry_details.has_ligand_of_interest     ? 
_pdbx_entry_details.has_protein_modification   Y 
# 
loop_
_pdbx_validate_torsion.id 
_pdbx_validate_torsion.PDB_model_num 
_pdbx_validate_torsion.auth_comp_id 
_pdbx_validate_torsion.auth_asym_id 
_pdbx_validate_torsion.auth_seq_id 
_pdbx_validate_torsion.PDB_ins_code 
_pdbx_validate_torsion.label_alt_id 
_pdbx_validate_torsion.phi 
_pdbx_validate_torsion.psi 
1 1 ASN A 43  ? ? 46.56   -116.24 
2 1 TYR A 46  ? ? 66.02   60.56   
3 1 GLU A 131 ? ? -110.76 -135.33 
4 1 TYR A 166 ? ? -142.32 -16.71  
# 
_pdbx_phasing_MR.entry_id                     4MRD 
_pdbx_phasing_MR.method_rotation              ? 
_pdbx_phasing_MR.method_translation           ? 
_pdbx_phasing_MR.model_details                'Phaser MODE: MR_AUTO' 
_pdbx_phasing_MR.R_factor                     35.590 
_pdbx_phasing_MR.R_rigid_body                 ? 
_pdbx_phasing_MR.correlation_coeff_Fo_to_Fc   ? 
_pdbx_phasing_MR.correlation_coeff_Io_to_Ic   ? 
_pdbx_phasing_MR.d_res_high_rotation          2.550 
_pdbx_phasing_MR.d_res_low_rotation           19.840 
_pdbx_phasing_MR.d_res_high_translation       2.550 
_pdbx_phasing_MR.d_res_low_translation        19.840 
_pdbx_phasing_MR.packing                      ? 
_pdbx_phasing_MR.reflns_percent_rotation      ? 
_pdbx_phasing_MR.reflns_percent_translation   ? 
_pdbx_phasing_MR.sigma_F_rotation             ? 
_pdbx_phasing_MR.sigma_F_translation          ? 
_pdbx_phasing_MR.sigma_I_rotation             ? 
_pdbx_phasing_MR.sigma_I_translation          ? 
# 
_phasing.method   MR 
# 
loop_
_chem_comp_atom.comp_id 
_chem_comp_atom.atom_id 
_chem_comp_atom.type_symbol 
_chem_comp_atom.pdbx_aromatic_flag 
_chem_comp_atom.pdbx_stereo_config 
_chem_comp_atom.pdbx_ordinal 
ALA N    N N N 1   
ALA CA   C N S 2   
ALA C    C N N 3   
ALA O    O N N 4   
ALA CB   C N N 5   
ALA OXT  O N N 6   
ALA H    H N N 7   
ALA H2   H N N 8   
ALA HA   H N N 9   
ALA HB1  H N N 10  
ALA HB2  H N N 11  
ALA HB3  H N N 12  
ALA HXT  H N N 13  
ARG N    N N N 14  
ARG CA   C N S 15  
ARG C    C N N 16  
ARG O    O N N 17  
ARG CB   C N N 18  
ARG CG   C N N 19  
ARG CD   C N N 20  
ARG NE   N N N 21  
ARG CZ   C N N 22  
ARG NH1  N N N 23  
ARG NH2  N N N 24  
ARG OXT  O N N 25  
ARG H    H N N 26  
ARG H2   H N N 27  
ARG HA   H N N 28  
ARG HB2  H N N 29  
ARG HB3  H N N 30  
ARG HG2  H N N 31  
ARG HG3  H N N 32  
ARG HD2  H N N 33  
ARG HD3  H N N 34  
ARG HE   H N N 35  
ARG HH11 H N N 36  
ARG HH12 H N N 37  
ARG HH21 H N N 38  
ARG HH22 H N N 39  
ARG HXT  H N N 40  
ASN N    N N N 41  
ASN CA   C N S 42  
ASN C    C N N 43  
ASN O    O N N 44  
ASN CB   C N N 45  
ASN CG   C N N 46  
ASN OD1  O N N 47  
ASN ND2  N N N 48  
ASN OXT  O N N 49  
ASN H    H N N 50  
ASN H2   H N N 51  
ASN HA   H N N 52  
ASN HB2  H N N 53  
ASN HB3  H N N 54  
ASN HD21 H N N 55  
ASN HD22 H N N 56  
ASN HXT  H N N 57  
ASP N    N N N 58  
ASP CA   C N S 59  
ASP C    C N N 60  
ASP O    O N N 61  
ASP CB   C N N 62  
ASP CG   C N N 63  
ASP OD1  O N N 64  
ASP OD2  O N N 65  
ASP OXT  O N N 66  
ASP H    H N N 67  
ASP H2   H N N 68  
ASP HA   H N N 69  
ASP HB2  H N N 70  
ASP HB3  H N N 71  
ASP HD2  H N N 72  
ASP HXT  H N N 73  
BDP C1   C N R 74  
BDP C2   C N R 75  
BDP C3   C N S 76  
BDP C4   C N S 77  
BDP C5   C N S 78  
BDP C6   C N N 79  
BDP O2   O N N 80  
BDP O3   O N N 81  
BDP O4   O N N 82  
BDP O5   O N N 83  
BDP O6A  O N N 84  
BDP O1   O N N 85  
BDP O6B  O N N 86  
BDP H1   H N N 87  
BDP H2   H N N 88  
BDP H3   H N N 89  
BDP H4   H N N 90  
BDP H5   H N N 91  
BDP HO2  H N N 92  
BDP HO3  H N N 93  
BDP HO4  H N N 94  
BDP HO1  H N N 95  
BDP HO6B H N N 96  
CYS N    N N N 97  
CYS CA   C N R 98  
CYS C    C N N 99  
CYS O    O N N 100 
CYS CB   C N N 101 
CYS SG   S N N 102 
CYS OXT  O N N 103 
CYS H    H N N 104 
CYS H2   H N N 105 
CYS HA   H N N 106 
CYS HB2  H N N 107 
CYS HB3  H N N 108 
CYS HG   H N N 109 
CYS HXT  H N N 110 
GLN N    N N N 111 
GLN CA   C N S 112 
GLN C    C N N 113 
GLN O    O N N 114 
GLN CB   C N N 115 
GLN CG   C N N 116 
GLN CD   C N N 117 
GLN OE1  O N N 118 
GLN NE2  N N N 119 
GLN OXT  O N N 120 
GLN H    H N N 121 
GLN H2   H N N 122 
GLN HA   H N N 123 
GLN HB2  H N N 124 
GLN HB3  H N N 125 
GLN HG2  H N N 126 
GLN HG3  H N N 127 
GLN HE21 H N N 128 
GLN HE22 H N N 129 
GLN HXT  H N N 130 
GLU N    N N N 131 
GLU CA   C N S 132 
GLU C    C N N 133 
GLU O    O N N 134 
GLU CB   C N N 135 
GLU CG   C N N 136 
GLU CD   C N N 137 
GLU OE1  O N N 138 
GLU OE2  O N N 139 
GLU OXT  O N N 140 
GLU H    H N N 141 
GLU H2   H N N 142 
GLU HA   H N N 143 
GLU HB2  H N N 144 
GLU HB3  H N N 145 
GLU HG2  H N N 146 
GLU HG3  H N N 147 
GLU HE2  H N N 148 
GLU HXT  H N N 149 
GLY N    N N N 150 
GLY CA   C N N 151 
GLY C    C N N 152 
GLY O    O N N 153 
GLY OXT  O N N 154 
GLY H    H N N 155 
GLY H2   H N N 156 
GLY HA2  H N N 157 
GLY HA3  H N N 158 
GLY HXT  H N N 159 
HIS N    N N N 160 
HIS CA   C N S 161 
HIS C    C N N 162 
HIS O    O N N 163 
HIS CB   C N N 164 
HIS CG   C Y N 165 
HIS ND1  N Y N 166 
HIS CD2  C Y N 167 
HIS CE1  C Y N 168 
HIS NE2  N Y N 169 
HIS OXT  O N N 170 
HIS H    H N N 171 
HIS H2   H N N 172 
HIS HA   H N N 173 
HIS HB2  H N N 174 
HIS HB3  H N N 175 
HIS HD1  H N N 176 
HIS HD2  H N N 177 
HIS HE1  H N N 178 
HIS HE2  H N N 179 
HIS HXT  H N N 180 
HOH O    O N N 181 
HOH H1   H N N 182 
HOH H2   H N N 183 
ILE N    N N N 184 
ILE CA   C N S 185 
ILE C    C N N 186 
ILE O    O N N 187 
ILE CB   C N S 188 
ILE CG1  C N N 189 
ILE CG2  C N N 190 
ILE CD1  C N N 191 
ILE OXT  O N N 192 
ILE H    H N N 193 
ILE H2   H N N 194 
ILE HA   H N N 195 
ILE HB   H N N 196 
ILE HG12 H N N 197 
ILE HG13 H N N 198 
ILE HG21 H N N 199 
ILE HG22 H N N 200 
ILE HG23 H N N 201 
ILE HD11 H N N 202 
ILE HD12 H N N 203 
ILE HD13 H N N 204 
ILE HXT  H N N 205 
LEU N    N N N 206 
LEU CA   C N S 207 
LEU C    C N N 208 
LEU O    O N N 209 
LEU CB   C N N 210 
LEU CG   C N N 211 
LEU CD1  C N N 212 
LEU CD2  C N N 213 
LEU OXT  O N N 214 
LEU H    H N N 215 
LEU H2   H N N 216 
LEU HA   H N N 217 
LEU HB2  H N N 218 
LEU HB3  H N N 219 
LEU HG   H N N 220 
LEU HD11 H N N 221 
LEU HD12 H N N 222 
LEU HD13 H N N 223 
LEU HD21 H N N 224 
LEU HD22 H N N 225 
LEU HD23 H N N 226 
LEU HXT  H N N 227 
LYS N    N N N 228 
LYS CA   C N S 229 
LYS C    C N N 230 
LYS O    O N N 231 
LYS CB   C N N 232 
LYS CG   C N N 233 
LYS CD   C N N 234 
LYS CE   C N N 235 
LYS NZ   N N N 236 
LYS OXT  O N N 237 
LYS H    H N N 238 
LYS H2   H N N 239 
LYS HA   H N N 240 
LYS HB2  H N N 241 
LYS HB3  H N N 242 
LYS HG2  H N N 243 
LYS HG3  H N N 244 
LYS HD2  H N N 245 
LYS HD3  H N N 246 
LYS HE2  H N N 247 
LYS HE3  H N N 248 
LYS HZ1  H N N 249 
LYS HZ2  H N N 250 
LYS HZ3  H N N 251 
LYS HXT  H N N 252 
MET N    N N N 253 
MET CA   C N S 254 
MET C    C N N 255 
MET O    O N N 256 
MET CB   C N N 257 
MET CG   C N N 258 
MET SD   S N N 259 
MET CE   C N N 260 
MET OXT  O N N 261 
MET H    H N N 262 
MET H2   H N N 263 
MET HA   H N N 264 
MET HB2  H N N 265 
MET HB3  H N N 266 
MET HG2  H N N 267 
MET HG3  H N N 268 
MET HE1  H N N 269 
MET HE2  H N N 270 
MET HE3  H N N 271 
MET HXT  H N N 272 
NAG C1   C N R 273 
NAG C2   C N R 274 
NAG C3   C N R 275 
NAG C4   C N S 276 
NAG C5   C N R 277 
NAG C6   C N N 278 
NAG C7   C N N 279 
NAG C8   C N N 280 
NAG N2   N N N 281 
NAG O1   O N N 282 
NAG O3   O N N 283 
NAG O4   O N N 284 
NAG O5   O N N 285 
NAG O6   O N N 286 
NAG O7   O N N 287 
NAG H1   H N N 288 
NAG H2   H N N 289 
NAG H3   H N N 290 
NAG H4   H N N 291 
NAG H5   H N N 292 
NAG H61  H N N 293 
NAG H62  H N N 294 
NAG H81  H N N 295 
NAG H82  H N N 296 
NAG H83  H N N 297 
NAG HN2  H N N 298 
NAG HO1  H N N 299 
NAG HO3  H N N 300 
NAG HO4  H N N 301 
NAG HO6  H N N 302 
PHE N    N N N 303 
PHE CA   C N S 304 
PHE C    C N N 305 
PHE O    O N N 306 
PHE CB   C N N 307 
PHE CG   C Y N 308 
PHE CD1  C Y N 309 
PHE CD2  C Y N 310 
PHE CE1  C Y N 311 
PHE CE2  C Y N 312 
PHE CZ   C Y N 313 
PHE OXT  O N N 314 
PHE H    H N N 315 
PHE H2   H N N 316 
PHE HA   H N N 317 
PHE HB2  H N N 318 
PHE HB3  H N N 319 
PHE HD1  H N N 320 
PHE HD2  H N N 321 
PHE HE1  H N N 322 
PHE HE2  H N N 323 
PHE HZ   H N N 324 
PHE HXT  H N N 325 
PRO N    N N N 326 
PRO CA   C N S 327 
PRO C    C N N 328 
PRO O    O N N 329 
PRO CB   C N N 330 
PRO CG   C N N 331 
PRO CD   C N N 332 
PRO OXT  O N N 333 
PRO H    H N N 334 
PRO HA   H N N 335 
PRO HB2  H N N 336 
PRO HB3  H N N 337 
PRO HG2  H N N 338 
PRO HG3  H N N 339 
PRO HD2  H N N 340 
PRO HD3  H N N 341 
PRO HXT  H N N 342 
SER N    N N N 343 
SER CA   C N S 344 
SER C    C N N 345 
SER O    O N N 346 
SER CB   C N N 347 
SER OG   O N N 348 
SER OXT  O N N 349 
SER H    H N N 350 
SER H2   H N N 351 
SER HA   H N N 352 
SER HB2  H N N 353 
SER HB3  H N N 354 
SER HG   H N N 355 
SER HXT  H N N 356 
SO4 S    S N N 357 
SO4 O1   O N N 358 
SO4 O2   O N N 359 
SO4 O3   O N N 360 
SO4 O4   O N N 361 
THR N    N N N 362 
THR CA   C N S 363 
THR C    C N N 364 
THR O    O N N 365 
THR CB   C N R 366 
THR OG1  O N N 367 
THR CG2  C N N 368 
THR OXT  O N N 369 
THR H    H N N 370 
THR H2   H N N 371 
THR HA   H N N 372 
THR HB   H N N 373 
THR HG1  H N N 374 
THR HG21 H N N 375 
THR HG22 H N N 376 
THR HG23 H N N 377 
THR HXT  H N N 378 
TYR N    N N N 379 
TYR CA   C N S 380 
TYR C    C N N 381 
TYR O    O N N 382 
TYR CB   C N N 383 
TYR CG   C Y N 384 
TYR CD1  C Y N 385 
TYR CD2  C Y N 386 
TYR CE1  C Y N 387 
TYR CE2  C Y N 388 
TYR CZ   C Y N 389 
TYR OH   O N N 390 
TYR OXT  O N N 391 
TYR H    H N N 392 
TYR H2   H N N 393 
TYR HA   H N N 394 
TYR HB2  H N N 395 
TYR HB3  H N N 396 
TYR HD1  H N N 397 
TYR HD2  H N N 398 
TYR HE1  H N N 399 
TYR HE2  H N N 400 
TYR HH   H N N 401 
TYR HXT  H N N 402 
VAL N    N N N 403 
VAL CA   C N S 404 
VAL C    C N N 405 
VAL O    O N N 406 
VAL CB   C N N 407 
VAL CG1  C N N 408 
VAL CG2  C N N 409 
VAL OXT  O N N 410 
VAL H    H N N 411 
VAL H2   H N N 412 
VAL HA   H N N 413 
VAL HB   H N N 414 
VAL HG11 H N N 415 
VAL HG12 H N N 416 
VAL HG13 H N N 417 
VAL HG21 H N N 418 
VAL HG22 H N N 419 
VAL HG23 H N N 420 
VAL HXT  H N N 421 
# 
loop_
_chem_comp_bond.comp_id 
_chem_comp_bond.atom_id_1 
_chem_comp_bond.atom_id_2 
_chem_comp_bond.value_order 
_chem_comp_bond.pdbx_aromatic_flag 
_chem_comp_bond.pdbx_stereo_config 
_chem_comp_bond.pdbx_ordinal 
ALA N   CA   sing N N 1   
ALA N   H    sing N N 2   
ALA N   H2   sing N N 3   
ALA CA  C    sing N N 4   
ALA CA  CB   sing N N 5   
ALA CA  HA   sing N N 6   
ALA C   O    doub N N 7   
ALA C   OXT  sing N N 8   
ALA CB  HB1  sing N N 9   
ALA CB  HB2  sing N N 10  
ALA CB  HB3  sing N N 11  
ALA OXT HXT  sing N N 12  
ARG N   CA   sing N N 13  
ARG N   H    sing N N 14  
ARG N   H2   sing N N 15  
ARG CA  C    sing N N 16  
ARG CA  CB   sing N N 17  
ARG CA  HA   sing N N 18  
ARG C   O    doub N N 19  
ARG C   OXT  sing N N 20  
ARG CB  CG   sing N N 21  
ARG CB  HB2  sing N N 22  
ARG CB  HB3  sing N N 23  
ARG CG  CD   sing N N 24  
ARG CG  HG2  sing N N 25  
ARG CG  HG3  sing N N 26  
ARG CD  NE   sing N N 27  
ARG CD  HD2  sing N N 28  
ARG CD  HD3  sing N N 29  
ARG NE  CZ   sing N N 30  
ARG NE  HE   sing N N 31  
ARG CZ  NH1  sing N N 32  
ARG CZ  NH2  doub N N 33  
ARG NH1 HH11 sing N N 34  
ARG NH1 HH12 sing N N 35  
ARG NH2 HH21 sing N N 36  
ARG NH2 HH22 sing N N 37  
ARG OXT HXT  sing N N 38  
ASN N   CA   sing N N 39  
ASN N   H    sing N N 40  
ASN N   H2   sing N N 41  
ASN CA  C    sing N N 42  
ASN CA  CB   sing N N 43  
ASN CA  HA   sing N N 44  
ASN C   O    doub N N 45  
ASN C   OXT  sing N N 46  
ASN CB  CG   sing N N 47  
ASN CB  HB2  sing N N 48  
ASN CB  HB3  sing N N 49  
ASN CG  OD1  doub N N 50  
ASN CG  ND2  sing N N 51  
ASN ND2 HD21 sing N N 52  
ASN ND2 HD22 sing N N 53  
ASN OXT HXT  sing N N 54  
ASP N   CA   sing N N 55  
ASP N   H    sing N N 56  
ASP N   H2   sing N N 57  
ASP CA  C    sing N N 58  
ASP CA  CB   sing N N 59  
ASP CA  HA   sing N N 60  
ASP C   O    doub N N 61  
ASP C   OXT  sing N N 62  
ASP CB  CG   sing N N 63  
ASP CB  HB2  sing N N 64  
ASP CB  HB3  sing N N 65  
ASP CG  OD1  doub N N 66  
ASP CG  OD2  sing N N 67  
ASP OD2 HD2  sing N N 68  
ASP OXT HXT  sing N N 69  
BDP C1  C2   sing N N 70  
BDP C1  O5   sing N N 71  
BDP C1  O1   sing N N 72  
BDP C1  H1   sing N N 73  
BDP C2  C3   sing N N 74  
BDP C2  O2   sing N N 75  
BDP C2  H2   sing N N 76  
BDP C3  C4   sing N N 77  
BDP C3  O3   sing N N 78  
BDP C3  H3   sing N N 79  
BDP C4  C5   sing N N 80  
BDP C4  O4   sing N N 81  
BDP C4  H4   sing N N 82  
BDP C5  C6   sing N N 83  
BDP C5  O5   sing N N 84  
BDP C5  H5   sing N N 85  
BDP C6  O6A  doub N N 86  
BDP C6  O6B  sing N N 87  
BDP O2  HO2  sing N N 88  
BDP O3  HO3  sing N N 89  
BDP O4  HO4  sing N N 90  
BDP O1  HO1  sing N N 91  
BDP O6B HO6B sing N N 92  
CYS N   CA   sing N N 93  
CYS N   H    sing N N 94  
CYS N   H2   sing N N 95  
CYS CA  C    sing N N 96  
CYS CA  CB   sing N N 97  
CYS CA  HA   sing N N 98  
CYS C   O    doub N N 99  
CYS C   OXT  sing N N 100 
CYS CB  SG   sing N N 101 
CYS CB  HB2  sing N N 102 
CYS CB  HB3  sing N N 103 
CYS SG  HG   sing N N 104 
CYS OXT HXT  sing N N 105 
GLN N   CA   sing N N 106 
GLN N   H    sing N N 107 
GLN N   H2   sing N N 108 
GLN CA  C    sing N N 109 
GLN CA  CB   sing N N 110 
GLN CA  HA   sing N N 111 
GLN C   O    doub N N 112 
GLN C   OXT  sing N N 113 
GLN CB  CG   sing N N 114 
GLN CB  HB2  sing N N 115 
GLN CB  HB3  sing N N 116 
GLN CG  CD   sing N N 117 
GLN CG  HG2  sing N N 118 
GLN CG  HG3  sing N N 119 
GLN CD  OE1  doub N N 120 
GLN CD  NE2  sing N N 121 
GLN NE2 HE21 sing N N 122 
GLN NE2 HE22 sing N N 123 
GLN OXT HXT  sing N N 124 
GLU N   CA   sing N N 125 
GLU N   H    sing N N 126 
GLU N   H2   sing N N 127 
GLU CA  C    sing N N 128 
GLU CA  CB   sing N N 129 
GLU CA  HA   sing N N 130 
GLU C   O    doub N N 131 
GLU C   OXT  sing N N 132 
GLU CB  CG   sing N N 133 
GLU CB  HB2  sing N N 134 
GLU CB  HB3  sing N N 135 
GLU CG  CD   sing N N 136 
GLU CG  HG2  sing N N 137 
GLU CG  HG3  sing N N 138 
GLU CD  OE1  doub N N 139 
GLU CD  OE2  sing N N 140 
GLU OE2 HE2  sing N N 141 
GLU OXT HXT  sing N N 142 
GLY N   CA   sing N N 143 
GLY N   H    sing N N 144 
GLY N   H2   sing N N 145 
GLY CA  C    sing N N 146 
GLY CA  HA2  sing N N 147 
GLY CA  HA3  sing N N 148 
GLY C   O    doub N N 149 
GLY C   OXT  sing N N 150 
GLY OXT HXT  sing N N 151 
HIS N   CA   sing N N 152 
HIS N   H    sing N N 153 
HIS N   H2   sing N N 154 
HIS CA  C    sing N N 155 
HIS CA  CB   sing N N 156 
HIS CA  HA   sing N N 157 
HIS C   O    doub N N 158 
HIS C   OXT  sing N N 159 
HIS CB  CG   sing N N 160 
HIS CB  HB2  sing N N 161 
HIS CB  HB3  sing N N 162 
HIS CG  ND1  sing Y N 163 
HIS CG  CD2  doub Y N 164 
HIS ND1 CE1  doub Y N 165 
HIS ND1 HD1  sing N N 166 
HIS CD2 NE2  sing Y N 167 
HIS CD2 HD2  sing N N 168 
HIS CE1 NE2  sing Y N 169 
HIS CE1 HE1  sing N N 170 
HIS NE2 HE2  sing N N 171 
HIS OXT HXT  sing N N 172 
HOH O   H1   sing N N 173 
HOH O   H2   sing N N 174 
ILE N   CA   sing N N 175 
ILE N   H    sing N N 176 
ILE N   H2   sing N N 177 
ILE CA  C    sing N N 178 
ILE CA  CB   sing N N 179 
ILE CA  HA   sing N N 180 
ILE C   O    doub N N 181 
ILE C   OXT  sing N N 182 
ILE CB  CG1  sing N N 183 
ILE CB  CG2  sing N N 184 
ILE CB  HB   sing N N 185 
ILE CG1 CD1  sing N N 186 
ILE CG1 HG12 sing N N 187 
ILE CG1 HG13 sing N N 188 
ILE CG2 HG21 sing N N 189 
ILE CG2 HG22 sing N N 190 
ILE CG2 HG23 sing N N 191 
ILE CD1 HD11 sing N N 192 
ILE CD1 HD12 sing N N 193 
ILE CD1 HD13 sing N N 194 
ILE OXT HXT  sing N N 195 
LEU N   CA   sing N N 196 
LEU N   H    sing N N 197 
LEU N   H2   sing N N 198 
LEU CA  C    sing N N 199 
LEU CA  CB   sing N N 200 
LEU CA  HA   sing N N 201 
LEU C   O    doub N N 202 
LEU C   OXT  sing N N 203 
LEU CB  CG   sing N N 204 
LEU CB  HB2  sing N N 205 
LEU CB  HB3  sing N N 206 
LEU CG  CD1  sing N N 207 
LEU CG  CD2  sing N N 208 
LEU CG  HG   sing N N 209 
LEU CD1 HD11 sing N N 210 
LEU CD1 HD12 sing N N 211 
LEU CD1 HD13 sing N N 212 
LEU CD2 HD21 sing N N 213 
LEU CD2 HD22 sing N N 214 
LEU CD2 HD23 sing N N 215 
LEU OXT HXT  sing N N 216 
LYS N   CA   sing N N 217 
LYS N   H    sing N N 218 
LYS N   H2   sing N N 219 
LYS CA  C    sing N N 220 
LYS CA  CB   sing N N 221 
LYS CA  HA   sing N N 222 
LYS C   O    doub N N 223 
LYS C   OXT  sing N N 224 
LYS CB  CG   sing N N 225 
LYS CB  HB2  sing N N 226 
LYS CB  HB3  sing N N 227 
LYS CG  CD   sing N N 228 
LYS CG  HG2  sing N N 229 
LYS CG  HG3  sing N N 230 
LYS CD  CE   sing N N 231 
LYS CD  HD2  sing N N 232 
LYS CD  HD3  sing N N 233 
LYS CE  NZ   sing N N 234 
LYS CE  HE2  sing N N 235 
LYS CE  HE3  sing N N 236 
LYS NZ  HZ1  sing N N 237 
LYS NZ  HZ2  sing N N 238 
LYS NZ  HZ3  sing N N 239 
LYS OXT HXT  sing N N 240 
MET N   CA   sing N N 241 
MET N   H    sing N N 242 
MET N   H2   sing N N 243 
MET CA  C    sing N N 244 
MET CA  CB   sing N N 245 
MET CA  HA   sing N N 246 
MET C   O    doub N N 247 
MET C   OXT  sing N N 248 
MET CB  CG   sing N N 249 
MET CB  HB2  sing N N 250 
MET CB  HB3  sing N N 251 
MET CG  SD   sing N N 252 
MET CG  HG2  sing N N 253 
MET CG  HG3  sing N N 254 
MET SD  CE   sing N N 255 
MET CE  HE1  sing N N 256 
MET CE  HE2  sing N N 257 
MET CE  HE3  sing N N 258 
MET OXT HXT  sing N N 259 
NAG C1  C2   sing N N 260 
NAG C1  O1   sing N N 261 
NAG C1  O5   sing N N 262 
NAG C1  H1   sing N N 263 
NAG C2  C3   sing N N 264 
NAG C2  N2   sing N N 265 
NAG C2  H2   sing N N 266 
NAG C3  C4   sing N N 267 
NAG C3  O3   sing N N 268 
NAG C3  H3   sing N N 269 
NAG C4  C5   sing N N 270 
NAG C4  O4   sing N N 271 
NAG C4  H4   sing N N 272 
NAG C5  C6   sing N N 273 
NAG C5  O5   sing N N 274 
NAG C5  H5   sing N N 275 
NAG C6  O6   sing N N 276 
NAG C6  H61  sing N N 277 
NAG C6  H62  sing N N 278 
NAG C7  C8   sing N N 279 
NAG C7  N2   sing N N 280 
NAG C7  O7   doub N N 281 
NAG C8  H81  sing N N 282 
NAG C8  H82  sing N N 283 
NAG C8  H83  sing N N 284 
NAG N2  HN2  sing N N 285 
NAG O1  HO1  sing N N 286 
NAG O3  HO3  sing N N 287 
NAG O4  HO4  sing N N 288 
NAG O6  HO6  sing N N 289 
PHE N   CA   sing N N 290 
PHE N   H    sing N N 291 
PHE N   H2   sing N N 292 
PHE CA  C    sing N N 293 
PHE CA  CB   sing N N 294 
PHE CA  HA   sing N N 295 
PHE C   O    doub N N 296 
PHE C   OXT  sing N N 297 
PHE CB  CG   sing N N 298 
PHE CB  HB2  sing N N 299 
PHE CB  HB3  sing N N 300 
PHE CG  CD1  doub Y N 301 
PHE CG  CD2  sing Y N 302 
PHE CD1 CE1  sing Y N 303 
PHE CD1 HD1  sing N N 304 
PHE CD2 CE2  doub Y N 305 
PHE CD2 HD2  sing N N 306 
PHE CE1 CZ   doub Y N 307 
PHE CE1 HE1  sing N N 308 
PHE CE2 CZ   sing Y N 309 
PHE CE2 HE2  sing N N 310 
PHE CZ  HZ   sing N N 311 
PHE OXT HXT  sing N N 312 
PRO N   CA   sing N N 313 
PRO N   CD   sing N N 314 
PRO N   H    sing N N 315 
PRO CA  C    sing N N 316 
PRO CA  CB   sing N N 317 
PRO CA  HA   sing N N 318 
PRO C   O    doub N N 319 
PRO C   OXT  sing N N 320 
PRO CB  CG   sing N N 321 
PRO CB  HB2  sing N N 322 
PRO CB  HB3  sing N N 323 
PRO CG  CD   sing N N 324 
PRO CG  HG2  sing N N 325 
PRO CG  HG3  sing N N 326 
PRO CD  HD2  sing N N 327 
PRO CD  HD3  sing N N 328 
PRO OXT HXT  sing N N 329 
SER N   CA   sing N N 330 
SER N   H    sing N N 331 
SER N   H2   sing N N 332 
SER CA  C    sing N N 333 
SER CA  CB   sing N N 334 
SER CA  HA   sing N N 335 
SER C   O    doub N N 336 
SER C   OXT  sing N N 337 
SER CB  OG   sing N N 338 
SER CB  HB2  sing N N 339 
SER CB  HB3  sing N N 340 
SER OG  HG   sing N N 341 
SER OXT HXT  sing N N 342 
SO4 S   O1   doub N N 343 
SO4 S   O2   doub N N 344 
SO4 S   O3   sing N N 345 
SO4 S   O4   sing N N 346 
THR N   CA   sing N N 347 
THR N   H    sing N N 348 
THR N   H2   sing N N 349 
THR CA  C    sing N N 350 
THR CA  CB   sing N N 351 
THR CA  HA   sing N N 352 
THR C   O    doub N N 353 
THR C   OXT  sing N N 354 
THR CB  OG1  sing N N 355 
THR CB  CG2  sing N N 356 
THR CB  HB   sing N N 357 
THR OG1 HG1  sing N N 358 
THR CG2 HG21 sing N N 359 
THR CG2 HG22 sing N N 360 
THR CG2 HG23 sing N N 361 
THR OXT HXT  sing N N 362 
TYR N   CA   sing N N 363 
TYR N   H    sing N N 364 
TYR N   H2   sing N N 365 
TYR CA  C    sing N N 366 
TYR CA  CB   sing N N 367 
TYR CA  HA   sing N N 368 
TYR C   O    doub N N 369 
TYR C   OXT  sing N N 370 
TYR CB  CG   sing N N 371 
TYR CB  HB2  sing N N 372 
TYR CB  HB3  sing N N 373 
TYR CG  CD1  doub Y N 374 
TYR CG  CD2  sing Y N 375 
TYR CD1 CE1  sing Y N 376 
TYR CD1 HD1  sing N N 377 
TYR CD2 CE2  doub Y N 378 
TYR CD2 HD2  sing N N 379 
TYR CE1 CZ   doub Y N 380 
TYR CE1 HE1  sing N N 381 
TYR CE2 CZ   sing Y N 382 
TYR CE2 HE2  sing N N 383 
TYR CZ  OH   sing N N 384 
TYR OH  HH   sing N N 385 
TYR OXT HXT  sing N N 386 
VAL N   CA   sing N N 387 
VAL N   H    sing N N 388 
VAL N   H2   sing N N 389 
VAL CA  C    sing N N 390 
VAL CA  CB   sing N N 391 
VAL CA  HA   sing N N 392 
VAL C   O    doub N N 393 
VAL C   OXT  sing N N 394 
VAL CB  CG1  sing N N 395 
VAL CB  CG2  sing N N 396 
VAL CB  HB   sing N N 397 
VAL CG1 HG11 sing N N 398 
VAL CG1 HG12 sing N N 399 
VAL CG1 HG13 sing N N 400 
VAL CG2 HG21 sing N N 401 
VAL CG2 HG22 sing N N 402 
VAL CG2 HG23 sing N N 403 
VAL OXT HXT  sing N N 404 
# 
loop_
_pdbx_entity_branch_list.entity_id 
_pdbx_entity_branch_list.comp_id 
_pdbx_entity_branch_list.num 
_pdbx_entity_branch_list.hetero 
2 NAG 1 n 
2 BDP 2 n 
2 NAG 3 n 
2 BDP 4 n 
# 
_atom_sites.entry_id                    4MRD 
_atom_sites.fract_transf_matrix[1][1]   0.00906639 
_atom_sites.fract_transf_matrix[1][2]   -0.01773073 
_atom_sites.fract_transf_matrix[1][3]   0.03113622 
_atom_sites.fract_transf_matrix[2][1]   -0.01125893 
_atom_sites.fract_transf_matrix[2][2]   -0.00452359 
_atom_sites.fract_transf_matrix[2][3]   0.00070244 
_atom_sites.fract_transf_matrix[3][1]   0.01278622 
_atom_sites.fract_transf_matrix[3][2]   -0.03225035 
_atom_sites.fract_transf_matrix[3][3]   -0.00274539 
_atom_sites.fract_transf_vector[1]      0.089261 
_atom_sites.fract_transf_vector[2]      -0.008949 
_atom_sites.fract_transf_vector[3]      0.071987 
# 
loop_
_atom_type.symbol 
C 
N 
O 
S 
# 
loop_
_atom_site.group_PDB 
_atom_site.id 
_atom_site.type_symbol 
_atom_site.label_atom_id 
_atom_site.label_alt_id 
_atom_site.label_comp_id 
_atom_site.label_asym_id 
_atom_site.label_entity_id 
_atom_site.label_seq_id 
_atom_site.pdbx_PDB_ins_code 
_atom_site.Cartn_x 
_atom_site.Cartn_y 
_atom_site.Cartn_z 
_atom_site.occupancy 
_atom_site.B_iso_or_equiv 
_atom_site.pdbx_formal_charge 
_atom_site.auth_seq_id 
_atom_site.auth_comp_id 
_atom_site.auth_asym_id 
_atom_site.auth_atom_id 
_atom_site.pdbx_PDB_model_num 
ATOM   1    N N   . GLN A 1 1   ? -9.787  -6.975  14.774  1.00 19.96 ? 25  GLN A N   1 
ATOM   2    C CA  . GLN A 1 1   ? -9.352  -5.554  14.604  1.00 20.21 ? 25  GLN A CA  1 
ATOM   3    C C   . GLN A 1 1   ? -8.228  -5.446  13.566  1.00 19.61 ? 25  GLN A C   1 
ATOM   4    O O   . GLN A 1 1   ? -7.231  -6.166  13.648  1.00 19.71 ? 25  GLN A O   1 
ATOM   5    C CB  . GLN A 1 1   ? -8.889  -4.979  15.937  1.00 20.61 ? 25  GLN A CB  1 
ATOM   6    C CG  . GLN A 1 1   ? -8.901  -3.455  16.024  1.00 23.68 ? 25  GLN A CG  1 
ATOM   7    C CD  . GLN A 1 1   ? -9.973  -2.906  16.983  1.00 28.01 ? 25  GLN A CD  1 
ATOM   8    O OE1 . GLN A 1 1   ? -10.742 -3.667  17.603  1.00 29.37 ? 25  GLN A OE1 1 
ATOM   9    N NE2 . GLN A 1 1   ? -10.016 -1.568  17.116  1.00 28.85 ? 25  GLN A NE2 1 
ATOM   10   N N   . ILE A 1 2   ? -8.389  -4.553  12.585  1.00 18.98 ? 26  ILE A N   1 
ATOM   11   C CA  . ILE A 1 2   ? -7.367  -4.376  11.527  1.00 17.83 ? 26  ILE A CA  1 
ATOM   12   C C   . ILE A 1 2   ? -6.933  -2.917  11.378  1.00 17.71 ? 26  ILE A C   1 
ATOM   13   O O   . ILE A 1 2   ? -7.734  -2.033  11.013  1.00 17.82 ? 26  ILE A O   1 
ATOM   14   C CB  . ILE A 1 2   ? -7.804  -4.977  10.157  1.00 17.44 ? 26  ILE A CB  1 
ATOM   15   C CG1 . ILE A 1 2   ? -7.932  -6.501  10.254  1.00 17.08 ? 26  ILE A CG1 1 
ATOM   16   C CG2 . ILE A 1 2   ? -6.802  -4.637  9.067   1.00 17.41 ? 26  ILE A CG2 1 
ATOM   17   C CD1 . ILE A 1 2   ? -8.593  -7.144  9.046   1.00 16.47 ? 26  ILE A CD1 1 
ATOM   18   N N   . ASP A 1 3   ? -5.654  -2.688  11.672  1.00 17.10 ? 27  ASP A N   1 
ATOM   19   C CA  . ASP A 1 3   ? -5.010  -1.392  11.505  1.00 16.55 ? 27  ASP A CA  1 
ATOM   20   C C   . ASP A 1 3   ? -4.307  -1.318  10.142  1.00 15.47 ? 27  ASP A C   1 
ATOM   21   O O   . ASP A 1 3   ? -3.446  -2.153  9.845   1.00 15.35 ? 27  ASP A O   1 
ATOM   22   C CB  . ASP A 1 3   ? -4.006  -1.160  12.644  1.00 17.13 ? 27  ASP A CB  1 
ATOM   23   C CG  . ASP A 1 3   ? -4.681  -0.808  13.970  1.00 19.10 ? 27  ASP A CG  1 
ATOM   24   O OD1 . ASP A 1 3   ? -5.599  -1.549  14.422  1.00 21.69 ? 27  ASP A OD1 1 
ATOM   25   O OD2 . ASP A 1 3   ? -4.286  0.218   14.562  1.00 19.82 ? 27  ASP A OD2 1 
ATOM   26   N N   . LEU A 1 4   ? -4.695  -0.333  9.322   1.00 14.23 ? 28  LEU A N   1 
ATOM   27   C CA  . LEU A 1 4   ? -4.112  -0.097  7.982   1.00 12.85 ? 28  LEU A CA  1 
ATOM   28   C C   . LEU A 1 4   ? -3.366  1.225   7.955   1.00 12.22 ? 28  LEU A C   1 
ATOM   29   O O   . LEU A 1 4   ? -3.982  2.284   7.883   1.00 11.96 ? 28  LEU A O   1 
ATOM   30   C CB  . LEU A 1 4   ? -5.187  -0.090  6.881   1.00 12.48 ? 28  LEU A CB  1 
ATOM   31   C CG  . LEU A 1 4   ? -6.190  -1.249  6.743   1.00 11.50 ? 28  LEU A CG  1 
ATOM   32   C CD1 . LEU A 1 4   ? -7.348  -0.847  5.844   1.00 9.92  ? 28  LEU A CD1 1 
ATOM   33   C CD2 . LEU A 1 4   ? -5.530  -2.488  6.201   1.00 11.18 ? 28  LEU A CD2 1 
ATOM   34   N N   . ASN A 1 5   ? -2.041  1.158   8.024   1.00 11.93 ? 29  ASN A N   1 
ATOM   35   C CA  . ASN A 1 5   ? -1.203  2.356   8.010   1.00 11.51 ? 29  ASN A CA  1 
ATOM   36   C C   . ASN A 1 5   ? -0.898  2.811   6.599   1.00 11.21 ? 29  ASN A C   1 
ATOM   37   O O   . ASN A 1 5   ? -0.433  2.021   5.760   1.00 10.68 ? 29  ASN A O   1 
ATOM   38   C CB  . ASN A 1 5   ? 0.085   2.139   8.792   1.00 11.84 ? 29  ASN A CB  1 
ATOM   39   C CG  . ASN A 1 5   ? -0.164  1.880   10.267  1.00 13.26 ? 29  ASN A CG  1 
ATOM   40   O OD1 . ASN A 1 5   ? 0.099   2.737   11.103  1.00 14.45 ? 29  ASN A OD1 1 
ATOM   41   N ND2 . ASN A 1 5   ? -0.682  0.700   10.591  1.00 15.37 ? 29  ASN A ND2 1 
ATOM   42   N N   . VAL A 1 6   ? -1.178  4.088   6.343   1.00 10.65 ? 30  VAL A N   1 
ATOM   43   C CA  . VAL A 1 6   ? -1.063  4.633   5.001   1.00 10.36 ? 30  VAL A CA  1 
ATOM   44   C C   . VAL A 1 6   ? -0.061  5.764   4.951   1.00 10.23 ? 30  VAL A C   1 
ATOM   45   O O   . VAL A 1 6   ? 0.098   6.502   5.918   1.00 10.19 ? 30  VAL A O   1 
ATOM   46   C CB  . VAL A 1 6   ? -2.436  5.104   4.418   1.00 10.59 ? 30  VAL A CB  1 
ATOM   47   C CG1 . VAL A 1 6   ? -3.461  3.970   4.494   1.00 9.77  ? 30  VAL A CG1 1 
ATOM   48   C CG2 . VAL A 1 6   ? -2.949  6.368   5.118   1.00 9.52  ? 30  VAL A CG2 1 
ATOM   49   N N   . THR A 1 7   ? 0.613   5.883   3.812   1.00 9.92  ? 31  THR A N   1 
ATOM   50   C CA  . THR A 1 7   ? 1.507   6.988   3.577   1.00 9.75  ? 31  THR A CA  1 
ATOM   51   C C   . THR A 1 7   ? 0.762   8.054   2.818   1.00 9.66  ? 31  THR A C   1 
ATOM   52   O O   . THR A 1 7   ? -0.430  7.925   2.529   1.00 9.39  ? 31  THR A O   1 
ATOM   53   C CB  . THR A 1 7   ? 2.719   6.581   2.725   1.00 9.93  ? 31  THR A CB  1 
ATOM   54   O OG1 . THR A 1 7   ? 2.305   6.362   1.361   1.00 10.77 ? 31  THR A OG1 1 
ATOM   55   C CG2 . THR A 1 7   ? 3.400   5.337   3.304   1.00 9.06  ? 31  THR A CG2 1 
ATOM   56   N N   . CYS A 1 8   ? 1.491   9.120   2.511   1.00 9.76  ? 32  CYS A N   1 
ATOM   57   C CA  . CYS A 1 8   ? 1.030   10.161  1.631   1.00 9.56  ? 32  CYS A CA  1 
ATOM   58   C C   . CYS A 1 8   ? 0.915   9.559   0.251   1.00 9.07  ? 32  CYS A C   1 
ATOM   59   O O   . CYS A 1 8   ? 1.604   8.586   -0.067  1.00 9.01  ? 32  CYS A O   1 
ATOM   60   C CB  . CYS A 1 8   ? 2.060   11.269  1.614   1.00 9.66  ? 32  CYS A CB  1 
ATOM   61   S SG  . CYS A 1 8   ? 2.330   11.998  3.237   1.00 12.44 ? 32  CYS A SG  1 
ATOM   62   N N   . ARG A 1 9   ? 0.025   10.116  -0.559  1.00 8.34  ? 33  ARG A N   1 
ATOM   63   C CA  . ARG A 1 9   ? -0.100  9.691   -1.932  1.00 7.44  ? 33  ARG A CA  1 
ATOM   64   C C   . ARG A 1 9   ? 0.870   10.489  -2.783  1.00 7.39  ? 33  ARG A C   1 
ATOM   65   O O   . ARG A 1 9   ? 1.094   11.683  -2.540  1.00 7.57  ? 33  ARG A O   1 
ATOM   66   C CB  . ARG A 1 9   ? -1.535  9.881   -2.410  1.00 7.43  ? 33  ARG A CB  1 
ATOM   67   C CG  . ARG A 1 9   ? -2.458  8.647   -2.232  1.00 6.90  ? 33  ARG A CG  1 
ATOM   68   C CD  . ARG A 1 9   ? -3.065  8.495   -0.832  1.00 6.93  ? 33  ARG A CD  1 
ATOM   69   N NE  . ARG A 1 9   ? -3.544  9.767   -0.284  1.00 7.75  ? 33  ARG A NE  1 
ATOM   70   C CZ  . ARG A 1 9   ? -3.291  10.209  0.944   1.00 7.89  ? 33  ARG A CZ  1 
ATOM   71   N NH1 . ARG A 1 9   ? -2.590  9.477   1.799   1.00 9.38  ? 33  ARG A NH1 1 
ATOM   72   N NH2 . ARG A 1 9   ? -3.756  11.386  1.322   1.00 8.11  ? 33  ARG A NH2 1 
ATOM   73   N N   . TYR A 1 10  ? 1.479   9.822   -3.752  1.00 7.00  ? 34  TYR A N   1 
ATOM   74   C CA  . TYR A 1 10  ? 2.365   10.483  -4.720  1.00 7.22  ? 34  TYR A CA  1 
ATOM   75   C C   . TYR A 1 10  ? 1.899   10.084  -6.100  1.00 7.06  ? 34  TYR A C   1 
ATOM   76   O O   . TYR A 1 10  ? 1.905   8.900   -6.445  1.00 7.00  ? 34  TYR A O   1 
ATOM   77   C CB  . TYR A 1 10  ? 3.833   10.070  -4.533  1.00 7.29  ? 34  TYR A CB  1 
ATOM   78   C CG  . TYR A 1 10  ? 4.415   10.488  -3.199  1.00 7.98  ? 34  TYR A CG  1 
ATOM   79   C CD1 . TYR A 1 10  ? 5.220   11.625  -3.097  1.00 7.55  ? 34  TYR A CD1 1 
ATOM   80   C CD2 . TYR A 1 10  ? 4.149   9.746   -2.041  1.00 7.33  ? 34  TYR A CD2 1 
ATOM   81   C CE1 . TYR A 1 10  ? 5.755   12.011  -1.882  1.00 9.86  ? 34  TYR A CE1 1 
ATOM   82   C CE2 . TYR A 1 10  ? 4.665   10.120  -0.820  1.00 9.44  ? 34  TYR A CE2 1 
ATOM   83   C CZ  . TYR A 1 10  ? 5.469   11.254  -0.745  1.00 11.45 ? 34  TYR A CZ  1 
ATOM   84   O OH  . TYR A 1 10  ? 5.983   11.629  0.461   1.00 11.36 ? 34  TYR A OH  1 
ATOM   85   N N   . ALA A 1 11  ? 1.482   11.071  -6.889  1.00 6.98  ? 35  ALA A N   1 
ATOM   86   C CA  . ALA A 1 11  ? 0.854   10.795  -8.172  1.00 6.43  ? 35  ALA A CA  1 
ATOM   87   C C   . ALA A 1 11  ? -0.229  9.712   -8.001  1.00 6.10  ? 35  ALA A C   1 
ATOM   88   O O   . ALA A 1 11  ? -0.449  8.874   -8.888  1.00 6.49  ? 35  ALA A O   1 
ATOM   89   C CB  . ALA A 1 11  ? 1.904   10.389  -9.197  1.00 5.77  ? 35  ALA A CB  1 
ATOM   90   N N   . GLY A 1 12  ? -0.901  9.734   -6.855  1.00 5.38  ? 36  GLY A N   1 
ATOM   91   C CA  . GLY A 1 12  ? -1.969  8.790   -6.595  1.00 5.08  ? 36  GLY A CA  1 
ATOM   92   C C   . GLY A 1 12  ? -1.535  7.471   -6.000  1.00 5.13  ? 36  GLY A C   1 
ATOM   93   O O   . GLY A 1 12  ? -2.384  6.646   -5.672  1.00 6.15  ? 36  GLY A O   1 
ATOM   94   N N   . VAL A 1 13  ? -0.225  7.256   -5.852  1.00 4.91  ? 37  VAL A N   1 
ATOM   95   C CA  . VAL A 1 13  ? 0.311   5.977   -5.359  1.00 4.34  ? 37  VAL A CA  1 
ATOM   96   C C   . VAL A 1 13  ? 0.634   6.045   -3.855  1.00 4.61  ? 37  VAL A C   1 
ATOM   97   O O   . VAL A 1 13  ? 1.279   6.990   -3.418  1.00 4.68  ? 37  VAL A O   1 
ATOM   98   C CB  . VAL A 1 13  ? 1.563   5.510   -6.180  1.00 4.46  ? 37  VAL A CB  1 
ATOM   99   C CG1 . VAL A 1 13  ? 2.180   4.257   -5.570  1.00 2.75  ? 37  VAL A CG1 1 
ATOM   100  C CG2 . VAL A 1 13  ? 1.217   5.283   -7.683  1.00 2.81  ? 37  VAL A CG2 1 
ATOM   101  N N   . PHE A 1 14  ? 0.174   5.067   -3.069  1.00 4.53  ? 38  PHE A N   1 
ATOM   102  C CA  . PHE A 1 14  ? 0.492   5.022   -1.629  1.00 4.72  ? 38  PHE A CA  1 
ATOM   103  C C   . PHE A 1 14  ? 0.843   3.632   -1.112  1.00 4.85  ? 38  PHE A C   1 
ATOM   104  O O   . PHE A 1 14  ? 0.573   2.626   -1.785  1.00 5.04  ? 38  PHE A O   1 
ATOM   105  C CB  . PHE A 1 14  ? -0.604  5.668   -0.758  1.00 4.82  ? 38  PHE A CB  1 
ATOM   106  C CG  . PHE A 1 14  ? -1.984  5.047   -0.893  1.00 5.88  ? 38  PHE A CG  1 
ATOM   107  C CD1 . PHE A 1 14  ? -2.578  4.412   0.185   1.00 6.05  ? 38  PHE A CD1 1 
ATOM   108  C CD2 . PHE A 1 14  ? -2.718  5.142   -2.086  1.00 7.82  ? 38  PHE A CD2 1 
ATOM   109  C CE1 . PHE A 1 14  ? -3.887  3.858   0.083   1.00 6.22  ? 38  PHE A CE1 1 
ATOM   110  C CE2 . PHE A 1 14  ? -4.005  4.572   -2.191  1.00 7.94  ? 38  PHE A CE2 1 
ATOM   111  C CZ  . PHE A 1 14  ? -4.586  3.940   -1.095  1.00 6.33  ? 38  PHE A CZ  1 
ATOM   112  N N   . HIS A 1 15  ? 1.450   3.591   0.073   1.00 4.63  ? 39  HIS A N   1 
ATOM   113  C CA  . HIS A 1 15  ? 1.842   2.343   0.734   1.00 4.98  ? 39  HIS A CA  1 
ATOM   114  C C   . HIS A 1 15  ? 0.824   2.032   1.837   1.00 5.84  ? 39  HIS A C   1 
ATOM   115  O O   . HIS A 1 15  ? 0.394   2.915   2.579   1.00 5.69  ? 39  HIS A O   1 
ATOM   116  C CB  . HIS A 1 15  ? 3.274   2.484   1.294   1.00 4.62  ? 39  HIS A CB  1 
ATOM   117  C CG  . HIS A 1 15  ? 3.723   1.372   2.207   1.00 3.41  ? 39  HIS A CG  1 
ATOM   118  N ND1 . HIS A 1 15  ? 3.773   1.508   3.579   1.00 2.75  ? 39  HIS A ND1 1 
ATOM   119  C CD2 . HIS A 1 15  ? 4.210   0.135   1.942   1.00 2.14  ? 39  HIS A CD2 1 
ATOM   120  C CE1 . HIS A 1 15  ? 4.234   0.393   4.121   1.00 2.00  ? 39  HIS A CE1 1 
ATOM   121  N NE2 . HIS A 1 15  ? 4.494   -0.460  3.150   1.00 2.00  ? 39  HIS A NE2 1 
ATOM   122  N N   . VAL A 1 16  ? 0.428   0.774   1.925   1.00 7.12  ? 40  VAL A N   1 
ATOM   123  C CA  . VAL A 1 16  ? -0.430  0.317   2.989   1.00 8.40  ? 40  VAL A CA  1 
ATOM   124  C C   . VAL A 1 16  ? 0.305   -0.780  3.761   1.00 10.05 ? 40  VAL A C   1 
ATOM   125  O O   . VAL A 1 16  ? 0.755   -1.768  3.171   1.00 10.63 ? 40  VAL A O   1 
ATOM   126  C CB  . VAL A 1 16  ? -1.741  -0.234  2.440   1.00 7.93  ? 40  VAL A CB  1 
ATOM   127  C CG1 . VAL A 1 16  ? -2.709  -0.466  3.573   1.00 8.31  ? 40  VAL A CG1 1 
ATOM   128  C CG2 . VAL A 1 16  ? -2.337  0.710   1.425   1.00 7.13  ? 40  VAL A CG2 1 
ATOM   129  N N   . GLU A 1 17  ? 0.459   -0.594  5.070   1.00 12.07 ? 41  GLU A N   1 
ATOM   130  C CA  . GLU A 1 17  ? 0.916   -1.672  5.966   1.00 13.42 ? 41  GLU A CA  1 
ATOM   131  C C   . GLU A 1 17  ? -0.264  -2.181  6.771   1.00 13.69 ? 41  GLU A C   1 
ATOM   132  O O   . GLU A 1 17  ? -0.921  -1.404  7.458   1.00 13.51 ? 41  GLU A O   1 
ATOM   133  C CB  . GLU A 1 17  ? 1.988   -1.174  6.931   1.00 13.61 ? 41  GLU A CB  1 
ATOM   134  C CG  . GLU A 1 17  ? 2.478   -2.270  7.872   1.00 17.13 ? 41  GLU A CG  1 
ATOM   135  C CD  . GLU A 1 17  ? 2.844   -1.753  9.264   1.00 22.33 ? 41  GLU A CD  1 
ATOM   136  O OE1 . GLU A 1 17  ? 2.002   -1.055  9.911   1.00 22.97 ? 41  GLU A OE1 1 
ATOM   137  O OE2 . GLU A 1 17  ? 3.977   -2.065  9.710   1.00 23.56 ? 41  GLU A OE2 1 
ATOM   138  N N   . LYS A 1 18  ? -0.520  -3.478  6.705   1.00 15.14 ? 42  LYS A N   1 
ATOM   139  C CA  . LYS A 1 18  ? -1.616  -4.074  7.468   1.00 17.05 ? 42  LYS A CA  1 
ATOM   140  C C   . LYS A 1 18  ? -1.078  -4.737  8.736   1.00 18.53 ? 42  LYS A C   1 
ATOM   141  O O   . LYS A 1 18  ? -0.344  -5.731  8.659   1.00 18.97 ? 42  LYS A O   1 
ATOM   142  C CB  . LYS A 1 18  ? -2.393  -5.073  6.605   1.00 17.21 ? 42  LYS A CB  1 
ATOM   143  C CG  . LYS A 1 18  ? -3.626  -5.653  7.247   1.00 17.11 ? 42  LYS A CG  1 
ATOM   144  C CD  . LYS A 1 18  ? -3.745  -7.107  6.876   1.00 17.66 ? 42  LYS A CD  1 
ATOM   145  C CE  . LYS A 1 18  ? -4.667  -7.855  7.821   1.00 17.60 ? 42  LYS A CE  1 
ATOM   146  N NZ  . LYS A 1 18  ? -4.672  -9.284  7.421   1.00 18.27 ? 42  LYS A NZ  1 
ATOM   147  N N   . ASN A 1 19  ? -1.432  -4.170  9.896   1.00 19.89 ? 43  ASN A N   1 
ATOM   148  C CA  . ASN A 1 19  ? -0.926  -4.627  11.204  1.00 21.14 ? 43  ASN A CA  1 
ATOM   149  C C   . ASN A 1 19  ? 0.575   -4.840  11.195  1.00 21.98 ? 43  ASN A C   1 
ATOM   150  O O   . ASN A 1 19  ? 1.363   -3.914  10.993  1.00 22.65 ? 43  ASN A O   1 
ATOM   151  C CB  . ASN A 1 19  ? -1.595  -5.946  11.627  1.00 21.21 ? 43  ASN A CB  1 
ATOM   152  C CG  . ASN A 1 19  ? -3.066  -5.801  11.884  1.00 20.80 ? 43  ASN A CG  1 
ATOM   153  O OD1 . ASN A 1 19  ? -3.529  -4.748  12.338  1.00 20.01 ? 43  ASN A OD1 1 
ATOM   154  N ND2 . ASN A 1 19  ? -3.816  -6.861  11.609  1.00 19.15 ? 43  ASN A ND2 1 
ATOM   155  N N   . GLY A 1 20  ? 0.952   -6.096  11.403  1.00 22.69 ? 44  GLY A N   1 
ATOM   156  C CA  . GLY A 1 20  ? 2.338   -6.515  11.335  1.00 22.88 ? 44  GLY A CA  1 
ATOM   157  C C   . GLY A 1 20  ? 2.880   -6.297  9.939   1.00 22.74 ? 44  GLY A C   1 
ATOM   158  O O   . GLY A 1 20  ? 2.186   -6.496  8.938   1.00 22.91 ? 44  GLY A O   1 
ATOM   159  N N   . ARG A 1 21  ? 4.131   -5.878  9.890   1.00 22.37 ? 45  ARG A N   1 
ATOM   160  C CA  . ARG A 1 21  ? 4.811   -5.603  8.652   1.00 22.56 ? 45  ARG A CA  1 
ATOM   161  C C   . ARG A 1 21  ? 4.905   -6.899  7.862   1.00 21.71 ? 45  ARG A C   1 
ATOM   162  O O   . ARG A 1 21  ? 5.267   -7.935  8.412   1.00 22.35 ? 45  ARG A O   1 
ATOM   163  C CB  . ARG A 1 21  ? 6.174   -4.961  8.993   1.00 23.20 ? 45  ARG A CB  1 
ATOM   164  C CG  . ARG A 1 21  ? 7.370   -5.289  8.126   1.00 25.63 ? 45  ARG A CG  1 
ATOM   165  C CD  . ARG A 1 21  ? 8.638   -4.610  8.676   1.00 28.63 ? 45  ARG A CD  1 
ATOM   166  N NE  . ARG A 1 21  ? 9.818   -5.042  7.928   1.00 31.08 ? 45  ARG A NE  1 
ATOM   167  C CZ  . ARG A 1 21  ? 10.663  -5.983  8.344   1.00 33.38 ? 45  ARG A CZ  1 
ATOM   168  N NH1 . ARG A 1 21  ? 11.702  -6.330  7.579   1.00 34.11 ? 45  ARG A NH1 1 
ATOM   169  N NH2 . ARG A 1 21  ? 10.479  -6.574  9.526   1.00 32.66 ? 45  ARG A NH2 1 
ATOM   170  N N   . TYR A 1 22  ? 4.532   -6.845  6.588   1.00 20.68 ? 46  TYR A N   1 
ATOM   171  C CA  . TYR A 1 22  ? 4.599   -8.006  5.683   1.00 19.63 ? 46  TYR A CA  1 
ATOM   172  C C   . TYR A 1 22  ? 3.629   -9.129  6.091   1.00 19.11 ? 46  TYR A C   1 
ATOM   173  O O   . TYR A 1 22  ? 4.042   -10.260 6.372   1.00 19.39 ? 46  TYR A O   1 
ATOM   174  C CB  . TYR A 1 22  ? 6.037   -8.570  5.530   1.00 19.04 ? 46  TYR A CB  1 
ATOM   175  C CG  . TYR A 1 22  ? 7.121   -7.596  5.071   1.00 18.24 ? 46  TYR A CG  1 
ATOM   176  C CD1 . TYR A 1 22  ? 6.826   -6.499  4.262   1.00 17.34 ? 46  TYR A CD1 1 
ATOM   177  C CD2 . TYR A 1 22  ? 8.460   -7.809  5.412   1.00 17.79 ? 46  TYR A CD2 1 
ATOM   178  C CE1 . TYR A 1 22  ? 7.826   -5.618  3.847   1.00 16.87 ? 46  TYR A CE1 1 
ATOM   179  C CE2 . TYR A 1 22  ? 9.465   -6.938  4.996   1.00 16.97 ? 46  TYR A CE2 1 
ATOM   180  C CZ  . TYR A 1 22  ? 9.138   -5.845  4.217   1.00 17.99 ? 46  TYR A CZ  1 
ATOM   181  O OH  . TYR A 1 22  ? 10.121  -4.972  3.803   1.00 19.51 ? 46  TYR A OH  1 
ATOM   182  N N   . SER A 1 23  ? 2.337   -8.830  6.110   1.00 17.72 ? 47  SER A N   1 
ATOM   183  C CA  . SER A 1 23  ? 1.379   -9.869  6.416   1.00 16.63 ? 47  SER A CA  1 
ATOM   184  C C   . SER A 1 23  ? 0.258   -9.956  5.395   1.00 16.03 ? 47  SER A C   1 
ATOM   185  O O   . SER A 1 23  ? -0.809  -10.490 5.698   1.00 16.22 ? 47  SER A O   1 
ATOM   186  C CB  . SER A 1 23  ? 0.818   -9.670  7.822   1.00 16.45 ? 47  SER A CB  1 
ATOM   187  O OG  . SER A 1 23  ? 0.209   -8.412  7.935   1.00 16.04 ? 47  SER A OG  1 
ATOM   188  N N   . ILE A 1 24  ? 0.494   -9.454  4.189   1.00 15.00 ? 48  ILE A N   1 
ATOM   189  C CA  . ILE A 1 24  ? -0.560  -9.409  3.171   1.00 14.51 ? 48  ILE A CA  1 
ATOM   190  C C   . ILE A 1 24  ? -0.225  -10.333 2.005   1.00 13.98 ? 48  ILE A C   1 
ATOM   191  O O   . ILE A 1 24  ? 0.916   -10.380 1.552   1.00 14.14 ? 48  ILE A O   1 
ATOM   192  C CB  . ILE A 1 24  ? -0.809  -7.947  2.663   1.00 14.68 ? 48  ILE A CB  1 
ATOM   193  C CG1 . ILE A 1 24  ? -0.917  -6.959  3.831   1.00 15.20 ? 48  ILE A CG1 1 
ATOM   194  C CG2 . ILE A 1 24  ? -2.078  -7.841  1.852   1.00 14.51 ? 48  ILE A CG2 1 
ATOM   195  C CD1 . ILE A 1 24  ? -0.719  -5.498  3.420   1.00 14.42 ? 48  ILE A CD1 1 
ATOM   196  N N   . SER A 1 25  ? -1.219  -11.070 1.516   1.00 13.73 ? 49  SER A N   1 
ATOM   197  C CA  . SER A 1 25  ? -1.054  -11.858 0.281   1.00 13.35 ? 49  SER A CA  1 
ATOM   198  C C   . SER A 1 25  ? -1.410  -11.028 -0.944  1.00 13.65 ? 49  SER A C   1 
ATOM   199  O O   . SER A 1 25  ? -1.973  -9.932  -0.817  1.00 13.63 ? 49  SER A O   1 
ATOM   200  C CB  . SER A 1 25  ? -1.903  -13.128 0.309   1.00 13.07 ? 49  SER A CB  1 
ATOM   201  O OG  . SER A 1 25  ? -3.282  -12.813 0.375   1.00 12.01 ? 49  SER A OG  1 
ATOM   202  N N   . ARG A 1 26  ? -1.067  -11.558 -2.126  1.00 13.84 ? 50  ARG A N   1 
ATOM   203  C CA  . ARG A 1 26  ? -1.385  -10.940 -3.409  1.00 13.46 ? 50  ARG A CA  1 
ATOM   204  C C   . ARG A 1 26  ? -2.895  -10.696 -3.517  1.00 13.00 ? 50  ARG A C   1 
ATOM   205  O O   . ARG A 1 26  ? -3.339  -9.600  -3.874  1.00 12.62 ? 50  ARG A O   1 
ATOM   206  C CB  . ARG A 1 26  ? -0.909  -11.843 -4.547  1.00 13.97 ? 50  ARG A CB  1 
ATOM   207  C CG  . ARG A 1 26  ? -1.533  -11.549 -5.926  1.00 17.20 ? 50  ARG A CG  1 
ATOM   208  C CD  . ARG A 1 26  ? -0.857  -10.388 -6.667  1.00 22.32 ? 50  ARG A CD  1 
ATOM   209  N NE  . ARG A 1 26  ? 0.496   -10.752 -7.088  1.00 25.31 ? 50  ARG A NE  1 
ATOM   210  C CZ  . ARG A 1 26  ? 1.415   -9.894  -7.528  1.00 27.30 ? 50  ARG A CZ  1 
ATOM   211  N NH1 . ARG A 1 26  ? 1.141   -8.594  -7.615  1.00 26.30 ? 50  ARG A NH1 1 
ATOM   212  N NH2 . ARG A 1 26  ? 2.624   -10.345 -7.879  1.00 28.63 ? 50  ARG A NH2 1 
ATOM   213  N N   . THR A 1 27  ? -3.680  -11.719 -3.190  1.00 12.08 ? 51  THR A N   1 
ATOM   214  C CA  . THR A 1 27  ? -5.114  -11.602 -3.333  1.00 11.34 ? 51  THR A CA  1 
ATOM   215  C C   . THR A 1 27  ? -5.688  -10.641 -2.293  1.00 10.98 ? 51  THR A C   1 
ATOM   216  O O   . THR A 1 27  ? -6.645  -9.921  -2.574  1.00 11.26 ? 51  THR A O   1 
ATOM   217  C CB  . THR A 1 27  ? -5.824  -12.968 -3.281  1.00 11.45 ? 51  THR A CB  1 
ATOM   218  O OG1 . THR A 1 27  ? -5.495  -13.645 -2.057  1.00 10.61 ? 51  THR A OG1 1 
ATOM   219  C CG2 . THR A 1 27  ? -5.429  -13.812 -4.473  1.00 11.18 ? 51  THR A CG2 1 
ATOM   220  N N   . GLU A 1 28  ? -5.112  -10.606 -1.098  1.00 10.25 ? 52  GLU A N   1 
ATOM   221  C CA  . GLU A 1 28  ? -5.572  -9.621  -0.124  1.00 9.48  ? 52  GLU A CA  1 
ATOM   222  C C   . GLU A 1 28  ? -5.237  -8.191  -0.576  1.00 9.41  ? 52  GLU A C   1 
ATOM   223  O O   . GLU A 1 28  ? -6.101  -7.305  -0.557  1.00 9.49  ? 52  GLU A O   1 
ATOM   224  C CB  . GLU A 1 28  ? -5.055  -9.896  1.273   1.00 8.65  ? 52  GLU A CB  1 
ATOM   225  C CG  . GLU A 1 28  ? -5.676  -8.963  2.290   1.00 8.14  ? 52  GLU A CG  1 
ATOM   226  C CD  . GLU A 1 28  ? -5.484  -9.436  3.703   1.00 8.10  ? 52  GLU A CD  1 
ATOM   227  O OE1 . GLU A 1 28  ? -4.957  -10.546 3.892   1.00 9.38  ? 52  GLU A OE1 1 
ATOM   228  O OE2 . GLU A 1 28  ? -5.858  -8.704  4.633   1.00 8.32  ? 52  GLU A OE2 1 
ATOM   229  N N   . ALA A 1 29  ? -3.998  -7.989  -1.016  1.00 8.97  ? 53  ALA A N   1 
ATOM   230  C CA  . ALA A 1 29  ? -3.576  -6.706  -1.575  1.00 8.94  ? 53  ALA A CA  1 
ATOM   231  C C   . ALA A 1 29  ? -4.602  -6.131  -2.555  1.00 8.80  ? 53  ALA A C   1 
ATOM   232  O O   . ALA A 1 29  ? -4.988  -4.975  -2.434  1.00 8.97  ? 53  ALA A O   1 
ATOM   233  C CB  . ALA A 1 29  ? -2.211  -6.839  -2.242  1.00 8.99  ? 53  ALA A CB  1 
ATOM   234  N N   . ALA A 1 30  ? -5.043  -6.945  -3.510  1.00 8.69  ? 54  ALA A N   1 
ATOM   235  C CA  . ALA A 1 30  ? -5.978  -6.507  -4.536  1.00 8.89  ? 54  ALA A CA  1 
ATOM   236  C C   . ALA A 1 30  ? -7.289  -6.104  -3.895  1.00 9.14  ? 54  ALA A C   1 
ATOM   237  O O   . ALA A 1 30  ? -7.812  -5.029  -4.206  1.00 9.39  ? 54  ALA A O   1 
ATOM   238  C CB  . ALA A 1 30  ? -6.202  -7.600  -5.587  1.00 8.91  ? 54  ALA A CB  1 
ATOM   239  N N   . ASP A 1 31  ? -7.795  -6.949  -2.985  1.00 8.97  ? 55  ASP A N   1 
ATOM   240  C CA  . ASP A 1 31  ? -9.010  -6.658  -2.204  1.00 8.66  ? 55  ASP A CA  1 
ATOM   241  C C   . ASP A 1 31  ? -8.943  -5.373  -1.403  1.00 8.15  ? 55  ASP A C   1 
ATOM   242  O O   . ASP A 1 31  ? -9.904  -4.606  -1.362  1.00 8.12  ? 55  ASP A O   1 
ATOM   243  C CB  . ASP A 1 31  ? -9.340  -7.822  -1.278  1.00 8.42  ? 55  ASP A CB  1 
ATOM   244  C CG  . ASP A 1 31  ? -9.870  -8.992  -2.036  1.00 10.77 ? 55  ASP A CG  1 
ATOM   245  O OD1 . ASP A 1 31  ? -10.013 -8.824  -3.268  1.00 12.19 ? 55  ASP A OD1 1 
ATOM   246  O OD2 . ASP A 1 31  ? -10.124 -10.072 -1.436  1.00 13.83 ? 55  ASP A OD2 1 
ATOM   247  N N   . LEU A 1 32  ? -7.802  -5.167  -0.760  1.00 7.95  ? 56  LEU A N   1 
ATOM   248  C CA  . LEU A 1 32  ? -7.542  -4.008  0.067   1.00 7.79  ? 56  LEU A CA  1 
ATOM   249  C C   . LEU A 1 32  ? -7.576  -2.725  -0.755  1.00 8.02  ? 56  LEU A C   1 
ATOM   250  O O   . LEU A 1 32  ? -8.289  -1.778  -0.415  1.00 8.10  ? 56  LEU A O   1 
ATOM   251  C CB  . LEU A 1 32  ? -6.184  -4.186  0.758   1.00 7.80  ? 56  LEU A CB  1 
ATOM   252  C CG  . LEU A 1 32  ? -5.719  -3.178  1.812   1.00 7.36  ? 56  LEU A CG  1 
ATOM   253  C CD1 . LEU A 1 32  ? -6.761  -2.976  2.869   1.00 6.10  ? 56  LEU A CD1 1 
ATOM   254  C CD2 . LEU A 1 32  ? -4.427  -3.641  2.415   1.00 6.46  ? 56  LEU A CD2 1 
ATOM   255  N N   . CYS A 1 33  ? -6.814  -2.700  -1.844  1.00 8.18  ? 57  CYS A N   1 
ATOM   256  C CA  . CYS A 1 33  ? -6.774  -1.542  -2.731  1.00 8.62  ? 57  CYS A CA  1 
ATOM   257  C C   . CYS A 1 33  ? -8.178  -1.206  -3.179  1.00 9.41  ? 57  CYS A C   1 
ATOM   258  O O   . CYS A 1 33  ? -8.578  -0.026  -3.198  1.00 9.34  ? 57  CYS A O   1 
ATOM   259  C CB  . CYS A 1 33  ? -5.888  -1.813  -3.956  1.00 8.38  ? 57  CYS A CB  1 
ATOM   260  S SG  . CYS A 1 33  ? -4.103  -1.885  -3.571  1.00 6.82  ? 57  CYS A SG  1 
ATOM   261  N N   . GLN A 1 34  ? -8.915  -2.261  -3.523  1.00 9.72  ? 58  GLN A N   1 
ATOM   262  C CA  . GLN A 1 34  ? -10.298 -2.165  -3.947  1.00 10.44 ? 58  GLN A CA  1 
ATOM   263  C C   . GLN A 1 34  ? -11.167 -1.454  -2.904  1.00 10.31 ? 58  GLN A C   1 
ATOM   264  O O   . GLN A 1 34  ? -12.016 -0.631  -3.262  1.00 10.62 ? 58  GLN A O   1 
ATOM   265  C CB  . GLN A 1 34  ? -10.825 -3.557  -4.255  1.00 10.67 ? 58  GLN A CB  1 
ATOM   266  C CG  . GLN A 1 34  ? -11.446 -3.662  -5.609  1.00 14.26 ? 58  GLN A CG  1 
ATOM   267  C CD  . GLN A 1 34  ? -12.950 -3.706  -5.524  1.00 19.67 ? 58  GLN A CD  1 
ATOM   268  O OE1 . GLN A 1 34  ? -13.634 -2.722  -5.866  1.00 21.69 ? 58  GLN A OE1 1 
ATOM   269  N NE2 . GLN A 1 34  ? -13.490 -4.853  -5.057  1.00 18.43 ? 58  GLN A NE2 1 
ATOM   270  N N   . ALA A 1 35  ? -10.915 -1.724  -1.621  1.00 9.79  ? 59  ALA A N   1 
ATOM   271  C CA  . ALA A 1 35  ? -11.606 -1.037  -0.536  1.00 9.72  ? 59  ALA A CA  1 
ATOM   272  C C   . ALA A 1 35  ? -11.306 0.456   -0.486  1.00 10.15 ? 59  ALA A C   1 
ATOM   273  O O   . ALA A 1 35  ? -12.115 1.229   0.008   1.00 10.72 ? 59  ALA A O   1 
ATOM   274  C CB  . ALA A 1 35  ? -11.270 -1.677  0.780   1.00 9.94  ? 59  ALA A CB  1 
ATOM   275  N N   . PHE A 1 36  ? -10.137 0.854   -0.982  1.00 10.35 ? 60  PHE A N   1 
ATOM   276  C CA  . PHE A 1 36  ? -9.770  2.257   -1.129  1.00 10.34 ? 60  PHE A CA  1 
ATOM   277  C C   . PHE A 1 36  ? -10.186 2.863   -2.487  1.00 10.82 ? 60  PHE A C   1 
ATOM   278  O O   . PHE A 1 36  ? -9.718  3.943   -2.845  1.00 10.67 ? 60  PHE A O   1 
ATOM   279  C CB  . PHE A 1 36  ? -8.248  2.399   -1.018  1.00 10.42 ? 60  PHE A CB  1 
ATOM   280  C CG  . PHE A 1 36  ? -7.718  2.322   0.385   1.00 10.14 ? 60  PHE A CG  1 
ATOM   281  C CD1 . PHE A 1 36  ? -7.898  3.376   1.275   1.00 8.95  ? 60  PHE A CD1 1 
ATOM   282  C CD2 . PHE A 1 36  ? -6.991  1.206   0.798   1.00 9.83  ? 60  PHE A CD2 1 
ATOM   283  C CE1 . PHE A 1 36  ? -7.377  3.311   2.561   1.00 9.73  ? 60  PHE A CE1 1 
ATOM   284  C CE2 . PHE A 1 36  ? -6.478  1.127   2.079   1.00 10.07 ? 60  PHE A CE2 1 
ATOM   285  C CZ  . PHE A 1 36  ? -6.667  2.185   2.967   1.00 10.07 ? 60  PHE A CZ  1 
ATOM   286  N N   . ASN A 1 37  ? -11.036 2.175   -3.256  1.00 11.14 ? 61  ASN A N   1 
ATOM   287  C CA  . ASN A 1 37  ? -11.342 2.604   -4.630  1.00 11.46 ? 61  ASN A CA  1 
ATOM   288  C C   . ASN A 1 37  ? -10.102 2.802   -5.485  1.00 10.60 ? 61  ASN A C   1 
ATOM   289  O O   . ASN A 1 37  ? -10.065 3.680   -6.343  1.00 10.31 ? 61  ASN A O   1 
ATOM   290  C CB  . ASN A 1 37  ? -12.175 3.887   -4.630  1.00 12.18 ? 61  ASN A CB  1 
ATOM   291  C CG  . ASN A 1 37  ? -13.642 3.606   -4.689  1.00 15.20 ? 61  ASN A CG  1 
ATOM   292  O OD1 . ASN A 1 37  ? -14.464 4.470   -4.365  1.00 18.86 ? 61  ASN A OD1 1 
ATOM   293  N ND2 . ASN A 1 37  ? -13.999 2.374   -5.091  1.00 16.61 ? 61  ASN A ND2 1 
ATOM   294  N N   . SER A 1 38  ? -9.093  1.975   -5.222  1.00 10.05 ? 62  SER A N   1 
ATOM   295  C CA  . SER A 1 38  ? -7.793  2.045   -5.867  1.00 9.01  ? 62  SER A CA  1 
ATOM   296  C C   . SER A 1 38  ? -7.525  0.734   -6.560  1.00 8.89  ? 62  SER A C   1 
ATOM   297  O O   . SER A 1 38  ? -8.332  -0.192  -6.480  1.00 9.37  ? 62  SER A O   1 
ATOM   298  C CB  . SER A 1 38  ? -6.712  2.296   -4.835  1.00 8.43  ? 62  SER A CB  1 
ATOM   299  O OG  . SER A 1 38  ? -6.916  3.543   -4.202  1.00 8.71  ? 62  SER A OG  1 
ATOM   300  N N   . THR A 1 39  ? -6.391  0.655   -7.239  1.00 8.13  ? 63  THR A N   1 
ATOM   301  C CA  . THR A 1 39  ? -5.944  -0.586  -7.842  1.00 7.92  ? 63  THR A CA  1 
ATOM   302  C C   . THR A 1 39  ? -4.479  -0.826  -7.434  1.00 8.02  ? 63  THR A C   1 
ATOM   303  O O   . THR A 1 39  ? -3.808  0.075   -6.926  1.00 8.25  ? 63  THR A O   1 
ATOM   304  C CB  . THR A 1 39  ? -6.094  -0.536  -9.391  1.00 8.14  ? 63  THR A CB  1 
ATOM   305  O OG1 . THR A 1 39  ? -5.314  0.550   -9.930  1.00 7.28  ? 63  THR A OG1 1 
ATOM   306  C CG2 . THR A 1 39  ? -7.579  -0.355  -9.797  1.00 7.52  ? 63  THR A CG2 1 
ATOM   307  N N   . LEU A 1 40  ? -3.997  -2.048  -7.605  1.00 7.93  ? 64  LEU A N   1 
ATOM   308  C CA  . LEU A 1 40  ? -2.571  -2.317  -7.507  1.00 7.94  ? 64  LEU A CA  1 
ATOM   309  C C   . LEU A 1 40  ? -1.923  -1.502  -8.653  1.00 8.15  ? 64  LEU A C   1 
ATOM   310  O O   . LEU A 1 40  ? -2.441  -1.526  -9.785  1.00 8.24  ? 64  LEU A O   1 
ATOM   311  C CB  . LEU A 1 40  ? -2.320  -3.818  -7.706  1.00 7.74  ? 64  LEU A CB  1 
ATOM   312  C CG  . LEU A 1 40  ? -2.189  -4.839  -6.582  1.00 7.27  ? 64  LEU A CG  1 
ATOM   313  C CD1 . LEU A 1 40  ? -2.670  -4.320  -5.233  1.00 7.88  ? 64  LEU A CD1 1 
ATOM   314  C CD2 . LEU A 1 40  ? -2.945  -6.104  -6.968  1.00 6.99  ? 64  LEU A CD2 1 
ATOM   315  N N   . PRO A 1 41  ? -0.830  -0.752  -8.363  1.00 7.86  ? 65  PRO A N   1 
ATOM   316  C CA  . PRO A 1 41  ? -0.219  0.114   -9.377  1.00 7.80  ? 65  PRO A CA  1 
ATOM   317  C C   . PRO A 1 41  ? 0.401   -0.665  -10.527 1.00 7.72  ? 65  PRO A C   1 
ATOM   318  O O   . PRO A 1 41  ? 0.840   -1.793  -10.334 1.00 8.25  ? 65  PRO A O   1 
ATOM   319  C CB  . PRO A 1 41  ? 0.884   0.849   -8.594  1.00 7.72  ? 65  PRO A CB  1 
ATOM   320  C CG  . PRO A 1 41  ? 0.446   0.802   -7.179  1.00 7.80  ? 65  PRO A CG  1 
ATOM   321  C CD  . PRO A 1 41  ? -0.231  -0.526  -7.032  1.00 7.99  ? 65  PRO A CD  1 
ATOM   322  N N   . THR A 1 42  ? 0.422   -0.081  -11.720 1.00 7.66  ? 66  THR A N   1 
ATOM   323  C CA  . THR A 1 42  ? 1.267   -0.604  -12.784 1.00 7.71  ? 66  THR A CA  1 
ATOM   324  C C   . THR A 1 42  ? 2.683   -0.088  -12.511 1.00 7.65  ? 66  THR A C   1 
ATOM   325  O O   . THR A 1 42  ? 2.853   0.870   -11.771 1.00 7.89  ? 66  THR A O   1 
ATOM   326  C CB  . THR A 1 42  ? 0.804   -0.129  -14.183 1.00 8.15  ? 66  THR A CB  1 
ATOM   327  O OG1 . THR A 1 42  ? 1.098   1.266   -14.331 1.00 8.85  ? 66  THR A OG1 1 
ATOM   328  C CG2 . THR A 1 42  ? -0.710  -0.394  -14.404 1.00 7.08  ? 66  THR A CG2 1 
ATOM   329  N N   . MET A 1 43  ? 3.697   -0.713  -13.098 1.00 7.89  ? 67  MET A N   1 
ATOM   330  C CA  . MET A 1 43  ? 5.090   -0.232  -12.972 1.00 7.92  ? 67  MET A CA  1 
ATOM   331  C C   . MET A 1 43  ? 5.277   1.241   -13.341 1.00 8.00  ? 67  MET A C   1 
ATOM   332  O O   . MET A 1 43  ? 6.018   1.969   -12.668 1.00 7.66  ? 67  MET A O   1 
ATOM   333  C CB  . MET A 1 43  ? 6.028   -1.079  -13.829 1.00 7.76  ? 67  MET A CB  1 
ATOM   334  C CG  . MET A 1 43  ? 7.486   -0.706  -13.670 1.00 8.59  ? 67  MET A CG  1 
ATOM   335  S SD  . MET A 1 43  ? 8.054   -0.784  -11.954 1.00 10.12 ? 67  MET A SD  1 
ATOM   336  C CE  . MET A 1 43  ? 8.312   -2.557  -11.765 1.00 7.20  ? 67  MET A CE  1 
ATOM   337  N N   . ASP A 1 44  ? 4.605   1.654   -14.418 1.00 8.64  ? 68  ASP A N   1 
ATOM   338  C CA  . ASP A 1 44  ? 4.690   3.024   -14.943 1.00 9.34  ? 68  ASP A CA  1 
ATOM   339  C C   . ASP A 1 44  ? 4.149   4.065   -13.971 1.00 9.14  ? 68  ASP A C   1 
ATOM   340  O O   . ASP A 1 44  ? 4.775   5.121   -13.766 1.00 9.23  ? 68  ASP A O   1 
ATOM   341  C CB  . ASP A 1 44  ? 4.063   3.148   -16.344 1.00 9.75  ? 68  ASP A CB  1 
ATOM   342  C CG  . ASP A 1 44  ? 5.012   2.668   -17.458 1.00 11.65 ? 68  ASP A CG  1 
ATOM   343  O OD1 . ASP A 1 44  ? 6.247   2.561   -17.230 1.00 14.07 ? 68  ASP A OD1 1 
ATOM   344  O OD2 . ASP A 1 44  ? 4.529   2.403   -18.573 1.00 12.73 ? 68  ASP A OD2 1 
ATOM   345  N N   . GLN A 1 45  ? 3.024   3.755   -13.338 1.00 8.58  ? 69  GLN A N   1 
ATOM   346  C CA  . GLN A 1 45  ? 2.526   4.634   -12.285 1.00 8.41  ? 69  GLN A CA  1 
ATOM   347  C C   . GLN A 1 45  ? 3.492   4.659   -11.105 1.00 8.55  ? 69  GLN A C   1 
ATOM   348  O O   . GLN A 1 45  ? 3.694   5.704   -10.471 1.00 8.72  ? 69  GLN A O   1 
ATOM   349  C CB  . GLN A 1 45  ? 1.136   4.223   -11.822 1.00 7.94  ? 69  GLN A CB  1 
ATOM   350  C CG  . GLN A 1 45  ? 0.121   4.197   -12.931 1.00 7.20  ? 69  GLN A CG  1 
ATOM   351  C CD  . GLN A 1 45  ? -1.068  3.313   -12.586 1.00 7.02  ? 69  GLN A CD  1 
ATOM   352  O OE1 . GLN A 1 45  ? -0.940  2.313   -11.851 1.00 6.96  ? 69  GLN A OE1 1 
ATOM   353  N NE2 . GLN A 1 45  ? -2.230  3.677   -13.107 1.00 2.27  ? 69  GLN A NE2 1 
ATOM   354  N N   . MET A 1 46  ? 4.094   3.518   -10.804 1.00 8.54  ? 70  MET A N   1 
ATOM   355  C CA  . MET A 1 46  ? 5.009   3.463   -9.675  1.00 9.09  ? 70  MET A CA  1 
ATOM   356  C C   . MET A 1 46  ? 6.291   4.273   -9.992  1.00 8.92  ? 70  MET A C   1 
ATOM   357  O O   . MET A 1 46  ? 6.795   5.017   -9.147  1.00 8.60  ? 70  MET A O   1 
ATOM   358  C CB  . MET A 1 46  ? 5.277   2.016   -9.270  1.00 8.70  ? 70  MET A CB  1 
ATOM   359  C CG  . MET A 1 46  ? 6.340   1.842   -8.219  1.00 11.07 ? 70  MET A CG  1 
ATOM   360  S SD  . MET A 1 46  ? 5.959   2.548   -6.591  1.00 15.82 ? 70  MET A SD  1 
ATOM   361  C CE  . MET A 1 46  ? 4.526   1.556   -6.177  1.00 14.81 ? 70  MET A CE  1 
ATOM   362  N N   . LYS A 1 47  ? 6.771   4.166   -11.226 1.00 8.99  ? 71  LYS A N   1 
ATOM   363  C CA  . LYS A 1 47  ? 7.881   5.007   -11.690 1.00 9.10  ? 71  LYS A CA  1 
ATOM   364  C C   . LYS A 1 47  ? 7.572   6.499   -11.585 1.00 8.83  ? 71  LYS A C   1 
ATOM   365  O O   . LYS A 1 47  ? 8.433   7.288   -11.193 1.00 8.65  ? 71  LYS A O   1 
ATOM   366  C CB  . LYS A 1 47  ? 8.323   4.628   -13.113 1.00 8.68  ? 71  LYS A CB  1 
ATOM   367  C CG  . LYS A 1 47  ? 9.252   3.424   -13.111 1.00 8.77  ? 71  LYS A CG  1 
ATOM   368  C CD  . LYS A 1 47  ? 9.627   2.973   -14.510 1.00 9.78  ? 71  LYS A CD  1 
ATOM   369  C CE  . LYS A 1 47  ? 10.651  1.835   -14.448 1.00 9.94  ? 71  LYS A CE  1 
ATOM   370  N NZ  . LYS A 1 47  ? 11.084  1.438   -15.816 1.00 10.06 ? 71  LYS A NZ  1 
ATOM   371  N N   . LEU A 1 48  ? 6.343   6.877   -11.916 1.00 8.80  ? 72  LEU A N   1 
ATOM   372  C CA  . LEU A 1 48  ? 5.946   8.278   -11.812 1.00 9.07  ? 72  LEU A CA  1 
ATOM   373  C C   . LEU A 1 48  ? 5.893   8.732   -10.357 1.00 8.84  ? 72  LEU A C   1 
ATOM   374  O O   . LEU A 1 48  ? 6.377   9.816   -10.026 1.00 8.85  ? 72  LEU A O   1 
ATOM   375  C CB  . LEU A 1 48  ? 4.604   8.572   -12.513 1.00 8.95  ? 72  LEU A CB  1 
ATOM   376  C CG  . LEU A 1 48  ? 4.440   10.097  -12.726 1.00 10.34 ? 72  LEU A CG  1 
ATOM   377  C CD1 . LEU A 1 48  ? 5.370   10.623  -13.851 1.00 8.06  ? 72  LEU A CD1 1 
ATOM   378  C CD2 . LEU A 1 48  ? 2.993   10.518  -12.957 1.00 10.47 ? 72  LEU A CD2 1 
ATOM   379  N N   . ALA A 1 49  ? 5.287   7.901   -9.504  1.00 8.89  ? 73  ALA A N   1 
ATOM   380  C CA  . ALA A 1 49  ? 5.186   8.176   -8.076  1.00 8.64  ? 73  ALA A CA  1 
ATOM   381  C C   . ALA A 1 49  ? 6.580   8.489   -7.536  1.00 8.85  ? 73  ALA A C   1 
ATOM   382  O O   . ALA A 1 49  ? 6.792   9.519   -6.873  1.00 8.84  ? 73  ALA A O   1 
ATOM   383  C CB  . ALA A 1 49  ? 4.550   6.997   -7.347  1.00 7.54  ? 73  ALA A CB  1 
ATOM   384  N N   . LEU A 1 50  ? 7.526   7.611   -7.872  1.00 8.83  ? 74  LEU A N   1 
ATOM   385  C CA  . LEU A 1 50  ? 8.920   7.716   -7.446  1.00 9.03  ? 74  LEU A CA  1 
ATOM   386  C C   . LEU A 1 50  ? 9.543   9.049   -7.825  1.00 9.12  ? 74  LEU A C   1 
ATOM   387  O O   . LEU A 1 50  ? 10.200  9.684   -6.995  1.00 9.74  ? 74  LEU A O   1 
ATOM   388  C CB  . LEU A 1 50  ? 9.745   6.536   -8.005  1.00 8.74  ? 74  LEU A CB  1 
ATOM   389  C CG  . LEU A 1 50  ? 11.277  6.593   -7.951  1.00 9.08  ? 74  LEU A CG  1 
ATOM   390  C CD1 . LEU A 1 50  ? 11.825  6.229   -6.576  1.00 7.99  ? 74  LEU A CD1 1 
ATOM   391  C CD2 . LEU A 1 50  ? 11.857  5.663   -9.011  1.00 10.14 ? 74  LEU A CD2 1 
ATOM   392  N N   . SER A 1 51  ? 9.315   9.490   -9.062  1.00 9.26  ? 75  SER A N   1 
ATOM   393  C CA  . SER A 1 51  ? 9.964   10.701  -9.577  1.00 9.25  ? 75  SER A CA  1 
ATOM   394  C C   . SER A 1 51  ? 9.452   11.978  -8.910  1.00 9.40  ? 75  SER A C   1 
ATOM   395  O O   . SER A 1 51  ? 10.111  13.026  -8.995  1.00 9.80  ? 75  SER A O   1 
ATOM   396  C CB  . SER A 1 51  ? 9.895   10.794  -11.113 1.00 9.01  ? 75  SER A CB  1 
ATOM   397  O OG  . SER A 1 51  ? 8.623   11.250  -11.540 1.00 9.29  ? 75  SER A OG  1 
ATOM   398  N N   . LYS A 1 52  ? 8.296   11.878  -8.242  1.00 9.19  ? 76  LYS A N   1 
ATOM   399  C CA  . LYS A 1 52  ? 7.702   12.996  -7.477  1.00 8.81  ? 76  LYS A CA  1 
ATOM   400  C C   . LYS A 1 52  ? 8.078   12.935  -5.994  1.00 8.87  ? 76  LYS A C   1 
ATOM   401  O O   . LYS A 1 52  ? 7.644   13.782  -5.197  1.00 8.67  ? 76  LYS A O   1 
ATOM   402  C CB  . LYS A 1 52  ? 6.179   12.973  -7.559  1.00 8.39  ? 76  LYS A CB  1 
ATOM   403  C CG  . LYS A 1 52  ? 5.605   12.622  -8.886  1.00 8.27  ? 76  LYS A CG  1 
ATOM   404  C CD  . LYS A 1 52  ? 5.344   13.850  -9.702  1.00 8.42  ? 76  LYS A CD  1 
ATOM   405  C CE  . LYS A 1 52  ? 4.258   13.611  -10.736 1.00 7.46  ? 76  LYS A CE  1 
ATOM   406  N NZ  . LYS A 1 52  ? 4.187   14.741  -11.687 1.00 5.75  ? 76  LYS A NZ  1 
ATOM   407  N N   . GLY A 1 53  ? 8.858   11.928  -5.610  1.00 8.78  ? 77  GLY A N   1 
ATOM   408  C CA  . GLY A 1 53  ? 9.410   11.903  -4.258  1.00 8.97  ? 77  GLY A CA  1 
ATOM   409  C C   . GLY A 1 53  ? 9.021   10.720  -3.401  1.00 9.16  ? 77  GLY A C   1 
ATOM   410  O O   . GLY A 1 53  ? 9.367   10.677  -2.222  1.00 9.37  ? 77  GLY A O   1 
ATOM   411  N N   . PHE A 1 54  ? 8.329   9.754   -4.004  1.00 8.79  ? 78  PHE A N   1 
ATOM   412  C CA  . PHE A 1 54  ? 7.904   8.551   -3.323  1.00 8.51  ? 78  PHE A CA  1 
ATOM   413  C C   . PHE A 1 54  ? 9.034   7.554   -3.098  1.00 8.51  ? 78  PHE A C   1 
ATOM   414  O O   . PHE A 1 54  ? 9.623   7.026   -4.040  1.00 8.13  ? 78  PHE A O   1 
ATOM   415  C CB  . PHE A 1 54  ? 6.778   7.871   -4.107  1.00 8.21  ? 78  PHE A CB  1 
ATOM   416  C CG  . PHE A 1 54  ? 6.090   6.766   -3.352  1.00 7.42  ? 78  PHE A CG  1 
ATOM   417  C CD1 . PHE A 1 54  ? 5.710   6.939   -2.026  1.00 6.93  ? 78  PHE A CD1 1 
ATOM   418  C CD2 . PHE A 1 54  ? 5.805   5.560   -3.979  1.00 6.44  ? 78  PHE A CD2 1 
ATOM   419  C CE1 . PHE A 1 54  ? 5.045   5.929   -1.336  1.00 7.89  ? 78  PHE A CE1 1 
ATOM   420  C CE2 . PHE A 1 54  ? 5.148   4.546   -3.309  1.00 7.33  ? 78  PHE A CE2 1 
ATOM   421  C CZ  . PHE A 1 54  ? 4.762   4.726   -1.981  1.00 8.04  ? 78  PHE A CZ  1 
ATOM   422  N N   . GLU A 1 55  ? 9.319   7.298   -1.829  1.00 9.01  ? 79  GLU A N   1 
ATOM   423  C CA  . GLU A 1 55  ? 10.176  6.191   -1.438  1.00 9.35  ? 79  GLU A CA  1 
ATOM   424  C C   . GLU A 1 55  ? 9.670   5.609   -0.111  1.00 9.53  ? 79  GLU A C   1 
ATOM   425  O O   . GLU A 1 55  ? 9.124   6.328   0.726   1.00 9.27  ? 79  GLU A O   1 
ATOM   426  C CB  . GLU A 1 55  ? 11.648  6.620   -1.375  1.00 9.27  ? 79  GLU A CB  1 
ATOM   427  C CG  . GLU A 1 55  ? 12.096  7.235   -0.065  1.00 10.15 ? 79  GLU A CG  1 
ATOM   428  C CD  . GLU A 1 55  ? 13.574  7.635   -0.056  1.00 12.84 ? 79  GLU A CD  1 
ATOM   429  O OE1 . GLU A 1 55  ? 14.415  6.958   -0.710  1.00 11.76 ? 79  GLU A OE1 1 
ATOM   430  O OE2 . GLU A 1 55  ? 13.888  8.638   0.626   1.00 13.37 ? 79  GLU A OE2 1 
ATOM   431  N N   . THR A 1 56  ? 9.807   4.294   0.042   1.00 10.20 ? 80  THR A N   1 
ATOM   432  C CA  . THR A 1 56  ? 9.540   3.603   1.308   1.00 10.80 ? 80  THR A CA  1 
ATOM   433  C C   . THR A 1 56  ? 10.696  2.648   1.605   1.00 11.89 ? 80  THR A C   1 
ATOM   434  O O   . THR A 1 56  ? 11.589  2.448   0.777   1.00 12.18 ? 80  THR A O   1 
ATOM   435  C CB  . THR A 1 56  ? 8.250   2.772   1.253   1.00 10.60 ? 80  THR A CB  1 
ATOM   436  O OG1 . THR A 1 56  ? 8.452   1.644   0.385   1.00 9.50  ? 80  THR A OG1 1 
ATOM   437  C CG2 . THR A 1 56  ? 7.054   3.619   0.789   1.00 9.79  ? 80  THR A CG2 1 
ATOM   438  N N   . CYS A 1 57  ? 10.681  2.054   2.786   1.00 13.03 ? 81  CYS A N   1 
ATOM   439  C CA  . CYS A 1 57  ? 11.699  1.086   3.143   1.00 14.25 ? 81  CYS A CA  1 
ATOM   440  C C   . CYS A 1 57  ? 10.997  -0.231  3.402   1.00 14.01 ? 81  CYS A C   1 
ATOM   441  O O   . CYS A 1 57  ? 11.337  -0.965  4.344   1.00 14.38 ? 81  CYS A O   1 
ATOM   442  C CB  . CYS A 1 57  ? 12.484  1.551   4.374   1.00 14.69 ? 81  CYS A CB  1 
ATOM   443  S SG  . CYS A 1 57  ? 13.933  0.499   4.759   1.00 19.27 ? 81  CYS A SG  1 
ATOM   444  N N   . ARG A 1 58  ? 10.004  -0.519  2.559   1.00 13.77 ? 82  ARG A N   1 
ATOM   445  C CA  . ARG A 1 58  ? 9.163   -1.710  2.697   1.00 13.03 ? 82  ARG A CA  1 
ATOM   446  C C   . ARG A 1 58  ? 8.825   -2.267  1.323   1.00 12.72 ? 82  ARG A C   1 
ATOM   447  O O   . ARG A 1 58  ? 8.439   -1.512  0.431   1.00 12.86 ? 82  ARG A O   1 
ATOM   448  C CB  . ARG A 1 58  ? 7.883   -1.375  3.487   1.00 12.76 ? 82  ARG A CB  1 
ATOM   449  C CG  . ARG A 1 58  ? 8.100   -1.151  4.992   1.00 12.52 ? 82  ARG A CG  1 
ATOM   450  C CD  . ARG A 1 58  ? 7.748   -2.386  5.837   1.00 13.86 ? 82  ARG A CD  1 
ATOM   451  N NE  . ARG A 1 58  ? 7.774   -2.094  7.274   1.00 16.56 ? 82  ARG A NE  1 
ATOM   452  C CZ  . ARG A 1 58  ? 6.726   -1.721  8.032   1.00 18.43 ? 82  ARG A CZ  1 
ATOM   453  N NH1 . ARG A 1 58  ? 5.510   -1.600  7.513   1.00 19.04 ? 82  ARG A NH1 1 
ATOM   454  N NH2 . ARG A 1 58  ? 6.889   -1.483  9.338   1.00 16.52 ? 82  ARG A NH2 1 
ATOM   455  N N   . TYR A 1 59  ? 8.986   -3.582  1.154   1.00 12.52 ? 83  TYR A N   1 
ATOM   456  C CA  . TYR A 1 59  ? 8.541   -4.289  -0.051  1.00 12.42 ? 83  TYR A CA  1 
ATOM   457  C C   . TYR A 1 59  ? 7.029   -4.388  -0.118  1.00 11.95 ? 83  TYR A C   1 
ATOM   458  O O   . TYR A 1 59  ? 6.362   -4.581  0.896   1.00 11.85 ? 83  TYR A O   1 
ATOM   459  C CB  . TYR A 1 59  ? 9.094   -5.707  -0.072  1.00 13.20 ? 83  TYR A CB  1 
ATOM   460  C CG  . TYR A 1 59  ? 10.580  -5.784  -0.311  1.00 15.72 ? 83  TYR A CG  1 
ATOM   461  C CD1 . TYR A 1 59  ? 11.105  -5.674  -1.604  1.00 17.64 ? 83  TYR A CD1 1 
ATOM   462  C CD2 . TYR A 1 59  ? 11.462  -5.969  0.753   1.00 16.57 ? 83  TYR A CD2 1 
ATOM   463  C CE1 . TYR A 1 59  ? 12.468  -5.747  -1.827  1.00 19.53 ? 83  TYR A CE1 1 
ATOM   464  C CE2 . TYR A 1 59  ? 12.831  -6.046  0.539   1.00 18.84 ? 83  TYR A CE2 1 
ATOM   465  C CZ  . TYR A 1 59  ? 13.329  -5.925  -0.745  1.00 19.51 ? 83  TYR A CZ  1 
ATOM   466  O OH  . TYR A 1 59  ? 14.686  -5.994  -0.954  1.00 20.55 ? 83  TYR A OH  1 
ATOM   467  N N   . GLY A 1 60  ? 6.476   -4.299  -1.319  1.00 11.60 ? 84  GLY A N   1 
ATOM   468  C CA  . GLY A 1 60  ? 5.026   -4.367  -1.467  1.00 10.81 ? 84  GLY A CA  1 
ATOM   469  C C   . GLY A 1 60  ? 4.558   -4.661  -2.873  1.00 10.10 ? 84  GLY A C   1 
ATOM   470  O O   . GLY A 1 60  ? 5.261   -4.373  -3.850  1.00 9.82  ? 84  GLY A O   1 
ATOM   471  N N   . PHE A 1 61  ? 3.357   -5.227  -2.963  1.00 9.13  ? 85  PHE A N   1 
ATOM   472  C CA  . PHE A 1 61  ? 2.777   -5.608  -4.239  1.00 8.69  ? 85  PHE A CA  1 
ATOM   473  C C   . PHE A 1 61  ? 2.501   -4.423  -5.131  1.00 8.57  ? 85  PHE A C   1 
ATOM   474  O O   . PHE A 1 61  ? 2.031   -3.373  -4.678  1.00 8.09  ? 85  PHE A O   1 
ATOM   475  C CB  . PHE A 1 61  ? 1.483   -6.397  -4.036  1.00 8.20  ? 85  PHE A CB  1 
ATOM   476  C CG  . PHE A 1 61  ? 1.673   -7.669  -3.276  1.00 7.70  ? 85  PHE A CG  1 
ATOM   477  C CD1 . PHE A 1 61  ? 2.205   -8.798  -3.898  1.00 7.44  ? 85  PHE A CD1 1 
ATOM   478  C CD2 . PHE A 1 61  ? 1.345   -7.743  -1.929  1.00 6.90  ? 85  PHE A CD2 1 
ATOM   479  C CE1 . PHE A 1 61  ? 2.384   -9.995  -3.180  1.00 6.03  ? 85  PHE A CE1 1 
ATOM   480  C CE2 . PHE A 1 61  ? 1.523   -8.928  -1.216  1.00 6.44  ? 85  PHE A CE2 1 
ATOM   481  C CZ  . PHE A 1 61  ? 2.048   -10.051 -1.841  1.00 5.11  ? 85  PHE A CZ  1 
ATOM   482  N N   . ILE A 1 62  ? 2.835   -4.601  -6.404  1.00 8.76  ? 86  ILE A N   1 
ATOM   483  C CA  . ILE A 1 62  ? 2.184   -3.865  -7.480  1.00 8.88  ? 86  ILE A CA  1 
ATOM   484  C C   . ILE A 1 62  ? 1.520   -4.896  -8.392  1.00 9.50  ? 86  ILE A C   1 
ATOM   485  O O   . ILE A 1 62  ? 1.553   -6.097  -8.103  1.00 9.80  ? 86  ILE A O   1 
ATOM   486  C CB  . ILE A 1 62  ? 3.159   -2.991  -8.285  1.00 8.78  ? 86  ILE A CB  1 
ATOM   487  C CG1 . ILE A 1 62  ? 4.321   -3.823  -8.833  1.00 8.14  ? 86  ILE A CG1 1 
ATOM   488  C CG2 . ILE A 1 62  ? 3.632   -1.820  -7.445  1.00 7.67  ? 86  ILE A CG2 1 
ATOM   489  C CD1 . ILE A 1 62  ? 4.862   -3.303  -10.119 1.00 6.96  ? 86  ILE A CD1 1 
ATOM   490  N N   . GLU A 1 63  ? 0.902   -4.430  -9.474  1.00 9.98  ? 87  GLU A N   1 
ATOM   491  C CA  . GLU A 1 63  ? 0.461   -5.324  -10.543 1.00 10.46 ? 87  GLU A CA  1 
ATOM   492  C C   . GLU A 1 63  ? 1.685   -6.097  -11.105 1.00 10.42 ? 87  GLU A C   1 
ATOM   493  O O   . GLU A 1 63  ? 2.609   -5.511  -11.710 1.00 10.52 ? 87  GLU A O   1 
ATOM   494  C CB  . GLU A 1 63  ? -0.254  -4.517  -11.633 1.00 10.26 ? 87  GLU A CB  1 
ATOM   495  C CG  . GLU A 1 63  ? -1.093  -5.349  -12.581 1.00 12.87 ? 87  GLU A CG  1 
ATOM   496  C CD  . GLU A 1 63  ? -2.024  -6.344  -11.862 1.00 15.49 ? 87  GLU A CD  1 
ATOM   497  O OE1 . GLU A 1 63  ? -2.885  -5.915  -11.057 1.00 15.25 ? 87  GLU A OE1 1 
ATOM   498  O OE2 . GLU A 1 63  ? -1.896  -7.563  -12.120 1.00 16.91 ? 87  GLU A OE2 1 
ATOM   499  N N   . GLY A 1 64  ? 1.713   -7.403  -10.852 1.00 9.95  ? 88  GLY A N   1 
ATOM   500  C CA  . GLY A 1 64  ? 2.732   -8.285  -11.429 1.00 9.35  ? 88  GLY A CA  1 
ATOM   501  C C   . GLY A 1 64  ? 3.970   -8.600  -10.597 1.00 9.02  ? 88  GLY A C   1 
ATOM   502  O O   . GLY A 1 64  ? 4.517   -9.698  -10.691 1.00 8.84  ? 88  GLY A O   1 
ATOM   503  N N   . ASN A 1 65  ? 4.408   -7.654  -9.769  1.00 8.61  ? 89  ASN A N   1 
ATOM   504  C CA  . ASN A 1 65  ? 5.677   -7.793  -9.051  1.00 7.96  ? 89  ASN A CA  1 
ATOM   505  C C   . ASN A 1 65  ? 5.627   -7.248  -7.646  1.00 7.82  ? 89  ASN A C   1 
ATOM   506  O O   . ASN A 1 65  ? 4.653   -6.605  -7.250  1.00 7.51  ? 89  ASN A O   1 
ATOM   507  C CB  . ASN A 1 65  ? 6.819   -7.079  -9.793  1.00 7.88  ? 89  ASN A CB  1 
ATOM   508  C CG  . ASN A 1 65  ? 7.216   -7.782  -11.048 1.00 7.50  ? 89  ASN A CG  1 
ATOM   509  O OD1 . ASN A 1 65  ? 6.657   -7.520  -12.114 1.00 7.26  ? 89  ASN A OD1 1 
ATOM   510  N ND2 . ASN A 1 65  ? 8.204   -8.679  -10.946 1.00 6.44  ? 89  ASN A ND2 1 
ATOM   511  N N   . VAL A 1 66  ? 6.701   -7.514  -6.907  1.00 7.85  ? 90  VAL A N   1 
ATOM   512  C CA  . VAL A 1 66  ? 6.890   -7.007  -5.560  1.00 8.09  ? 90  VAL A CA  1 
ATOM   513  C C   . VAL A 1 66  ? 8.074   -6.080  -5.623  1.00 8.36  ? 90  VAL A C   1 
ATOM   514  O O   . VAL A 1 66  ? 9.152   -6.470  -6.061  1.00 9.11  ? 90  VAL A O   1 
ATOM   515  C CB  . VAL A 1 66  ? 7.191   -8.139  -4.566  1.00 7.87  ? 90  VAL A CB  1 
ATOM   516  C CG1 . VAL A 1 66  ? 7.698   -7.573  -3.253  1.00 7.09  ? 90  VAL A CG1 1 
ATOM   517  C CG2 . VAL A 1 66  ? 5.945   -8.999  -4.358  1.00 8.39  ? 90  VAL A CG2 1 
ATOM   518  N N   . VAL A 1 67  ? 7.885   -4.855  -5.165  1.00 8.43  ? 91  VAL A N   1 
ATOM   519  C CA  . VAL A 1 67  ? 8.848   -3.799  -5.426  1.00 8.00  ? 91  VAL A CA  1 
ATOM   520  C C   . VAL A 1 67  ? 9.026   -2.889  -4.216  1.00 8.36  ? 91  VAL A C   1 
ATOM   521  O O   . VAL A 1 67  ? 8.216   -2.908  -3.282  1.00 8.96  ? 91  VAL A O   1 
ATOM   522  C CB  . VAL A 1 67  ? 8.377   -2.959  -6.610  1.00 8.04  ? 91  VAL A CB  1 
ATOM   523  C CG1 . VAL A 1 67  ? 8.299   -3.831  -7.911  1.00 8.25  ? 91  VAL A CG1 1 
ATOM   524  C CG2 . VAL A 1 67  ? 7.037   -2.323  -6.293  1.00 5.77  ? 91  VAL A CG2 1 
ATOM   525  N N   . ILE A 1 68  ? 10.098  -2.105  -4.228  1.00 7.99  ? 92  ILE A N   1 
ATOM   526  C CA  . ILE A 1 68  ? 10.307  -1.074  -3.226  1.00 7.61  ? 92  ILE A CA  1 
ATOM   527  C C   . ILE A 1 68  ? 10.878  0.129   -3.957  1.00 7.62  ? 92  ILE A C   1 
ATOM   528  O O   . ILE A 1 68  ? 11.866  -0.004  -4.682  1.00 7.90  ? 92  ILE A O   1 
ATOM   529  C CB  . ILE A 1 68  ? 11.209  -1.561  -2.067  1.00 7.44  ? 92  ILE A CB  1 
ATOM   530  C CG1 . ILE A 1 68  ? 11.556  -0.411  -1.133  1.00 7.73  ? 92  ILE A CG1 1 
ATOM   531  C CG2 . ILE A 1 68  ? 12.459  -2.245  -2.591  1.00 8.05  ? 92  ILE A CG2 1 
ATOM   532  C CD1 . ILE A 1 68  ? 12.467  -0.801  -0.013  1.00 7.52  ? 92  ILE A CD1 1 
ATOM   533  N N   . PRO A 1 69  ? 10.223  1.297   -3.823  1.00 7.57  ? 93  PRO A N   1 
ATOM   534  C CA  . PRO A 1 69  ? 10.721  2.481   -4.511  1.00 7.42  ? 93  PRO A CA  1 
ATOM   535  C C   . PRO A 1 69  ? 11.806  3.187   -3.686  1.00 7.64  ? 93  PRO A C   1 
ATOM   536  O O   . PRO A 1 69  ? 11.576  3.530   -2.517  1.00 8.20  ? 93  PRO A O   1 
ATOM   537  C CB  . PRO A 1 69  ? 9.465   3.353   -4.634  1.00 7.13  ? 93  PRO A CB  1 
ATOM   538  C CG  . PRO A 1 69  ? 8.659   3.013   -3.438  1.00 6.86  ? 93  PRO A CG  1 
ATOM   539  C CD  . PRO A 1 69  ? 8.980   1.578   -3.080  1.00 7.24  ? 93  PRO A CD  1 
ATOM   540  N N   . ARG A 1 70  ? 12.975  3.401   -4.286  1.00 7.38  ? 94  ARG A N   1 
ATOM   541  C CA  . ARG A 1 70  ? 14.079  4.069   -3.600  1.00 7.15  ? 94  ARG A CA  1 
ATOM   542  C C   . ARG A 1 70  ? 14.620  5.297   -4.353  1.00 7.37  ? 94  ARG A C   1 
ATOM   543  O O   . ARG A 1 70  ? 15.021  5.206   -5.493  1.00 6.69  ? 94  ARG A O   1 
ATOM   544  C CB  . ARG A 1 70  ? 15.210  3.063   -3.312  1.00 7.14  ? 94  ARG A CB  1 
ATOM   545  C CG  . ARG A 1 70  ? 14.839  1.886   -2.388  1.00 5.89  ? 94  ARG A CG  1 
ATOM   546  C CD  . ARG A 1 70  ? 14.494  2.323   -0.977  1.00 4.89  ? 94  ARG A CD  1 
ATOM   547  N NE  . ARG A 1 70  ? 15.502  3.235   -0.421  1.00 8.30  ? 94  ARG A NE  1 
ATOM   548  C CZ  . ARG A 1 70  ? 15.299  4.053   0.617   1.00 9.05  ? 94  ARG A CZ  1 
ATOM   549  N NH1 . ARG A 1 70  ? 14.109  4.089   1.231   1.00 9.62  ? 94  ARG A NH1 1 
ATOM   550  N NH2 . ARG A 1 70  ? 16.275  4.847   1.037   1.00 6.60  ? 94  ARG A NH2 1 
ATOM   551  N N   . ILE A 1 71  ? 14.626  6.443   -3.683  1.00 8.79  ? 95  ILE A N   1 
ATOM   552  C CA  . ILE A 1 71  ? 15.279  7.655   -4.179  1.00 9.95  ? 95  ILE A CA  1 
ATOM   553  C C   . ILE A 1 71  ? 16.715  7.743   -3.632  1.00 10.99 ? 95  ILE A C   1 
ATOM   554  O O   . ILE A 1 71  ? 17.678  7.779   -4.391  1.00 10.88 ? 95  ILE A O   1 
ATOM   555  C CB  . ILE A 1 71  ? 14.481  8.901   -3.780  1.00 9.94  ? 95  ILE A CB  1 
ATOM   556  C CG1 . ILE A 1 71  ? 13.135  8.917   -4.521  1.00 9.34  ? 95  ILE A CG1 1 
ATOM   557  C CG2 . ILE A 1 71  ? 15.288  10.181  -4.024  1.00 9.46  ? 95  ILE A CG2 1 
ATOM   558  C CD1 . ILE A 1 71  ? 12.156  9.950   -3.984  1.00 8.33  ? 95  ILE A CD1 1 
ATOM   559  N N   . HIS A 1 72  ? 16.832  7.724   -2.310  1.00 12.65 ? 96  HIS A N   1 
ATOM   560  C CA  . HIS A 1 72  ? 18.099  7.885   -1.607  1.00 14.20 ? 96  HIS A CA  1 
ATOM   561  C C   . HIS A 1 72  ? 18.695  6.516   -1.234  1.00 15.23 ? 96  HIS A C   1 
ATOM   562  O O   . HIS A 1 72  ? 18.017  5.706   -0.599  1.00 15.98 ? 96  HIS A O   1 
ATOM   563  C CB  . HIS A 1 72  ? 17.878  8.752   -0.357  1.00 13.91 ? 96  HIS A CB  1 
ATOM   564  C CG  . HIS A 1 72  ? 17.295  10.108  -0.646  1.00 14.94 ? 96  HIS A CG  1 
ATOM   565  N ND1 . HIS A 1 72  ? 15.976  10.427  -0.386  1.00 17.55 ? 96  HIS A ND1 1 
ATOM   566  C CD2 . HIS A 1 72  ? 17.853  11.231  -1.161  1.00 16.58 ? 96  HIS A CD2 1 
ATOM   567  C CE1 . HIS A 1 72  ? 15.749  11.687  -0.730  1.00 18.21 ? 96  HIS A CE1 1 
ATOM   568  N NE2 . HIS A 1 72  ? 16.871  12.196  -1.208  1.00 17.04 ? 96  HIS A NE2 1 
ATOM   569  N N   . PRO A 1 73  ? 19.955  6.238   -1.636  1.00 16.06 ? 97  PRO A N   1 
ATOM   570  C CA  . PRO A 1 73  ? 20.561  4.936   -1.289  1.00 16.77 ? 97  PRO A CA  1 
ATOM   571  C C   . PRO A 1 73  ? 20.593  4.701   0.221   1.00 17.47 ? 97  PRO A C   1 
ATOM   572  O O   . PRO A 1 73  ? 20.832  5.637   0.986   1.00 17.64 ? 97  PRO A O   1 
ATOM   573  C CB  . PRO A 1 73  ? 21.997  5.054   -1.827  1.00 16.61 ? 97  PRO A CB  1 
ATOM   574  C CG  . PRO A 1 73  ? 21.939  6.097   -2.867  1.00 15.85 ? 97  PRO A CG  1 
ATOM   575  C CD  . PRO A 1 73  ? 20.867  7.070   -2.443  1.00 15.95 ? 97  PRO A CD  1 
ATOM   576  N N   . ASN A 1 74  ? 20.351  3.457   0.633   1.00 18.39 ? 98  ASN A N   1 
ATOM   577  C CA  . ASN A 1 74  ? 20.260  3.058   2.049   1.00 18.48 ? 98  ASN A CA  1 
ATOM   578  C C   . ASN A 1 74  ? 20.613  1.579   2.142   1.00 19.18 ? 98  ASN A C   1 
ATOM   579  O O   . ASN A 1 74  ? 20.192  0.782   1.306   1.00 18.97 ? 98  ASN A O   1 
ATOM   580  C CB  . ASN A 1 74  ? 18.848  3.314   2.568   1.00 18.01 ? 98  ASN A CB  1 
ATOM   581  C CG  . ASN A 1 74  ? 18.703  3.101   4.073   1.00 17.53 ? 98  ASN A CG  1 
ATOM   582  O OD1 . ASN A 1 74  ? 19.157  2.095   4.642   1.00 16.58 ? 98  ASN A OD1 1 
ATOM   583  N ND2 . ASN A 1 74  ? 18.016  4.035   4.718   1.00 15.37 ? 98  ASN A ND2 1 
ATOM   584  N N   . ALA A 1 75  ? 21.406  1.217   3.142   1.00 20.31 ? 99  ALA A N   1 
ATOM   585  C CA  . ALA A 1 75  ? 21.947  -0.141  3.242   1.00 21.54 ? 99  ALA A CA  1 
ATOM   586  C C   . ALA A 1 75  ? 20.878  -1.194  3.624   1.00 22.35 ? 99  ALA A C   1 
ATOM   587  O O   . ALA A 1 75  ? 20.883  -2.333  3.112   1.00 22.51 ? 99  ALA A O   1 
ATOM   588  C CB  . ALA A 1 75  ? 23.139  -0.161  4.213   1.00 21.38 ? 99  ALA A CB  1 
ATOM   589  N N   . ILE A 1 76  ? 19.955  -0.793  4.503   1.00 22.95 ? 100 ILE A N   1 
ATOM   590  C CA  . ILE A 1 76  ? 18.832  -1.648  4.927   1.00 23.11 ? 100 ILE A CA  1 
ATOM   591  C C   . ILE A 1 76  ? 17.532  -1.481  4.087   1.00 23.23 ? 100 ILE A C   1 
ATOM   592  O O   . ILE A 1 76  ? 16.536  -2.166  4.351   1.00 23.64 ? 100 ILE A O   1 
ATOM   593  C CB  . ILE A 1 76  ? 18.518  -1.441  6.431   1.00 23.17 ? 100 ILE A CB  1 
ATOM   594  C CG1 . ILE A 1 76  ? 18.152  0.032   6.711   1.00 23.67 ? 100 ILE A CG1 1 
ATOM   595  C CG2 . ILE A 1 76  ? 19.710  -1.881  7.264   1.00 23.39 ? 100 ILE A CG2 1 
ATOM   596  C CD1 . ILE A 1 76  ? 17.645  0.332   8.125   1.00 23.65 ? 100 ILE A CD1 1 
ATOM   597  N N   . CYS A 1 77  ? 17.519  -0.585  3.096   1.00 22.37 ? 101 CYS A N   1 
ATOM   598  C CA  . CYS A 1 77  ? 16.369  -0.511  2.200   1.00 21.90 ? 101 CYS A CA  1 
ATOM   599  C C   . CYS A 1 77  ? 16.776  -0.793  0.763   1.00 21.94 ? 101 CYS A C   1 
ATOM   600  O O   . CYS A 1 77  ? 17.103  0.124   0.006   1.00 22.30 ? 101 CYS A O   1 
ATOM   601  C CB  . CYS A 1 77  ? 15.657  0.831   2.280   1.00 21.52 ? 101 CYS A CB  1 
ATOM   602  S SG  . CYS A 1 77  ? 15.474  1.522   3.914   1.00 21.78 ? 101 CYS A SG  1 
ATOM   603  N N   . ALA A 1 78  ? 16.750  -2.070  0.394   1.00 21.61 ? 102 ALA A N   1 
ATOM   604  C CA  . ALA A 1 78  ? 17.036  -2.522  -0.974  1.00 21.26 ? 102 ALA A CA  1 
ATOM   605  C C   . ALA A 1 78  ? 18.529  -2.572  -1.310  1.00 21.01 ? 102 ALA A C   1 
ATOM   606  O O   . ALA A 1 78  ? 18.902  -2.702  -2.486  1.00 21.16 ? 102 ALA A O   1 
ATOM   607  C CB  . ALA A 1 78  ? 16.247  -1.690  -2.011  1.00 21.21 ? 102 ALA A CB  1 
ATOM   608  N N   . ALA A 1 79  ? 19.370  -2.486  -0.271  1.00 20.78 ? 103 ALA A N   1 
ATOM   609  C CA  . ALA A 1 79  ? 20.842  -2.561  -0.389  1.00 20.04 ? 103 ALA A CA  1 
ATOM   610  C C   . ALA A 1 79  ? 21.406  -1.496  -1.328  1.00 19.57 ? 103 ALA A C   1 
ATOM   611  O O   . ALA A 1 79  ? 22.142  -1.817  -2.272  1.00 19.55 ? 103 ALA A O   1 
ATOM   612  C CB  . ALA A 1 79  ? 21.302  -3.977  -0.828  1.00 19.86 ? 103 ALA A CB  1 
ATOM   613  N N   . ASN A 1 80  ? 21.037  -0.241  -1.072  1.00 18.76 ? 104 ASN A N   1 
ATOM   614  C CA  . ASN A 1 80  ? 21.563  0.912   -1.812  1.00 18.47 ? 104 ASN A CA  1 
ATOM   615  C C   . ASN A 1 80  ? 21.161  1.004   -3.285  1.00 18.11 ? 104 ASN A C   1 
ATOM   616  O O   . ASN A 1 80  ? 21.701  1.843   -4.016  1.00 18.37 ? 104 ASN A O   1 
ATOM   617  C CB  . ASN A 1 80  ? 23.089  0.978   -1.719  1.00 18.20 ? 104 ASN A CB  1 
ATOM   618  C CG  . ASN A 1 80  ? 23.577  1.202   -0.308  1.00 18.69 ? 104 ASN A CG  1 
ATOM   619  O OD1 . ASN A 1 80  ? 23.156  2.149   0.382   1.00 17.16 ? 104 ASN A OD1 1 
ATOM   620  N ND2 . ASN A 1 80  ? 24.492  0.340   0.128   1.00 18.17 ? 104 ASN A ND2 1 
ATOM   621  N N   . HIS A 1 81  ? 20.245  0.153   -3.735  1.00 17.22 ? 105 HIS A N   1 
ATOM   622  C CA  . HIS A 1 81  ? 19.700  0.339   -5.066  1.00 16.78 ? 105 HIS A CA  1 
ATOM   623  C C   . HIS A 1 81  ? 18.800  1.588   -5.065  1.00 16.16 ? 105 HIS A C   1 
ATOM   624  O O   . HIS A 1 81  ? 18.323  2.039   -4.007  1.00 15.98 ? 105 HIS A O   1 
ATOM   625  C CB  . HIS A 1 81  ? 18.935  -0.898  -5.540  1.00 17.01 ? 105 HIS A CB  1 
ATOM   626  C CG  . HIS A 1 81  ? 19.812  -2.068  -5.859  1.00 17.77 ? 105 HIS A CG  1 
ATOM   627  N ND1 . HIS A 1 81  ? 20.273  -2.940  -4.892  1.00 19.06 ? 105 HIS A ND1 1 
ATOM   628  C CD2 . HIS A 1 81  ? 20.301  -2.519  -7.038  1.00 18.45 ? 105 HIS A CD2 1 
ATOM   629  C CE1 . HIS A 1 81  ? 21.017  -3.873  -5.461  1.00 18.60 ? 105 HIS A CE1 1 
ATOM   630  N NE2 . HIS A 1 81  ? 21.045  -3.643  -6.762  1.00 19.51 ? 105 HIS A NE2 1 
ATOM   631  N N   . THR A 1 82  ? 18.607  2.158   -6.250  1.00 15.14 ? 106 THR A N   1 
ATOM   632  C CA  . THR A 1 82  ? 17.732  3.310   -6.434  1.00 13.98 ? 106 THR A CA  1 
ATOM   633  C C   . THR A 1 82  ? 16.846  3.006   -7.626  1.00 13.64 ? 106 THR A C   1 
ATOM   634  O O   . THR A 1 82  ? 17.199  2.182   -8.466  1.00 13.53 ? 106 THR A O   1 
ATOM   635  C CB  . THR A 1 82  ? 18.530  4.646   -6.653  1.00 14.33 ? 106 THR A CB  1 
ATOM   636  O OG1 . THR A 1 82  ? 19.404  4.533   -7.791  1.00 12.25 ? 106 THR A OG1 1 
ATOM   637  C CG2 . THR A 1 82  ? 19.336  5.061   -5.371  1.00 13.35 ? 106 THR A CG2 1 
ATOM   638  N N   . GLY A 1 83  ? 15.696  3.671   -7.693  1.00 13.26 ? 107 GLY A N   1 
ATOM   639  C CA  . GLY A 1 83  ? 14.690  3.400   -8.712  1.00 12.25 ? 107 GLY A CA  1 
ATOM   640  C C   . GLY A 1 83  ? 13.617  2.508   -8.121  1.00 12.17 ? 107 GLY A C   1 
ATOM   641  O O   . GLY A 1 83  ? 13.568  2.307   -6.895  1.00 11.63 ? 107 GLY A O   1 
ATOM   642  N N   . VAL A 1 84  ? 12.753  1.972   -8.984  1.00 11.87 ? 108 VAL A N   1 
ATOM   643  C CA  . VAL A 1 84  ? 11.767  0.994   -8.538  1.00 11.12 ? 108 VAL A CA  1 
ATOM   644  C C   . VAL A 1 84  ? 12.423  -0.376  -8.576  1.00 11.33 ? 108 VAL A C   1 
ATOM   645  O O   . VAL A 1 84  ? 12.517  -0.982  -9.639  1.00 10.87 ? 108 VAL A O   1 
ATOM   646  C CB  . VAL A 1 84  ? 10.479  0.995   -9.389  1.00 10.79 ? 108 VAL A CB  1 
ATOM   647  C CG1 . VAL A 1 84  ? 9.494   -0.033  -8.838  1.00 10.54 ? 108 VAL A CG1 1 
ATOM   648  C CG2 . VAL A 1 84  ? 9.838   2.359   -9.378  1.00 9.03  ? 108 VAL A CG2 1 
ATOM   649  N N   . TYR A 1 85  ? 12.888  -0.843  -7.412  1.00 11.69 ? 109 TYR A N   1 
ATOM   650  C CA  . TYR A 1 85  ? 13.617  -2.104  -7.332  1.00 12.14 ? 109 TYR A CA  1 
ATOM   651  C C   . TYR A 1 85  ? 12.653  -3.270  -7.220  1.00 11.83 ? 109 TYR A C   1 
ATOM   652  O O   . TYR A 1 85  ? 11.772  -3.313  -6.340  1.00 11.71 ? 109 TYR A O   1 
ATOM   653  C CB  . TYR A 1 85  ? 14.636  -2.137  -6.174  1.00 13.00 ? 109 TYR A CB  1 
ATOM   654  C CG  . TYR A 1 85  ? 15.349  -3.492  -6.060  1.00 15.89 ? 109 TYR A CG  1 
ATOM   655  C CD1 . TYR A 1 85  ? 16.305  -3.885  -7.001  1.00 19.36 ? 109 TYR A CD1 1 
ATOM   656  C CD2 . TYR A 1 85  ? 15.035  -4.387  -5.041  1.00 18.39 ? 109 TYR A CD2 1 
ATOM   657  C CE1 . TYR A 1 85  ? 16.934  -5.139  -6.923  1.00 21.19 ? 109 TYR A CE1 1 
ATOM   658  C CE2 . TYR A 1 85  ? 15.657  -5.645  -4.953  1.00 20.44 ? 109 TYR A CE2 1 
ATOM   659  C CZ  . TYR A 1 85  ? 16.606  -6.011  -5.899  1.00 21.93 ? 109 TYR A CZ  1 
ATOM   660  O OH  . TYR A 1 85  ? 17.236  -7.243  -5.811  1.00 23.69 ? 109 TYR A OH  1 
ATOM   661  N N   . ILE A 1 86  ? 12.835  -4.220  -8.118  1.00 11.15 ? 110 ILE A N   1 
ATOM   662  C CA  . ILE A 1 86  ? 12.004  -5.393  -8.156  1.00 11.24 ? 110 ILE A CA  1 
ATOM   663  C C   . ILE A 1 86  ? 12.578  -6.504  -7.261  1.00 11.76 ? 110 ILE A C   1 
ATOM   664  O O   . ILE A 1 86  ? 13.761  -6.876  -7.388  1.00 12.11 ? 110 ILE A O   1 
ATOM   665  C CB  . ILE A 1 86  ? 11.834  -5.867  -9.598  1.00 10.68 ? 110 ILE A CB  1 
ATOM   666  C CG1 . ILE A 1 86  ? 11.224  -4.730  -10.435 1.00 10.16 ? 110 ILE A CG1 1 
ATOM   667  C CG2 . ILE A 1 86  ? 10.969  -7.116  -9.641  1.00 10.81 ? 110 ILE A CG2 1 
ATOM   668  C CD1 . ILE A 1 86  ? 11.244  -4.966  -11.955 1.00 10.10 ? 110 ILE A CD1 1 
ATOM   669  N N   . LEU A 1 87  ? 11.761  -7.020  -6.343  1.00 11.71 ? 111 LEU A N   1 
ATOM   670  C CA  . LEU A 1 87  ? 12.172  -8.207  -5.589  1.00 12.35 ? 111 LEU A CA  1 
ATOM   671  C C   . LEU A 1 87  ? 12.318  -9.423  -6.537  1.00 12.63 ? 111 LEU A C   1 
ATOM   672  O O   . LEU A 1 87  ? 11.399  -9.737  -7.319  1.00 12.90 ? 111 LEU A O   1 
ATOM   673  C CB  . LEU A 1 87  ? 11.211  -8.495  -4.429  1.00 12.30 ? 111 LEU A CB  1 
ATOM   674  C CG  . LEU A 1 87  ? 11.455  -9.768  -3.612  1.00 12.34 ? 111 LEU A CG  1 
ATOM   675  C CD1 . LEU A 1 87  ? 12.247  -9.498  -2.349  1.00 10.93 ? 111 LEU A CD1 1 
ATOM   676  C CD2 . LEU A 1 87  ? 10.105  -10.405 -3.272  1.00 11.73 ? 111 LEU A CD2 1 
ATOM   677  N N   . VAL A 1 88  ? 13.477  -10.087 -6.469  1.00 12.48 ? 112 VAL A N   1 
ATOM   678  C CA  . VAL A 1 88  ? 13.796  -11.185 -7.383  1.00 11.82 ? 112 VAL A CA  1 
ATOM   679  C C   . VAL A 1 88  ? 13.650  -12.569 -6.737  1.00 12.05 ? 112 VAL A C   1 
ATOM   680  O O   . VAL A 1 88  ? 12.884  -13.409 -7.251  1.00 12.69 ? 112 VAL A O   1 
ATOM   681  C CB  . VAL A 1 88  ? 15.203  -11.026 -8.023  1.00 11.68 ? 112 VAL A CB  1 
ATOM   682  C CG1 . VAL A 1 88  ? 15.560  -12.271 -8.842  1.00 10.77 ? 112 VAL A CG1 1 
ATOM   683  C CG2 . VAL A 1 88  ? 15.276  -9.769  -8.895  1.00 10.16 ? 112 VAL A CG2 1 
ATOM   684  N N   . THR A 1 89  ? 14.373  -12.815 -5.638  1.00 11.15 ? 113 THR A N   1 
ATOM   685  C CA  . THR A 1 89  ? 14.325  -14.119 -4.977  1.00 11.08 ? 113 THR A CA  1 
ATOM   686  C C   . THR A 1 89  ? 13.786  -14.038 -3.543  1.00 10.80 ? 113 THR A C   1 
ATOM   687  O O   . THR A 1 89  ? 14.317  -13.303 -2.713  1.00 11.52 ? 113 THR A O   1 
ATOM   688  C CB  . THR A 1 89  ? 15.705  -14.836 -5.007  1.00 11.23 ? 113 THR A CB  1 
ATOM   689  O OG1 . THR A 1 89  ? 16.285  -14.715 -6.315  1.00 12.77 ? 113 THR A OG1 1 
ATOM   690  C CG2 . THR A 1 89  ? 15.570  -16.321 -4.684  1.00 11.26 ? 113 THR A CG2 1 
ATOM   691  N N   . SER A 1 90  ? 12.713  -14.777 -3.265  1.00 10.21 ? 114 SER A N   1 
ATOM   692  C CA  . SER A 1 90  ? 12.166  -14.890 -1.907  1.00 9.68  ? 114 SER A CA  1 
ATOM   693  C C   . SER A 1 90  ? 11.463  -16.241 -1.795  1.00 9.66  ? 114 SER A C   1 
ATOM   694  O O   . SER A 1 90  ? 10.954  -16.761 -2.798  1.00 9.72  ? 114 SER A O   1 
ATOM   695  C CB  . SER A 1 90  ? 11.215  -13.720 -1.561  1.00 9.85  ? 114 SER A CB  1 
ATOM   696  O OG  . SER A 1 90  ? 10.560  -13.868 -0.289  1.00 8.07  ? 114 SER A OG  1 
ATOM   697  N N   . ASN A 1 91  ? 11.484  -16.811 -0.590  1.00 9.51  ? 115 ASN A N   1 
ATOM   698  C CA  . ASN A 1 91  ? 10.805  -18.070 -0.268  1.00 9.70  ? 115 ASN A CA  1 
ATOM   699  C C   . ASN A 1 91  ? 9.315   -17.847 -0.076  1.00 9.59  ? 115 ASN A C   1 
ATOM   700  O O   . ASN A 1 91  ? 8.506   -18.721 -0.377  1.00 9.63  ? 115 ASN A O   1 
ATOM   701  C CB  . ASN A 1 91  ? 11.349  -18.640 1.052   1.00 9.83  ? 115 ASN A CB  1 
ATOM   702  C CG  . ASN A 1 91  ? 12.632  -19.432 0.880   1.00 10.26 ? 115 ASN A CG  1 
ATOM   703  O OD1 . ASN A 1 91  ? 13.075  -19.707 -0.237  1.00 12.18 ? 115 ASN A OD1 1 
ATOM   704  N ND2 . ASN A 1 91  ? 13.238  -19.807 1.997   1.00 9.59  ? 115 ASN A ND2 1 
ATOM   705  N N   . THR A 1 92  ? 8.978   -16.650 0.404   1.00 9.36  ? 116 THR A N   1 
ATOM   706  C CA  . THR A 1 92  ? 7.698   -16.366 1.038   1.00 9.06  ? 116 THR A CA  1 
ATOM   707  C C   . THR A 1 92  ? 6.813   -15.434 0.212   1.00 8.58  ? 116 THR A C   1 
ATOM   708  O O   . THR A 1 92  ? 7.295   -14.769 -0.701  1.00 8.34  ? 116 THR A O   1 
ATOM   709  C CB  . THR A 1 92  ? 7.942   -15.675 2.371   1.00 9.35  ? 116 THR A CB  1 
ATOM   710  O OG1 . THR A 1 92  ? 8.724   -14.502 2.116   1.00 10.84 ? 116 THR A OG1 1 
ATOM   711  C CG2 . THR A 1 92  ? 8.680   -16.592 3.352   1.00 8.06  ? 116 THR A CG2 1 
ATOM   712  N N   . SER A 1 93  ? 5.533   -15.358 0.594   1.00 8.19  ? 117 SER A N   1 
ATOM   713  C CA  . SER A 1 93  ? 4.472   -14.767 -0.227  1.00 8.01  ? 117 SER A CA  1 
ATOM   714  C C   . SER A 1 93  ? 3.847   -13.506 0.345   1.00 7.87  ? 117 SER A C   1 
ATOM   715  O O   . SER A 1 93  ? 3.105   -12.813 -0.348  1.00 8.39  ? 117 SER A O   1 
ATOM   716  C CB  . SER A 1 93  ? 3.361   -15.797 -0.497  1.00 8.03  ? 117 SER A CB  1 
ATOM   717  O OG  . SER A 1 93  ? 2.770   -16.259 0.703   1.00 8.53  ? 117 SER A OG  1 
ATOM   718  N N   . HIS A 1 94  ? 4.143   -13.200 1.601   1.00 7.73  ? 118 HIS A N   1 
ATOM   719  C CA  . HIS A 1 94  ? 3.505   -12.071 2.266   1.00 7.22  ? 118 HIS A CA  1 
ATOM   720  C C   . HIS A 1 94  ? 4.397   -10.788 2.314   1.00 7.10  ? 118 HIS A C   1 
ATOM   721  O O   . HIS A 1 94  ? 5.582   -10.844 2.674   1.00 7.44  ? 118 HIS A O   1 
ATOM   722  C CB  . HIS A 1 94  ? 3.036   -12.511 3.655   1.00 6.79  ? 118 HIS A CB  1 
ATOM   723  C CG  . HIS A 1 94  ? 1.739   -13.274 3.657   1.00 7.17  ? 118 HIS A CG  1 
ATOM   724  N ND1 . HIS A 1 94  ? 1.385   -14.169 2.665   1.00 7.33  ? 118 HIS A ND1 1 
ATOM   725  C CD2 . HIS A 1 94  ? 0.726   -13.304 4.563   1.00 6.23  ? 118 HIS A CD2 1 
ATOM   726  C CE1 . HIS A 1 94  ? 0.201   -14.689 2.941   1.00 6.28  ? 118 HIS A CE1 1 
ATOM   727  N NE2 . HIS A 1 94  ? -0.222  -14.179 4.086   1.00 6.04  ? 118 HIS A NE2 1 
ATOM   728  N N   . TYR A 1 95  ? 3.822   -9.649  1.921   1.00 6.32  ? 119 TYR A N   1 
ATOM   729  C CA  . TYR A 1 95  ? 4.511   -8.343  1.957   1.00 5.82  ? 119 TYR A CA  1 
ATOM   730  C C   . TYR A 1 95  ? 3.498   -7.276  2.322   1.00 5.63  ? 119 TYR A C   1 
ATOM   731  O O   . TYR A 1 95  ? 2.376   -7.597  2.717   1.00 5.46  ? 119 TYR A O   1 
ATOM   732  C CB  . TYR A 1 95  ? 5.196   -8.020  0.600   1.00 5.60  ? 119 TYR A CB  1 
ATOM   733  C CG  . TYR A 1 95  ? 6.091   -9.143  0.108   1.00 4.87  ? 119 TYR A CG  1 
ATOM   734  C CD1 . TYR A 1 95  ? 7.388   -9.290  0.597   1.00 3.13  ? 119 TYR A CD1 1 
ATOM   735  C CD2 . TYR A 1 95  ? 5.614   -10.098 -0.795  1.00 5.68  ? 119 TYR A CD2 1 
ATOM   736  C CE1 . TYR A 1 95  ? 8.205   -10.342 0.179   1.00 3.29  ? 119 TYR A CE1 1 
ATOM   737  C CE2 . TYR A 1 95  ? 6.428   -11.175 -1.217  1.00 5.47  ? 119 TYR A CE2 1 
ATOM   738  C CZ  . TYR A 1 95  ? 7.725   -11.277 -0.727  1.00 3.71  ? 119 TYR A CZ  1 
ATOM   739  O OH  . TYR A 1 95  ? 8.535   -12.310 -1.125  1.00 3.78  ? 119 TYR A OH  1 
ATOM   740  N N   . ASP A 1 96  ? 3.884   -6.006  2.200   1.00 5.45  ? 120 ASP A N   1 
ATOM   741  C CA  . ASP A 1 96  ? 2.908   -4.926  2.271   1.00 4.81  ? 120 ASP A CA  1 
ATOM   742  C C   . ASP A 1 96  ? 2.251   -4.761  0.904   1.00 5.13  ? 120 ASP A C   1 
ATOM   743  O O   . ASP A 1 96  ? 2.442   -5.594  0.000   1.00 5.13  ? 120 ASP A O   1 
ATOM   744  C CB  . ASP A 1 96  ? 3.563   -3.627  2.715   1.00 4.60  ? 120 ASP A CB  1 
ATOM   745  C CG  . ASP A 1 96  ? 4.093   -3.685  4.139   1.00 5.50  ? 120 ASP A CG  1 
ATOM   746  O OD1 . ASP A 1 96  ? 3.555   -4.423  4.998   1.00 5.66  ? 120 ASP A OD1 1 
ATOM   747  O OD2 . ASP A 1 96  ? 5.059   -2.953  4.411   1.00 7.52  ? 120 ASP A OD2 1 
ATOM   748  N N   . THR A 1 97  ? 1.451   -3.710  0.736   1.00 5.34  ? 121 THR A N   1 
ATOM   749  C CA  . THR A 1 97  ? 0.937   -3.420  -0.593  1.00 5.60  ? 121 THR A CA  1 
ATOM   750  C C   . THR A 1 97  ? 1.078   -1.941  -0.936  1.00 6.25  ? 121 THR A C   1 
ATOM   751  O O   . THR A 1 97  ? 1.162   -1.094  -0.021  1.00 6.96  ? 121 THR A O   1 
ATOM   752  C CB  . THR A 1 97  ? -0.518  -3.926  -0.790  1.00 5.37  ? 121 THR A CB  1 
ATOM   753  O OG1 . THR A 1 97  ? -0.772  -4.110  -2.191  1.00 5.62  ? 121 THR A OG1 1 
ATOM   754  C CG2 . THR A 1 97  ? -1.539  -2.959  -0.197  1.00 4.84  ? 121 THR A CG2 1 
ATOM   755  N N   . TYR A 1 98  ? 1.163   -1.655  -2.240  1.00 6.00  ? 122 TYR A N   1 
ATOM   756  C CA  . TYR A 1 98  ? 0.930   -0.317  -2.779  1.00 6.03  ? 122 TYR A CA  1 
ATOM   757  C C   . TYR A 1 98  ? -0.431  -0.317  -3.441  1.00 6.20  ? 122 TYR A C   1 
ATOM   758  O O   . TYR A 1 98  ? -0.855  -1.338  -3.988  1.00 5.97  ? 122 TYR A O   1 
ATOM   759  C CB  . TYR A 1 98  ? 2.006   0.081   -3.808  1.00 5.55  ? 122 TYR A CB  1 
ATOM   760  C CG  . TYR A 1 98  ? 3.355   0.100   -3.194  1.00 5.65  ? 122 TYR A CG  1 
ATOM   761  C CD1 . TYR A 1 98  ? 3.841   1.248   -2.561  1.00 5.98  ? 122 TYR A CD1 1 
ATOM   762  C CD2 . TYR A 1 98  ? 4.142   -1.047  -3.184  1.00 5.62  ? 122 TYR A CD2 1 
ATOM   763  C CE1 . TYR A 1 98  ? 5.089   1.250   -1.943  1.00 5.04  ? 122 TYR A CE1 1 
ATOM   764  C CE2 . TYR A 1 98  ? 5.389   -1.047  -2.588  1.00 6.12  ? 122 TYR A CE2 1 
ATOM   765  C CZ  . TYR A 1 98  ? 5.848   0.099   -1.961  1.00 5.31  ? 122 TYR A CZ  1 
ATOM   766  O OH  . TYR A 1 98  ? 7.066   0.077   -1.349  1.00 7.85  ? 122 TYR A OH  1 
ATOM   767  N N   . CYS A 1 99  ? -1.095  0.834   -3.393  1.00 6.09  ? 123 CYS A N   1 
ATOM   768  C CA  . CYS A 1 99  ? -2.381  1.025   -4.047  1.00 6.46  ? 123 CYS A CA  1 
ATOM   769  C C   . CYS A 1 99  ? -2.354  2.309   -4.877  1.00 6.38  ? 123 CYS A C   1 
ATOM   770  O O   . CYS A 1 99  ? -1.617  3.250   -4.545  1.00 6.56  ? 123 CYS A O   1 
ATOM   771  C CB  . CYS A 1 99  ? -3.520  1.072   -3.001  1.00 6.73  ? 123 CYS A CB  1 
ATOM   772  S SG  . CYS A 1 99  ? -3.833  -0.495  -2.122  1.00 6.12  ? 123 CYS A SG  1 
ATOM   773  N N   . PHE A 1 100 ? -3.161  2.353   -5.935  1.00 6.09  ? 124 PHE A N   1 
ATOM   774  C CA  . PHE A 1 100 ? -3.229  3.545   -6.782  1.00 6.53  ? 124 PHE A CA  1 
ATOM   775  C C   . PHE A 1 100 ? -4.617  4.167   -6.871  1.00 7.15  ? 124 PHE A C   1 
ATOM   776  O O   . PHE A 1 100 ? -5.564  3.522   -7.312  1.00 7.20  ? 124 PHE A O   1 
ATOM   777  C CB  . PHE A 1 100 ? -2.697  3.241   -8.188  1.00 6.23  ? 124 PHE A CB  1 
ATOM   778  C CG  . PHE A 1 100 ? -2.974  4.323   -9.194  1.00 5.05  ? 124 PHE A CG  1 
ATOM   779  C CD1 . PHE A 1 100 ? -2.346  5.566   -9.098  1.00 3.93  ? 124 PHE A CD1 1 
ATOM   780  C CD2 . PHE A 1 100 ? -3.858  4.102   -10.243 1.00 4.64  ? 124 PHE A CD2 1 
ATOM   781  C CE1 . PHE A 1 100 ? -2.587  6.563   -10.016 1.00 2.00  ? 124 PHE A CE1 1 
ATOM   782  C CE2 . PHE A 1 100 ? -4.110  5.104   -11.184 1.00 3.95  ? 124 PHE A CE2 1 
ATOM   783  C CZ  . PHE A 1 100 ? -3.470  6.335   -11.066 1.00 3.44  ? 124 PHE A CZ  1 
ATOM   784  N N   . ASN A 1 101 ? -4.724  5.430   -6.465  1.00 8.14  ? 125 ASN A N   1 
ATOM   785  C CA  . ASN A 1 101 ? -5.978  6.187   -6.567  1.00 9.22  ? 125 ASN A CA  1 
ATOM   786  C C   . ASN A 1 101 ? -5.875  7.250   -7.665  1.00 9.61  ? 125 ASN A C   1 
ATOM   787  O O   . ASN A 1 101 ? -5.126  8.225   -7.542  1.00 10.20 ? 125 ASN A O   1 
ATOM   788  C CB  . ASN A 1 101 ? -6.319  6.831   -5.224  1.00 9.24  ? 125 ASN A CB  1 
ATOM   789  C CG  . ASN A 1 101 ? -7.689  7.490   -5.214  1.00 10.35 ? 125 ASN A CG  1 
ATOM   790  O OD1 . ASN A 1 101 ? -8.564  7.174   -6.018  1.00 12.05 ? 125 ASN A OD1 1 
ATOM   791  N ND2 . ASN A 1 101 ? -7.883  8.409   -4.286  1.00 11.07 ? 125 ASN A ND2 1 
ATOM   792  N N   . ALA A 1 102 ? -6.630  7.053   -8.736  1.00 9.85  ? 126 ALA A N   1 
ATOM   793  C CA  . ALA A 1 102 ? -6.558  7.908   -9.911  1.00 10.15 ? 126 ALA A CA  1 
ATOM   794  C C   . ALA A 1 102 ? -7.107  9.309   -9.637  1.00 10.78 ? 126 ALA A C   1 
ATOM   795  O O   . ALA A 1 102 ? -6.785  10.256  -10.359 1.00 11.13 ? 126 ALA A O   1 
ATOM   796  C CB  . ALA A 1 102 ? -7.284  7.261   -11.072 1.00 9.67  ? 126 ALA A CB  1 
ATOM   797  N N   . SER A 1 103 ? -7.917  9.434   -8.586  1.00 10.93 ? 127 SER A N   1 
ATOM   798  C CA  . SER A 1 103 ? -8.590  10.692  -8.250  1.00 11.21 ? 127 SER A CA  1 
ATOM   799  C C   . SER A 1 103 ? -7.764  11.577  -7.348  1.00 11.20 ? 127 SER A C   1 
ATOM   800  O O   . SER A 1 103 ? -8.209  12.659  -6.959  1.00 11.86 ? 127 SER A O   1 
ATOM   801  C CB  . SER A 1 103 ? -9.915  10.407  -7.551  1.00 11.25 ? 127 SER A CB  1 
ATOM   802  O OG  . SER A 1 103 ? -10.780 9.708   -8.428  1.00 12.73 ? 127 SER A OG  1 
ATOM   803  N N   . ALA A 1 104 ? -6.572  11.124  -6.991  1.00 10.84 ? 128 ALA A N   1 
ATOM   804  C CA  . ALA A 1 104 ? -5.762  11.869  -6.048  1.00 10.68 ? 128 ALA A CA  1 
ATOM   805  C C   . ALA A 1 104 ? -5.142  13.071  -6.755  1.00 10.58 ? 128 ALA A C   1 
ATOM   806  O O   . ALA A 1 104 ? -5.157  13.133  -7.978  1.00 10.67 ? 128 ALA A O   1 
ATOM   807  C CB  . ALA A 1 104 ? -4.695  10.966  -5.440  1.00 10.77 ? 128 ALA A CB  1 
ATOM   808  N N   . PRO A 1 105 ? -4.618  14.050  -5.990  1.00 10.81 ? 129 PRO A N   1 
ATOM   809  C CA  . PRO A 1 105 ? -3.856  15.114  -6.652  1.00 10.40 ? 129 PRO A CA  1 
ATOM   810  C C   . PRO A 1 105 ? -2.640  14.522  -7.378  1.00 10.24 ? 129 PRO A C   1 
ATOM   811  O O   . PRO A 1 105 ? -2.284  13.379  -7.099  1.00 9.82  ? 129 PRO A O   1 
ATOM   812  C CB  . PRO A 1 105 ? -3.434  16.012  -5.482  1.00 10.59 ? 129 PRO A CB  1 
ATOM   813  C CG  . PRO A 1 105 ? -4.519  15.767  -4.441  1.00 10.47 ? 129 PRO A CG  1 
ATOM   814  C CD  . PRO A 1 105 ? -4.736  14.292  -4.535  1.00 10.45 ? 129 PRO A CD  1 
ATOM   815  N N   . PRO A 1 106 ? -2.040  15.276  -8.332  1.00 10.39 ? 130 PRO A N   1 
ATOM   816  C CA  . PRO A 1 106 ? -0.976  14.722  -9.147  1.00 10.44 ? 130 PRO A CA  1 
ATOM   817  C C   . PRO A 1 106 ? 0.370   14.593  -8.436  1.00 11.39 ? 130 PRO A C   1 
ATOM   818  O O   . PRO A 1 106 ? 1.224   13.824  -8.883  1.00 11.90 ? 130 PRO A O   1 
ATOM   819  C CB  . PRO A 1 106 ? -0.878  15.713  -10.308 1.00 10.39 ? 130 PRO A CB  1 
ATOM   820  C CG  . PRO A 1 106 ? -1.383  16.996  -9.776  1.00 10.44 ? 130 PRO A CG  1 
ATOM   821  C CD  . PRO A 1 106 ? -2.441  16.624  -8.795  1.00 10.32 ? 130 PRO A CD  1 
ATOM   822  N N   . GLU A 1 107 ? 0.569   15.333  -7.352  1.00 12.15 ? 131 GLU A N   1 
ATOM   823  C CA  . GLU A 1 107 ? 1.857   15.323  -6.659  1.00 13.20 ? 131 GLU A CA  1 
ATOM   824  C C   . GLU A 1 107 ? 1.758   14.643  -5.290  1.00 13.31 ? 131 GLU A C   1 
ATOM   825  O O   . GLU A 1 107 ? 1.143   13.574  -5.163  1.00 13.45 ? 131 GLU A O   1 
ATOM   826  C CB  . GLU A 1 107 ? 2.410   16.755  -6.540  1.00 13.82 ? 131 GLU A CB  1 
ATOM   827  C CG  . GLU A 1 107 ? 2.745   17.419  -7.881  1.00 15.53 ? 131 GLU A CG  1 
ATOM   828  C CD  . GLU A 1 107 ? 3.979   16.817  -8.555  1.00 18.24 ? 131 GLU A CD  1 
ATOM   829  O OE1 . GLU A 1 107 ? 4.895   16.333  -7.833  1.00 18.05 ? 131 GLU A OE1 1 
ATOM   830  O OE2 . GLU A 1 107 ? 4.046   16.856  -9.812  1.00 18.53 ? 131 GLU A OE2 1 
ATOM   831  N N   . GLU A 1 108 ? 2.361   15.260  -4.273  1.00 13.26 ? 132 GLU A N   1 
ATOM   832  C CA  . GLU A 1 108 ? 2.319   14.726  -2.921  1.00 13.29 ? 132 GLU A CA  1 
ATOM   833  C C   . GLU A 1 108 ? 1.018   15.161  -2.284  1.00 12.62 ? 132 GLU A C   1 
ATOM   834  O O   . GLU A 1 108 ? 0.742   16.344  -2.231  1.00 12.50 ? 132 GLU A O   1 
ATOM   835  C CB  . GLU A 1 108 ? 3.517   15.204  -2.093  1.00 13.35 ? 132 GLU A CB  1 
ATOM   836  C CG  . GLU A 1 108 ? 3.637   14.529  -0.735  1.00 15.83 ? 132 GLU A CG  1 
ATOM   837  C CD  . GLU A 1 108 ? 4.764   15.111  0.135   1.00 20.73 ? 132 GLU A CD  1 
ATOM   838  O OE1 . GLU A 1 108 ? 5.665   14.323  0.537   1.00 20.35 ? 132 GLU A OE1 1 
ATOM   839  O OE2 . GLU A 1 108 ? 4.737   16.341  0.423   1.00 19.90 ? 132 GLU A OE2 1 
ATOM   840  N N   . ASP A 1 109 ? 0.198   14.197  -1.867  1.00 12.39 ? 133 ASP A N   1 
ATOM   841  C CA  . ASP A 1 109 ? -0.990  14.472  -1.060  1.00 12.19 ? 133 ASP A CA  1 
ATOM   842  C C   . ASP A 1 109 ? -0.765  13.822  0.286   1.00 12.13 ? 133 ASP A C   1 
ATOM   843  O O   . ASP A 1 109 ? -0.920  12.608  0.427   1.00 12.10 ? 133 ASP A O   1 
ATOM   844  C CB  . ASP A 1 109 ? -2.270  13.929  -1.714  1.00 12.09 ? 133 ASP A CB  1 
ATOM   845  C CG  . ASP A 1 109 ? -3.555  14.215  -0.883  1.00 13.02 ? 133 ASP A CG  1 
ATOM   846  O OD1 . ASP A 1 109 ? -3.526  14.968  0.124   1.00 12.90 ? 133 ASP A OD1 1 
ATOM   847  O OD2 . ASP A 1 109 ? -4.621  13.680  -1.254  1.00 13.33 ? 133 ASP A OD2 1 
ATOM   848  N N   . CYS A 1 110 ? -0.379  14.649  1.257   1.00 12.27 ? 134 CYS A N   1 
ATOM   849  C CA  . CYS A 1 110 ? -0.070  14.222  2.615   1.00 12.29 ? 134 CYS A CA  1 
ATOM   850  C C   . CYS A 1 110 ? -1.211  14.547  3.543   1.00 12.24 ? 134 CYS A C   1 
ATOM   851  O O   . CYS A 1 110 ? -1.102  14.330  4.749   1.00 12.60 ? 134 CYS A O   1 
ATOM   852  C CB  . CYS A 1 110 ? 1.221   14.867  3.138   1.00 12.44 ? 134 CYS A CB  1 
ATOM   853  S SG  . CYS A 1 110 ? 2.771   13.945  2.768   1.00 14.09 ? 134 CYS A SG  1 
ATOM   854  N N   . THR A 1 111 ? -2.318  15.045  2.991   1.00 12.07 ? 135 THR A N   1 
ATOM   855  C CA  . THR A 1 111 ? -3.548  15.186  3.781   1.00 12.08 ? 135 THR A CA  1 
ATOM   856  C C   . THR A 1 111 ? -4.005  13.806  4.301   1.00 12.88 ? 135 THR A C   1 
ATOM   857  O O   . THR A 1 111 ? -3.518  12.760  3.842   1.00 13.03 ? 135 THR A O   1 
ATOM   858  C CB  . THR A 1 111 ? -4.689  15.957  3.019   1.00 12.17 ? 135 THR A CB  1 
ATOM   859  O OG1 . THR A 1 111 ? -5.323  15.105  2.057   1.00 10.35 ? 135 THR A OG1 1 
ATOM   860  C CG2 . THR A 1 111 ? -4.145  17.243  2.345   1.00 10.84 ? 135 THR A CG2 1 
ATOM   861  N N   . SER A 1 112 ? -4.907  13.778  5.280   1.00 13.70 ? 136 SER A N   1 
ATOM   862  C CA  . SER A 1 112 ? -5.247  12.495  5.898   1.00 14.30 ? 136 SER A CA  1 
ATOM   863  C C   . SER A 1 112 ? -6.347  11.753  5.155   1.00 14.61 ? 136 SER A C   1 
ATOM   864  O O   . SER A 1 112 ? -7.311  12.356  4.709   1.00 14.69 ? 136 SER A O   1 
ATOM   865  C CB  . SER A 1 112 ? -5.516  12.626  7.405   1.00 14.05 ? 136 SER A CB  1 
ATOM   866  O OG  . SER A 1 112 ? -6.513  13.571  7.715   1.00 14.39 ? 136 SER A OG  1 
ATOM   867  N N   . VAL A 1 113 ? -6.156  10.447  4.988   1.00 15.37 ? 137 VAL A N   1 
ATOM   868  C CA  . VAL A 1 113 ? -7.197  9.542   4.469   1.00 16.14 ? 137 VAL A CA  1 
ATOM   869  C C   . VAL A 1 113 ? -8.244  9.268   5.571   1.00 16.51 ? 137 VAL A C   1 
ATOM   870  O O   . VAL A 1 113 ? -7.896  8.761   6.657   1.00 16.34 ? 137 VAL A O   1 
ATOM   871  C CB  . VAL A 1 113 ? -6.596  8.184   3.939   1.00 16.08 ? 137 VAL A CB  1 
ATOM   872  C CG1 . VAL A 1 113 ? -7.641  7.359   3.198   1.00 15.49 ? 137 VAL A CG1 1 
ATOM   873  C CG2 . VAL A 1 113 ? -5.406  8.438   3.015   1.00 16.76 ? 137 VAL A CG2 1 
ATOM   874  N N   . THR A 1 114 ? -9.509  9.601   5.289   1.00 16.71 ? 138 THR A N   1 
ATOM   875  C CA  . THR A 1 114 ? -10.570 9.482   6.287   1.00 17.44 ? 138 THR A CA  1 
ATOM   876  C C   . THR A 1 114 ? -11.739 8.523   5.961   1.00 18.02 ? 138 THR A C   1 
ATOM   877  O O   . THR A 1 114 ? -12.809 8.646   6.558   1.00 18.47 ? 138 THR A O   1 
ATOM   878  C CB  . THR A 1 114 ? -11.129 10.880  6.707   1.00 17.50 ? 138 THR A CB  1 
ATOM   879  O OG1 . THR A 1 114 ? -11.634 11.567  5.562   1.00 16.68 ? 138 THR A OG1 1 
ATOM   880  C CG2 . THR A 1 114 ? -10.052 11.731  7.387   1.00 18.24 ? 138 THR A CG2 1 
ATOM   881  N N   . ASP A 1 115 ? -11.542 7.578   5.036   1.00 18.33 ? 139 ASP A N   1 
ATOM   882  C CA  . ASP A 1 115 ? -12.557 6.544   4.719   1.00 18.57 ? 139 ASP A CA  1 
ATOM   883  C C   . ASP A 1 115 ? -12.005 5.422   3.843   1.00 17.91 ? 139 ASP A C   1 
ATOM   884  O O   . ASP A 1 115 ? -11.126 5.639   3.008   1.00 18.25 ? 139 ASP A O   1 
ATOM   885  C CB  . ASP A 1 115 ? -13.838 7.135   4.071   1.00 19.24 ? 139 ASP A CB  1 
ATOM   886  C CG  . ASP A 1 115 ? -15.019 6.080   3.929   1.00 21.17 ? 139 ASP A CG  1 
ATOM   887  O OD1 . ASP A 1 115 ? -15.070 5.026   4.642   1.00 19.13 ? 139 ASP A OD1 1 
ATOM   888  O OD2 . ASP A 1 115 ? -15.918 6.342   3.084   1.00 22.54 ? 139 ASP A OD2 1 
ATOM   889  N N   . LEU A 1 116 ? -12.539 4.225   4.073   1.00 16.93 ? 140 LEU A N   1 
ATOM   890  C CA  . LEU A 1 116 ? -12.310 3.054   3.262   1.00 15.87 ? 140 LEU A CA  1 
ATOM   891  C C   . LEU A 1 116 ? -13.571 2.924   2.420   1.00 15.94 ? 140 LEU A C   1 
ATOM   892  O O   . LEU A 1 116 ? -14.464 2.136   2.749   1.00 15.51 ? 140 LEU A O   1 
ATOM   893  C CB  . LEU A 1 116 ? -12.157 1.859   4.179   1.00 15.27 ? 140 LEU A CB  1 
ATOM   894  C CG  . LEU A 1 116 ? -11.438 0.637   3.642   1.00 15.14 ? 140 LEU A CG  1 
ATOM   895  C CD1 . LEU A 1 116 ? -10.010 0.951   3.230   1.00 13.42 ? 140 LEU A CD1 1 
ATOM   896  C CD2 . LEU A 1 116 ? -11.463 -0.430  4.700   1.00 15.43 ? 140 LEU A CD2 1 
ATOM   897  N N   . PRO A 1 117 ? -13.655 3.712   1.327   1.00 15.96 ? 141 PRO A N   1 
ATOM   898  C CA  . PRO A 1 117 ? -14.968 4.022   0.726   1.00 16.03 ? 141 PRO A CA  1 
ATOM   899  C C   . PRO A 1 117 ? -15.728 2.802   0.196   1.00 16.09 ? 141 PRO A C   1 
ATOM   900  O O   . PRO A 1 117 ? -16.967 2.812   0.121   1.00 15.51 ? 141 PRO A O   1 
ATOM   901  C CB  . PRO A 1 117 ? -14.618 4.986   -0.419  1.00 15.93 ? 141 PRO A CB  1 
ATOM   902  C CG  . PRO A 1 117 ? -13.189 4.733   -0.723  1.00 15.52 ? 141 PRO A CG  1 
ATOM   903  C CD  . PRO A 1 117 ? -12.537 4.262   0.536   1.00 15.51 ? 141 PRO A CD  1 
ATOM   904  N N   . ASN A 1 118 ? -14.976 1.763   -0.151  1.00 15.93 ? 142 ASN A N   1 
ATOM   905  C CA  . ASN A 1 118 ? -15.510 0.654   -0.898  1.00 16.11 ? 142 ASN A CA  1 
ATOM   906  C C   . ASN A 1 118 ? -15.476 -0.665  -0.120  1.00 16.12 ? 142 ASN A C   1 
ATOM   907  O O   . ASN A 1 118 ? -15.581 -1.742  -0.710  1.00 16.30 ? 142 ASN A O   1 
ATOM   908  C CB  . ASN A 1 118 ? -14.739 0.539   -2.210  1.00 16.49 ? 142 ASN A CB  1 
ATOM   909  C CG  . ASN A 1 118 ? -15.595 0.025   -3.355  1.00 18.29 ? 142 ASN A CG  1 
ATOM   910  O OD1 . ASN A 1 118 ? -16.719 0.496   -3.562  1.00 19.73 ? 142 ASN A OD1 1 
ATOM   911  N ND2 . ASN A 1 118 ? -15.063 -0.948  -4.114  1.00 17.23 ? 142 ASN A ND2 1 
ATOM   912  N N   . SER A 1 119 ? -15.306 -0.583  1.202   1.00 15.92 ? 143 SER A N   1 
ATOM   913  C CA  . SER A 1 119 ? -15.386 -1.765  2.052   1.00 15.99 ? 143 SER A CA  1 
ATOM   914  C C   . SER A 1 119 ? -16.851 -2.204  2.176   1.00 16.22 ? 143 SER A C   1 
ATOM   915  O O   . SER A 1 119 ? -17.771 -1.389  2.019   1.00 16.14 ? 143 SER A O   1 
ATOM   916  C CB  . SER A 1 119 ? -14.802 -1.476  3.432   1.00 16.07 ? 143 SER A CB  1 
ATOM   917  O OG  . SER A 1 119 ? -15.679 -0.683  4.217   1.00 15.55 ? 143 SER A OG  1 
ATOM   918  N N   . PHE A 1 120 ? -17.067 -3.485  2.449   1.00 16.25 ? 144 PHE A N   1 
ATOM   919  C CA  . PHE A 1 120 ? -18.423 -4.019  2.517   1.00 16.61 ? 144 PHE A CA  1 
ATOM   920  C C   . PHE A 1 120 ? -18.810 -4.529  3.905   1.00 16.67 ? 144 PHE A C   1 
ATOM   921  O O   . PHE A 1 120 ? -17.985 -4.532  4.819   1.00 17.15 ? 144 PHE A O   1 
ATOM   922  C CB  . PHE A 1 120 ? -18.678 -5.070  1.425   1.00 16.83 ? 144 PHE A CB  1 
ATOM   923  C CG  . PHE A 1 120 ? -17.610 -6.132  1.302   1.00 18.07 ? 144 PHE A CG  1 
ATOM   924  C CD1 . PHE A 1 120 ? -17.640 -7.279  2.109   1.00 19.47 ? 144 PHE A CD1 1 
ATOM   925  C CD2 . PHE A 1 120 ? -16.603 -6.008  0.347   1.00 17.80 ? 144 PHE A CD2 1 
ATOM   926  C CE1 . PHE A 1 120 ? -16.670 -8.277  1.983   1.00 18.70 ? 144 PHE A CE1 1 
ATOM   927  C CE2 . PHE A 1 120 ? -15.632 -6.980  0.216   1.00 19.00 ? 144 PHE A CE2 1 
ATOM   928  C CZ  . PHE A 1 120 ? -15.666 -8.130  1.037   1.00 19.76 ? 144 PHE A CZ  1 
ATOM   929  N N   . ASP A 1 121 ? -20.075 -4.919  4.061   1.00 16.48 ? 145 ASP A N   1 
ATOM   930  C CA  . ASP A 1 121 ? -20.577 -5.443  5.327   1.00 16.20 ? 145 ASP A CA  1 
ATOM   931  C C   . ASP A 1 121 ? -19.673 -6.549  5.891   1.00 15.97 ? 145 ASP A C   1 
ATOM   932  O O   . ASP A 1 121 ? -19.279 -7.495  5.173   1.00 15.85 ? 145 ASP A O   1 
ATOM   933  C CB  . ASP A 1 121 ? -22.022 -5.944  5.184   1.00 16.07 ? 145 ASP A CB  1 
ATOM   934  C CG  . ASP A 1 121 ? -22.700 -6.208  6.545   1.00 16.89 ? 145 ASP A CG  1 
ATOM   935  O OD1 . ASP A 1 121 ? -23.150 -5.226  7.204   1.00 15.51 ? 145 ASP A OD1 1 
ATOM   936  O OD2 . ASP A 1 121 ? -22.789 -7.400  6.943   1.00 16.29 ? 145 ASP A OD2 1 
ATOM   937  N N   . GLY A 1 122 ? -19.338 -6.407  7.173   1.00 15.49 ? 146 GLY A N   1 
ATOM   938  C CA  . GLY A 1 122 ? -18.557 -7.407  7.883   1.00 15.21 ? 146 GLY A CA  1 
ATOM   939  C C   . GLY A 1 122 ? -18.373 -7.042  9.338   1.00 14.97 ? 146 GLY A C   1 
ATOM   940  O O   . GLY A 1 122 ? -18.831 -5.983  9.754   1.00 14.67 ? 146 GLY A O   1 
ATOM   941  N N   . PRO A 1 123 ? -17.679 -7.910  10.118  1.00 15.10 ? 147 PRO A N   1 
ATOM   942  C CA  . PRO A 1 123 ? -17.609 -7.759  11.583  1.00 14.61 ? 147 PRO A CA  1 
ATOM   943  C C   . PRO A 1 123 ? -16.344 -7.067  12.112  1.00 14.23 ? 147 PRO A C   1 
ATOM   944  O O   . PRO A 1 123 ? -16.274 -6.761  13.307  1.00 14.64 ? 147 PRO A O   1 
ATOM   945  C CB  . PRO A 1 123 ? -17.630 -9.219  12.075  1.00 14.70 ? 147 PRO A CB  1 
ATOM   946  C CG  . PRO A 1 123 ? -17.104 -10.074 10.858  1.00 14.48 ? 147 PRO A CG  1 
ATOM   947  C CD  . PRO A 1 123 ? -16.979 -9.140  9.668   1.00 14.81 ? 147 PRO A CD  1 
ATOM   948  N N   . VAL A 1 124 ? -15.357 -6.847  11.240  1.00 13.50 ? 148 VAL A N   1 
ATOM   949  C CA  . VAL A 1 124 ? -14.045 -6.336  11.638  1.00 12.56 ? 148 VAL A CA  1 
ATOM   950  C C   . VAL A 1 124 ? -14.102 -4.830  11.906  1.00 12.46 ? 148 VAL A C   1 
ATOM   951  O O   . VAL A 1 124 ? -14.751 -4.079  11.147  1.00 12.11 ? 148 VAL A O   1 
ATOM   952  C CB  . VAL A 1 124 ? -12.958 -6.614  10.551  1.00 12.82 ? 148 VAL A CB  1 
ATOM   953  C CG1 . VAL A 1 124 ? -11.543 -6.448  11.133  1.00 12.67 ? 148 VAL A CG1 1 
ATOM   954  C CG2 . VAL A 1 124 ? -13.127 -7.994  9.928   1.00 11.77 ? 148 VAL A CG2 1 
ATOM   955  N N   . THR A 1 125 ? -13.444 -4.398  12.993  1.00 12.04 ? 149 THR A N   1 
ATOM   956  C CA  . THR A 1 125 ? -13.170 -2.974  13.214  1.00 11.53 ? 149 THR A CA  1 
ATOM   957  C C   . THR A 1 125 ? -11.949 -2.675  12.366  1.00 11.30 ? 149 THR A C   1 
ATOM   958  O O   . THR A 1 125 ? -10.851 -3.187  12.648  1.00 11.55 ? 149 THR A O   1 
ATOM   959  C CB  . THR A 1 125 ? -12.858 -2.621  14.700  1.00 11.78 ? 149 THR A CB  1 
ATOM   960  O OG1 . THR A 1 125 ? -13.993 -2.908  15.534  1.00 12.49 ? 149 THR A OG1 1 
ATOM   961  C CG2 . THR A 1 125 ? -12.495 -1.138  14.858  1.00 10.21 ? 149 THR A CG2 1 
ATOM   962  N N   . ILE A 1 126 ? -12.149 -1.895  11.304  1.00 10.67 ? 150 ILE A N   1 
ATOM   963  C CA  . ILE A 1 126 ? -11.048 -1.532  10.417  1.00 10.02 ? 150 ILE A CA  1 
ATOM   964  C C   . ILE A 1 126 ? -10.661 -0.094  10.710  1.00 9.62  ? 150 ILE A C   1 
ATOM   965  O O   . ILE A 1 126 ? -11.467 0.804   10.527  1.00 9.88  ? 150 ILE A O   1 
ATOM   966  C CB  . ILE A 1 126 ? -11.392 -1.717  8.903   1.00 9.83  ? 150 ILE A CB  1 
ATOM   967  C CG1 . ILE A 1 126 ? -11.843 -3.137  8.587   1.00 8.65  ? 150 ILE A CG1 1 
ATOM   968  C CG2 . ILE A 1 126 ? -10.194 -1.408  8.034   1.00 9.61  ? 150 ILE A CG2 1 
ATOM   969  C CD1 . ILE A 1 126 ? -12.703 -3.203  7.363   1.00 6.29  ? 150 ILE A CD1 1 
ATOM   970  N N   . THR A 1 127 ? -9.431  0.116   11.168  1.00 9.21  ? 151 THR A N   1 
ATOM   971  C CA  . THR A 1 127 ? -8.949  1.458   11.483  1.00 8.82  ? 151 THR A CA  1 
ATOM   972  C C   . THR A 1 127 ? -7.912  1.865   10.446  1.00 9.26  ? 151 THR A C   1 
ATOM   973  O O   . THR A 1 127 ? -6.940  1.145   10.227  1.00 9.98  ? 151 THR A O   1 
ATOM   974  C CB  . THR A 1 127 ? -8.308  1.535   12.904  1.00 8.39  ? 151 THR A CB  1 
ATOM   975  O OG1 . THR A 1 127 ? -9.225  1.055   13.891  1.00 7.23  ? 151 THR A OG1 1 
ATOM   976  C CG2 . THR A 1 127 ? -7.918  2.960   13.260  1.00 8.17  ? 151 THR A CG2 1 
ATOM   977  N N   . ILE A 1 128 ? -8.122  3.012   9.804   1.00 9.31  ? 152 ILE A N   1 
ATOM   978  C CA  . ILE A 1 128 ? -7.112  3.612   8.929   1.00 8.85  ? 152 ILE A CA  1 
ATOM   979  C C   . ILE A 1 128 ? -6.263  4.548   9.769   1.00 9.01  ? 152 ILE A C   1 
ATOM   980  O O   . ILE A 1 128 ? -6.787  5.423   10.482  1.00 8.20  ? 152 ILE A O   1 
ATOM   981  C CB  . ILE A 1 128 ? -7.742  4.378   7.750   1.00 9.13  ? 152 ILE A CB  1 
ATOM   982  C CG1 . ILE A 1 128 ? -8.328  3.393   6.727   1.00 9.93  ? 152 ILE A CG1 1 
ATOM   983  C CG2 . ILE A 1 128 ? -6.721  5.308   7.093   1.00 7.24  ? 152 ILE A CG2 1 
ATOM   984  C CD1 . ILE A 1 128 ? -9.478  3.985   5.892   1.00 11.47 ? 152 ILE A CD1 1 
ATOM   985  N N   . VAL A 1 129 ? -4.947  4.344   9.684   1.00 9.25  ? 153 VAL A N   1 
ATOM   986  C CA  . VAL A 1 129 ? -3.982  5.079   10.505  1.00 9.12  ? 153 VAL A CA  1 
ATOM   987  C C   . VAL A 1 129 ? -3.050  5.929   9.626   1.00 9.69  ? 153 VAL A C   1 
ATOM   988  O O   . VAL A 1 129 ? -2.213  5.388   8.904   1.00 9.81  ? 153 VAL A O   1 
ATOM   989  C CB  . VAL A 1 129 ? -3.146  4.117   11.440  1.00 8.84  ? 153 VAL A CB  1 
ATOM   990  C CG1 . VAL A 1 129 ? -2.218  4.919   12.342  1.00 7.66  ? 153 VAL A CG1 1 
ATOM   991  C CG2 . VAL A 1 129 ? -4.063  3.205   12.283  1.00 7.47  ? 153 VAL A CG2 1 
ATOM   992  N N   . ASN A 1 130 ? -3.206  7.250   9.682   1.00 10.22 ? 154 ASN A N   1 
ATOM   993  C CA  . ASN A 1 130 ? -2.268  8.163   9.020   1.00 11.22 ? 154 ASN A CA  1 
ATOM   994  C C   . ASN A 1 130 ? -0.965  8.323   9.797   1.00 11.87 ? 154 ASN A C   1 
ATOM   995  O O   . ASN A 1 130 ? -0.908  8.019   10.988  1.00 11.83 ? 154 ASN A O   1 
ATOM   996  C CB  . ASN A 1 130 ? -2.925  9.525   8.752   1.00 11.21 ? 154 ASN A CB  1 
ATOM   997  C CG  . ASN A 1 130 ? -4.143  9.407   7.842   1.00 11.99 ? 154 ASN A CG  1 
ATOM   998  O OD1 . ASN A 1 130 ? -4.029  9.412   6.608   1.00 10.15 ? 154 ASN A OD1 1 
ATOM   999  N ND2 . ASN A 1 130 ? -5.320  9.284   8.455   1.00 12.16 ? 154 ASN A ND2 1 
ATOM   1000 N N   . ARG A 1 131 ? 0.081   8.792   9.111   1.00 13.21 ? 155 ARG A N   1 
ATOM   1001 C CA  . ARG A 1 131 ? 1.409   8.998   9.712   1.00 13.90 ? 155 ARG A CA  1 
ATOM   1002 C C   . ARG A 1 131 ? 1.409   10.089  10.806  1.00 13.76 ? 155 ARG A C   1 
ATOM   1003 O O   . ARG A 1 131 ? 2.149   9.986   11.804  1.00 14.07 ? 155 ARG A O   1 
ATOM   1004 C CB  . ARG A 1 131 ? 2.448   9.307   8.632   1.00 14.66 ? 155 ARG A CB  1 
ATOM   1005 C CG  . ARG A 1 131 ? 3.742   8.542   8.825   1.00 17.96 ? 155 ARG A CG  1 
ATOM   1006 C CD  . ARG A 1 131 ? 4.976   9.343   8.397   1.00 24.26 ? 155 ARG A CD  1 
ATOM   1007 N NE  . ARG A 1 131 ? 6.203   8.634   8.803   1.00 29.56 ? 155 ARG A NE  1 
ATOM   1008 C CZ  . ARG A 1 131 ? 7.417   8.816   8.274   1.00 31.82 ? 155 ARG A CZ  1 
ATOM   1009 N NH1 . ARG A 1 131 ? 7.612   9.695   7.286   1.00 33.34 ? 155 ARG A NH1 1 
ATOM   1010 N NH2 . ARG A 1 131 ? 8.445   8.108   8.729   1.00 31.70 ? 155 ARG A NH2 1 
ATOM   1011 N N   . ASP A 1 132 ? 0.572   11.117  10.631  1.00 12.99 ? 156 ASP A N   1 
ATOM   1012 C CA  . ASP A 1 132 ? 0.396   12.137  11.654  1.00 12.56 ? 156 ASP A CA  1 
ATOM   1013 C C   . ASP A 1 132 ? -0.520  11.645  12.802  1.00 12.59 ? 156 ASP A C   1 
ATOM   1014 O O   . ASP A 1 132 ? -0.941  12.425  13.676  1.00 12.35 ? 156 ASP A O   1 
ATOM   1015 C CB  . ASP A 1 132 ? -0.160  13.414  11.036  1.00 12.35 ? 156 ASP A CB  1 
ATOM   1016 C CG  . ASP A 1 132 ? -1.577  13.256  10.583  1.00 12.22 ? 156 ASP A CG  1 
ATOM   1017 O OD1 . ASP A 1 132 ? -2.176  12.203  10.892  1.00 12.49 ? 156 ASP A OD1 1 
ATOM   1018 O OD2 . ASP A 1 132 ? -2.100  14.177  9.919   1.00 12.01 ? 156 ASP A OD2 1 
ATOM   1019 N N   . GLY A 1 133 ? -0.834  10.355  12.785  1.00 12.35 ? 157 GLY A N   1 
ATOM   1020 C CA  . GLY A 1 133 ? -1.590  9.732   13.865  1.00 12.23 ? 157 GLY A CA  1 
ATOM   1021 C C   . GLY A 1 133 ? -3.103  9.810   13.771  1.00 12.18 ? 157 GLY A C   1 
ATOM   1022 O O   . GLY A 1 133 ? -3.790  9.175   14.560  1.00 12.26 ? 157 GLY A O   1 
ATOM   1023 N N   . THR A 1 134 ? -3.629  10.574  12.817  1.00 12.54 ? 158 THR A N   1 
ATOM   1024 C CA  . THR A 1 134 ? -5.083  10.779  12.714  1.00 12.89 ? 158 THR A CA  1 
ATOM   1025 C C   . THR A 1 134 ? -5.766  9.518   12.191  1.00 13.71 ? 158 THR A C   1 
ATOM   1026 O O   . THR A 1 134 ? -5.288  8.896   11.238  1.00 13.31 ? 158 THR A O   1 
ATOM   1027 C CB  . THR A 1 134 ? -5.446  12.003  11.836  1.00 12.54 ? 158 THR A CB  1 
ATOM   1028 O OG1 . THR A 1 134 ? -4.802  11.887  10.566  1.00 12.28 ? 158 THR A OG1 1 
ATOM   1029 C CG2 . THR A 1 134 ? -5.002  13.298  12.491  1.00 11.62 ? 158 THR A CG2 1 
ATOM   1030 N N   . ARG A 1 135 ? -6.884  9.161   12.826  1.00 14.98 ? 159 ARG A N   1 
ATOM   1031 C CA  . ARG A 1 135 ? -7.566  7.873   12.615  1.00 16.33 ? 159 ARG A CA  1 
ATOM   1032 C C   . ARG A 1 135 ? -9.015  7.947   12.144  1.00 17.23 ? 159 ARG A C   1 
ATOM   1033 O O   . ARG A 1 135 ? -9.766  8.866   12.481  1.00 16.99 ? 159 ARG A O   1 
ATOM   1034 C CB  . ARG A 1 135 ? -7.532  7.042   13.896  1.00 16.22 ? 159 ARG A CB  1 
ATOM   1035 C CG  . ARG A 1 135 ? -6.202  6.390   14.126  1.00 17.04 ? 159 ARG A CG  1 
ATOM   1036 C CD  . ARG A 1 135 ? -5.951  6.116   15.610  1.00 17.72 ? 159 ARG A CD  1 
ATOM   1037 N NE  . ARG A 1 135 ? -4.601  5.584   15.768  1.00 17.04 ? 159 ARG A NE  1 
ATOM   1038 C CZ  . ARG A 1 135 ? -4.335  4.289   15.757  1.00 16.97 ? 159 ARG A CZ  1 
ATOM   1039 N NH1 . ARG A 1 135 ? -5.333  3.411   15.655  1.00 16.38 ? 159 ARG A NH1 1 
ATOM   1040 N NH2 . ARG A 1 135 ? -3.084  3.873   15.878  1.00 16.74 ? 159 ARG A NH2 1 
ATOM   1041 N N   . TYR A 1 136 ? -9.400  6.940   11.368  1.00 18.61 ? 160 TYR A N   1 
ATOM   1042 C CA  . TYR A 1 136 ? -10.779 6.763   10.956  1.00 19.48 ? 160 TYR A CA  1 
ATOM   1043 C C   . TYR A 1 136 ? -11.133 5.275   11.061  1.00 19.23 ? 160 TYR A C   1 
ATOM   1044 O O   . TYR A 1 136 ? -10.437 4.436   10.501  1.00 19.22 ? 160 TYR A O   1 
ATOM   1045 C CB  . TYR A 1 136 ? -11.003 7.311   9.542   1.00 19.87 ? 160 TYR A CB  1 
ATOM   1046 C CG  . TYR A 1 136 ? -12.257 6.745   8.907   1.00 23.32 ? 160 TYR A CG  1 
ATOM   1047 C CD1 . TYR A 1 136 ? -13.505 7.357   9.103   1.00 25.26 ? 160 TYR A CD1 1 
ATOM   1048 C CD2 . TYR A 1 136 ? -12.204 5.565   8.150   1.00 25.15 ? 160 TYR A CD2 1 
ATOM   1049 C CE1 . TYR A 1 136 ? -14.663 6.815   8.539   1.00 27.17 ? 160 TYR A CE1 1 
ATOM   1050 C CE2 . TYR A 1 136 ? -13.347 5.014   7.593   1.00 27.61 ? 160 TYR A CE2 1 
ATOM   1051 C CZ  . TYR A 1 136 ? -14.580 5.644   7.785   1.00 28.99 ? 160 TYR A CZ  1 
ATOM   1052 O OH  . TYR A 1 136 ? -15.733 5.114   7.236   1.00 30.30 ? 160 TYR A OH  1 
ATOM   1053 N N   . SER A 1 137 ? -12.212 4.962   11.781  1.00 19.16 ? 161 SER A N   1 
ATOM   1054 C CA  . SER A 1 137 ? -12.624 3.569   12.009  1.00 19.38 ? 161 SER A CA  1 
ATOM   1055 C C   . SER A 1 137 ? -13.969 3.194   11.394  1.00 18.94 ? 161 SER A C   1 
ATOM   1056 O O   . SER A 1 137 ? -14.860 4.031   11.272  1.00 19.46 ? 161 SER A O   1 
ATOM   1057 C CB  . SER A 1 137 ? -12.676 3.282   13.506  1.00 19.56 ? 161 SER A CB  1 
ATOM   1058 O OG  . SER A 1 137 ? -11.362 3.178   14.034  1.00 21.78 ? 161 SER A OG  1 
ATOM   1059 N N   . LYS A 1 138 ? -14.118 1.934   11.001  1.00 18.11 ? 162 LYS A N   1 
ATOM   1060 C CA  . LYS A 1 138 ? -15.423 1.421   10.609  1.00 17.57 ? 162 LYS A CA  1 
ATOM   1061 C C   . LYS A 1 138 ? -15.469 -0.085  10.736  1.00 17.68 ? 162 LYS A C   1 
ATOM   1062 O O   . LYS A 1 138 ? -14.460 -0.769  10.591  1.00 17.28 ? 162 LYS A O   1 
ATOM   1063 C CB  . LYS A 1 138 ? -15.828 1.861   9.192   1.00 17.38 ? 162 LYS A CB  1 
ATOM   1064 C CG  . LYS A 1 138 ? -15.166 1.099   8.054   1.00 16.26 ? 162 LYS A CG  1 
ATOM   1065 C CD  . LYS A 1 138 ? -15.300 1.855   6.750   1.00 16.55 ? 162 LYS A CD  1 
ATOM   1066 C CE  . LYS A 1 138 ? -16.690 1.738   6.132   1.00 16.29 ? 162 LYS A CE  1 
ATOM   1067 N NZ  . LYS A 1 138 ? -16.823 2.561   4.888   1.00 15.74 ? 162 LYS A NZ  1 
ATOM   1068 N N   . LYS A 1 139 ? -16.670 -0.567  11.034  1.00 18.04 ? 163 LYS A N   1 
ATOM   1069 C CA  . LYS A 1 139 ? -16.992 -1.981  11.121  1.00 18.24 ? 163 LYS A CA  1 
ATOM   1070 C C   . LYS A 1 139 ? -17.308 -2.414  9.698   1.00 17.69 ? 163 LYS A C   1 
ATOM   1071 O O   . LYS A 1 139 ? -18.142 -1.803  9.016   1.00 17.28 ? 163 LYS A O   1 
ATOM   1072 C CB  . LYS A 1 139 ? -18.205 -2.192  12.060  1.00 18.35 ? 163 LYS A CB  1 
ATOM   1073 C CG  . LYS A 1 139 ? -18.360 -3.620  12.615  1.00 20.45 ? 163 LYS A CG  1 
ATOM   1074 C CD  . LYS A 1 139 ? -19.640 -3.842  13.479  1.00 23.63 ? 163 LYS A CD  1 
ATOM   1075 C CE  . LYS A 1 139 ? -20.977 -3.651  12.692  1.00 25.03 ? 163 LYS A CE  1 
ATOM   1076 N NZ  . LYS A 1 139 ? -21.322 -4.802  11.785  1.00 24.25 ? 163 LYS A NZ  1 
ATOM   1077 N N   . GLY A 1 140 ? -16.618 -3.447  9.240   1.00 17.44 ? 164 GLY A N   1 
ATOM   1078 C CA  . GLY A 1 140 ? -16.860 -3.972  7.910   1.00 17.43 ? 164 GLY A CA  1 
ATOM   1079 C C   . GLY A 1 140 ? -15.898 -5.085  7.553   1.00 17.84 ? 164 GLY A C   1 
ATOM   1080 O O   . GLY A 1 140 ? -15.402 -5.806  8.432   1.00 17.83 ? 164 GLY A O   1 
ATOM   1081 N N   . GLU A 1 141 ? -15.632 -5.208  6.253   1.00 17.56 ? 165 GLU A N   1 
ATOM   1082 C CA  . GLU A 1 141 ? -14.790 -6.254  5.703   1.00 17.30 ? 165 GLU A CA  1 
ATOM   1083 C C   . GLU A 1 141 ? -14.344 -5.809  4.293   1.00 17.30 ? 165 GLU A C   1 
ATOM   1084 O O   . GLU A 1 141 ? -14.986 -4.956  3.677   1.00 17.55 ? 165 GLU A O   1 
ATOM   1085 C CB  . GLU A 1 141 ? -15.581 -7.580  5.688   1.00 17.29 ? 165 GLU A CB  1 
ATOM   1086 C CG  . GLU A 1 141 ? -14.836 -8.832  5.188   1.00 17.27 ? 165 GLU A CG  1 
ATOM   1087 C CD  . GLU A 1 141 ? -13.478 -9.029  5.845   1.00 19.13 ? 165 GLU A CD  1 
ATOM   1088 O OE1 . GLU A 1 141 ? -13.401 -9.773  6.844   1.00 19.64 ? 165 GLU A OE1 1 
ATOM   1089 O OE2 . GLU A 1 141 ? -12.480 -8.434  5.374   1.00 20.41 ? 165 GLU A OE2 1 
ATOM   1090 N N   . TYR A 1 142 ? -13.242 -6.368  3.793   1.00 17.38 ? 166 TYR A N   1 
ATOM   1091 C CA  . TYR A 1 142 ? -12.734 -6.068  2.439   1.00 17.05 ? 166 TYR A CA  1 
ATOM   1092 C C   . TYR A 1 142 ? -12.157 -7.304  1.755   1.00 17.27 ? 166 TYR A C   1 
ATOM   1093 O O   . TYR A 1 142 ? -11.965 -7.297  0.554   1.00 17.40 ? 166 TYR A O   1 
ATOM   1094 C CB  . TYR A 1 142 ? -11.675 -4.947  2.467   1.00 16.52 ? 166 TYR A CB  1 
ATOM   1095 C CG  . TYR A 1 142 ? -10.417 -5.316  3.233   1.00 15.62 ? 166 TYR A CG  1 
ATOM   1096 C CD1 . TYR A 1 142 ? -9.360  -5.971  2.599   1.00 14.97 ? 166 TYR A CD1 1 
ATOM   1097 C CD2 . TYR A 1 142 ? -10.293 -5.035  4.587   1.00 14.41 ? 166 TYR A CD2 1 
ATOM   1098 C CE1 . TYR A 1 142 ? -8.216  -6.330  3.286   1.00 13.55 ? 166 TYR A CE1 1 
ATOM   1099 C CE2 . TYR A 1 142 ? -9.147  -5.390  5.286   1.00 14.33 ? 166 TYR A CE2 1 
ATOM   1100 C CZ  . TYR A 1 142 ? -8.112  -6.039  4.624   1.00 13.74 ? 166 TYR A CZ  1 
ATOM   1101 O OH  . TYR A 1 142 ? -6.962  -6.395  5.299   1.00 13.90 ? 166 TYR A OH  1 
ATOM   1102 N N   . ARG A 1 143 ? -11.865 -8.353  2.521   1.00 18.06 ? 167 ARG A N   1 
ATOM   1103 C CA  . ARG A 1 143 ? -11.294 -9.599  1.965   1.00 18.82 ? 167 ARG A CA  1 
ATOM   1104 C C   . ARG A 1 143 ? -12.354 -10.497 1.340   1.00 19.82 ? 167 ARG A C   1 
ATOM   1105 O O   . ARG A 1 143 ? -13.344 -10.844 1.995   1.00 20.22 ? 167 ARG A O   1 
ATOM   1106 C CB  . ARG A 1 143 ? -10.542 -10.369 3.049   1.00 18.17 ? 167 ARG A CB  1 
ATOM   1107 C CG  . ARG A 1 143 ? -9.319  -9.623  3.555   1.00 17.36 ? 167 ARG A CG  1 
ATOM   1108 C CD  . ARG A 1 143 ? -8.845  -10.155 4.871   1.00 14.36 ? 167 ARG A CD  1 
ATOM   1109 N NE  . ARG A 1 143 ? -9.887  -10.033 5.880   1.00 13.29 ? 167 ARG A NE  1 
ATOM   1110 C CZ  . ARG A 1 143 ? -9.775  -10.464 7.126   1.00 11.71 ? 167 ARG A CZ  1 
ATOM   1111 N NH1 . ARG A 1 143 ? -8.654  -11.046 7.522   1.00 10.19 ? 167 ARG A NH1 1 
ATOM   1112 N NH2 . ARG A 1 143 ? -10.783 -10.301 7.971   1.00 11.51 ? 167 ARG A NH2 1 
ATOM   1113 N N   . THR A 1 144 ? -12.141 -10.893 0.087   1.00 20.65 ? 168 THR A N   1 
ATOM   1114 C CA  . THR A 1 144 ? -13.135 -11.702 -0.624  1.00 21.76 ? 168 THR A CA  1 
ATOM   1115 C C   . THR A 1 144 ? -12.713 -13.170 -0.803  1.00 23.05 ? 168 THR A C   1 
ATOM   1116 O O   . THR A 1 144 ? -13.483 -13.971 -1.342  1.00 23.44 ? 168 THR A O   1 
ATOM   1117 C CB  . THR A 1 144 ? -13.481 -11.093 -2.006  1.00 21.73 ? 168 THR A CB  1 
ATOM   1118 O OG1 . THR A 1 144 ? -12.307 -11.077 -2.830  1.00 21.31 ? 168 THR A OG1 1 
ATOM   1119 C CG2 . THR A 1 144 ? -14.002 -9.670  -1.864  1.00 20.99 ? 168 THR A CG2 1 
ATOM   1120 N N   . HIS A 1 145 ? -11.492 -13.510 -0.371  1.00 24.08 ? 169 HIS A N   1 
ATOM   1121 C CA  . HIS A 1 145 ? -10.974 -14.874 -0.458  1.00 25.24 ? 169 HIS A CA  1 
ATOM   1122 C C   . HIS A 1 145 ? -10.875 -15.494 0.940   1.00 26.19 ? 169 HIS A C   1 
ATOM   1123 O O   . HIS A 1 145 ? -10.140 -14.984 1.805   1.00 26.18 ? 169 HIS A O   1 
ATOM   1124 C CB  . HIS A 1 145 ? -9.599  -14.906 -1.137  1.00 25.22 ? 169 HIS A CB  1 
ATOM   1125 C CG  . HIS A 1 145 ? -9.590  -14.384 -2.544  1.00 26.02 ? 169 HIS A CG  1 
ATOM   1126 N ND1 . HIS A 1 145 ? -9.583  -15.211 -3.645  1.00 27.96 ? 169 HIS A ND1 1 
ATOM   1127 C CD2 . HIS A 1 145 ? -9.549  -13.119 -3.028  1.00 27.21 ? 169 HIS A CD2 1 
ATOM   1128 C CE1 . HIS A 1 145 ? -9.549  -14.482 -4.748  1.00 28.13 ? 169 HIS A CE1 1 
ATOM   1129 N NE2 . HIS A 1 145 ? -9.522  -13.208 -4.400  1.00 28.20 ? 169 HIS A NE2 1 
ATOM   1130 N N   . GLN A 1 146 ? -11.598 -16.603 1.144   1.00 27.13 ? 170 GLN A N   1 
ATOM   1131 C CA  . GLN A 1 146 ? -11.752 -17.250 2.466   1.00 27.74 ? 170 GLN A CA  1 
ATOM   1132 C C   . GLN A 1 146 ? -10.420 -17.621 3.140   1.00 28.14 ? 170 GLN A C   1 
ATOM   1133 O O   . GLN A 1 146 ? -10.250 -17.414 4.355   1.00 27.97 ? 170 GLN A O   1 
ATOM   1134 C CB  . GLN A 1 146 ? -12.698 -18.470 2.365   1.00 28.03 ? 170 GLN A CB  1 
ATOM   1135 C CG  . GLN A 1 146 ? -12.912 -19.314 3.660   1.00 28.10 ? 170 GLN A CG  1 
ATOM   1136 C CD  . GLN A 1 146 ? -13.416 -18.494 4.848   1.00 28.12 ? 170 GLN A CD  1 
ATOM   1137 O OE1 . GLN A 1 146 ? -14.326 -17.671 4.706   1.00 29.03 ? 170 GLN A OE1 1 
ATOM   1138 N NE2 . GLN A 1 146 ? -12.818 -18.713 6.024   1.00 26.48 ? 170 GLN A NE2 1 
ATOM   1139 N N   . GLU A 1 147 ? -9.475  -18.146 2.355   1.00 28.56 ? 171 GLU A N   1 
ATOM   1140 C CA  . GLU A 1 147 ? -8.134  -18.444 2.877   1.00 29.03 ? 171 GLU A CA  1 
ATOM   1141 C C   . GLU A 1 147 ? -7.435  -17.193 3.437   1.00 28.23 ? 171 GLU A C   1 
ATOM   1142 O O   . GLU A 1 147 ? -6.673  -17.295 4.400   1.00 28.23 ? 171 GLU A O   1 
ATOM   1143 C CB  . GLU A 1 147 ? -7.257  -19.195 1.851   1.00 29.66 ? 171 GLU A CB  1 
ATOM   1144 C CG  . GLU A 1 147 ? -6.882  -18.407 0.580   1.00 33.13 ? 171 GLU A CG  1 
ATOM   1145 C CD  . GLU A 1 147 ? -7.977  -18.412 -0.504  1.00 36.45 ? 171 GLU A CD  1 
ATOM   1146 O OE1 . GLU A 1 147 ? -9.186  -18.578 -0.177  1.00 37.13 ? 171 GLU A OE1 1 
ATOM   1147 O OE2 . GLU A 1 147 ? -7.613  -18.238 -1.692  1.00 36.59 ? 171 GLU A OE2 1 
ATOM   1148 N N   . ASP A 1 148 ? -7.722  -16.019 2.871   1.00 27.23 ? 172 ASP A N   1 
ATOM   1149 C CA  . ASP A 1 148 ? -7.201  -14.779 3.449   1.00 26.42 ? 172 ASP A CA  1 
ATOM   1150 C C   . ASP A 1 148 ? -7.786  -14.504 4.840   1.00 26.16 ? 172 ASP A C   1 
ATOM   1151 O O   . ASP A 1 148 ? -7.179  -13.771 5.625   1.00 25.78 ? 172 ASP A O   1 
ATOM   1152 C CB  . ASP A 1 148 ? -7.417  -13.564 2.524   1.00 26.18 ? 172 ASP A CB  1 
ATOM   1153 C CG  . ASP A 1 148 ? -6.524  -13.583 1.273   1.00 25.04 ? 172 ASP A CG  1 
ATOM   1154 O OD1 . ASP A 1 148 ? -5.378  -14.084 1.346   1.00 21.20 ? 172 ASP A OD1 1 
ATOM   1155 O OD2 . ASP A 1 148 ? -6.982  -13.076 0.212   1.00 23.96 ? 172 ASP A OD2 1 
ATOM   1156 N N   . ILE A 1 149 ? -8.956  -15.086 5.133   1.00 26.26 ? 173 ILE A N   1 
ATOM   1157 C CA  . ILE A 1 149 ? -9.650  -14.900 6.436   1.00 25.99 ? 173 ILE A CA  1 
ATOM   1158 C C   . ILE A 1 149 ? -9.328  -16.008 7.463   1.00 26.06 ? 173 ILE A C   1 
ATOM   1159 O O   . ILE A 1 149 ? -8.823  -15.731 8.558   1.00 25.51 ? 173 ILE A O   1 
ATOM   1160 C CB  . ILE A 1 149 ? -11.188 -14.761 6.274   1.00 25.69 ? 173 ILE A CB  1 
ATOM   1161 C CG1 . ILE A 1 149 ? -11.525 -13.600 5.334   1.00 25.11 ? 173 ILE A CG1 1 
ATOM   1162 C CG2 . ILE A 1 149 ? -11.855 -14.561 7.646   1.00 25.50 ? 173 ILE A CG2 1 
ATOM   1163 C CD1 . ILE A 1 149 ? -13.000 -13.471 4.956   1.00 23.62 ? 173 ILE A CD1 1 
HETATM 1164 C C1  . NAG B 2 .   ? 20.543  -10.275 -2.227  1.00 32.45 ? 1   NAG B C1  1 
HETATM 1165 C C2  . NAG B 2 .   ? 20.659  -9.725  -0.809  1.00 33.83 ? 1   NAG B C2  1 
HETATM 1166 C C3  . NAG B 2 .   ? 19.402  -8.904  -0.510  1.00 33.14 ? 1   NAG B C3  1 
HETATM 1167 C C4  . NAG B 2 .   ? 19.353  -7.719  -1.483  1.00 32.82 ? 1   NAG B C4  1 
HETATM 1168 C C5  . NAG B 2 .   ? 19.620  -8.104  -2.943  1.00 32.50 ? 1   NAG B C5  1 
HETATM 1169 C C6  . NAG B 2 .   ? 20.124  -6.868  -3.676  1.00 30.89 ? 1   NAG B C6  1 
HETATM 1170 C C7  . NAG B 2 .   ? 21.539  -11.113 1.087   1.00 34.54 ? 1   NAG B C7  1 
HETATM 1171 C C8  . NAG B 2 .   ? 21.290  -12.391 1.824   1.00 34.33 ? 1   NAG B C8  1 
HETATM 1172 N N2  . NAG B 2 .   ? 20.666  -10.882 0.094   1.00 35.00 ? 1   NAG B N2  1 
HETATM 1173 O O3  . NAG B 2 .   ? 19.514  -8.448  0.840   1.00 32.98 ? 1   NAG B O3  1 
HETATM 1174 O O4  . NAG B 2 .   ? 18.082  -7.053  -1.417  1.00 32.94 ? 1   NAG B O4  1 
HETATM 1175 O O5  . NAG B 2 .   ? 20.562  -9.180  -3.145  1.00 32.60 ? 1   NAG B O5  1 
HETATM 1176 O O6  . NAG B 2 .   ? 20.142  -7.165  -5.071  1.00 30.36 ? 1   NAG B O6  1 
HETATM 1177 O O7  . NAG B 2 .   ? 22.469  -10.376 1.391   1.00 33.75 ? 1   NAG B O7  1 
HETATM 1178 C C1  . BDP B 2 .   ? 18.302  -8.228  1.579   1.00 32.47 ? 2   BDP B C1  1 
HETATM 1179 C C2  . BDP B 2 .   ? 18.584  -8.546  3.060   1.00 31.45 ? 2   BDP B C2  1 
HETATM 1180 C C3  . BDP B 2 .   ? 17.564  -7.943  4.016   1.00 31.70 ? 2   BDP B C3  1 
HETATM 1181 C C4  . BDP B 2 .   ? 17.185  -6.491  3.712   1.00 32.06 ? 2   BDP B C4  1 
HETATM 1182 C C5  . BDP B 2 .   ? 16.952  -6.295  2.199   1.00 32.82 ? 2   BDP B C5  1 
HETATM 1183 C C6  . BDP B 2 .   ? 16.826  -4.841  1.842   1.00 33.13 ? 2   BDP B C6  1 
HETATM 1184 O O2  . BDP B 2 .   ? 18.601  -9.956  3.306   1.00 30.10 ? 2   BDP B O2  1 
HETATM 1185 O O3  . BDP B 2 .   ? 18.031  -8.088  5.364   1.00 31.17 ? 2   BDP B O3  1 
HETATM 1186 O O4  . BDP B 2 .   ? 15.983  -6.185  4.451   1.00 30.98 ? 2   BDP B O4  1 
HETATM 1187 O O5  . BDP B 2 .   ? 18.000  -6.838  1.388   1.00 32.28 ? 2   BDP B O5  1 
HETATM 1188 O O6A . BDP B 2 .   ? 17.736  -4.042  2.164   1.00 33.33 ? 2   BDP B O6A 1 
HETATM 1189 O O6B . BDP B 2 .   ? 15.796  -4.489  1.220   1.00 33.68 ? 2   BDP B O6B 1 
HETATM 1190 C C1  . NAG B 2 .   ? 16.142  -5.242  5.512   1.00 30.17 ? 3   NAG B C1  1 
HETATM 1191 C C2  . NAG B 2 .   ? 14.774  -4.680  5.867   1.00 29.73 ? 3   NAG B C2  1 
HETATM 1192 C C3  . NAG B 2 .   ? 14.899  -3.622  6.958   1.00 30.09 ? 3   NAG B C3  1 
HETATM 1193 C C4  . NAG B 2 .   ? 15.684  -4.152  8.156   1.00 30.76 ? 3   NAG B C4  1 
HETATM 1194 C C5  . NAG B 2 .   ? 16.982  -4.831  7.694   1.00 30.97 ? 3   NAG B C5  1 
HETATM 1195 C C6  . NAG B 2 .   ? 17.764  -5.412  8.880   1.00 31.81 ? 3   NAG B C6  1 
HETATM 1196 C C7  . NAG B 2 .   ? 13.337  -4.236  3.937   1.00 29.51 ? 3   NAG B C7  1 
HETATM 1197 C C8  . NAG B 2 .   ? 13.092  -3.282  2.810   1.00 29.52 ? 3   NAG B C8  1 
HETATM 1198 N N2  . NAG B 2 .   ? 14.367  -3.913  4.710   1.00 29.29 ? 3   NAG B N2  1 
HETATM 1199 O O3  . NAG B 2 .   ? 13.598  -3.240  7.387   1.00 30.89 ? 3   NAG B O3  1 
HETATM 1200 O O4  . NAG B 2 .   ? 15.962  -3.036  9.020   1.00 30.40 ? 3   NAG B O4  1 
HETATM 1201 O O5  . NAG B 2 .   ? 16.699  -5.827  6.696   1.00 29.72 ? 3   NAG B O5  1 
HETATM 1202 O O6  . NAG B 2 .   ? 18.229  -6.736  8.586   1.00 31.76 ? 3   NAG B O6  1 
HETATM 1203 O O7  . NAG B 2 .   ? 12.638  -5.216  4.115   1.00 29.81 ? 3   NAG B O7  1 
HETATM 1204 C C1  . BDP B 2 .   ? 13.322  -1.834  7.501   1.00 29.84 ? 4   BDP B C1  1 
HETATM 1205 C C2  . BDP B 2 .   ? 11.844  -1.732  7.838   1.00 29.51 ? 4   BDP B C2  1 
HETATM 1206 C C3  . BDP B 2 .   ? 11.423  -0.273  8.024   1.00 31.63 ? 4   BDP B C3  1 
HETATM 1207 C C4  . BDP B 2 .   ? 12.340  0.479   8.989   1.00 31.85 ? 4   BDP B C4  1 
HETATM 1208 C C5  . BDP B 2 .   ? 13.814  0.183   8.706   1.00 32.29 ? 4   BDP B C5  1 
HETATM 1209 C C6  . BDP B 2 .   ? 14.644  0.739   9.837   1.00 33.69 ? 4   BDP B C6  1 
HETATM 1210 O O2  . BDP B 2 .   ? 11.125  -2.331  6.766   1.00 27.61 ? 4   BDP B O2  1 
HETATM 1211 O O3  . BDP B 2 .   ? 10.070  -0.166  8.496   1.00 32.11 ? 4   BDP B O3  1 
HETATM 1212 O O4  . BDP B 2 .   ? 12.091  1.888   8.834   1.00 32.13 ? 4   BDP B O4  1 
HETATM 1213 O O5  . BDP B 2 .   ? 14.068  -1.224  8.556   1.00 30.01 ? 4   BDP B O5  1 
HETATM 1214 O O6A . BDP B 2 .   ? 14.873  -0.020  10.818  1.00 34.34 ? 4   BDP B O6A 1 
HETATM 1215 O O6B . BDP B 2 .   ? 15.075  1.926   9.744   1.00 32.68 ? 4   BDP B O6B 1 
HETATM 1216 S S   . SO4 C 3 .   ? 18.103  -11.637 -5.456  1.00 50.88 ? 205 SO4 A S   1 
HETATM 1217 O O1  . SO4 C 3 .   ? 16.826  -11.099 -4.964  1.00 50.30 ? 205 SO4 A O1  1 
HETATM 1218 O O2  . SO4 C 3 .   ? 18.854  -10.586 -6.137  1.00 51.01 ? 205 SO4 A O2  1 
HETATM 1219 O O3  . SO4 C 3 .   ? 18.915  -12.086 -4.327  1.00 51.12 ? 205 SO4 A O3  1 
HETATM 1220 O O4  . SO4 C 3 .   ? 17.885  -12.744 -6.393  1.00 50.02 ? 205 SO4 A O4  1 
HETATM 1221 O O   . HOH D 4 .   ? 17.871  5.192   -9.628  1.00 2.00  ? 301 HOH A O   1 
HETATM 1222 O O   . HOH D 4 .   ? -2.338  13.674  7.135   1.00 2.00  ? 302 HOH A O   1 
HETATM 1223 O O   . HOH D 4 .   ? -1.095  16.375  9.407   1.00 3.64  ? 303 HOH A O   1 
HETATM 1224 O O   . HOH D 4 .   ? 2.143   2.691   5.473   1.00 10.44 ? 304 HOH A O   1 
HETATM 1225 O O   . HOH D 4 .   ? -6.152  -11.099 6.458   1.00 10.34 ? 305 HOH A O   1 
HETATM 1226 O O   . HOH D 4 .   ? -0.663  17.800  -6.217  1.00 7.56  ? 306 HOH A O   1 
HETATM 1227 O O   . HOH D 4 .   ? -6.647  2.614   -11.236 1.00 5.82  ? 307 HOH A O   1 
HETATM 1228 O O   . HOH D 4 .   ? 4.517   -4.522  11.865  1.00 2.00  ? 308 HOH A O   1 
HETATM 1229 O O   . HOH D 4 .   ? -2.752  -13.526 -7.547  1.00 19.46 ? 309 HOH A O   1 
HETATM 1230 O O   . HOH D 4 .   ? -2.194  10.350  4.812   1.00 6.27  ? 310 HOH A O   1 
# 
